data_1D4L
# 
_entry.id   1D4L 
# 
_audit_conform.dict_name       mmcif_pdbx.dic 
_audit_conform.dict_version    5.351 
_audit_conform.dict_location   http://mmcif.pdb.org/dictionaries/ascii/mmcif_pdbx.dic 
# 
loop_
_database_2.database_id 
_database_2.database_code 
_database_2.pdbx_database_accession 
_database_2.pdbx_DOI 
PDB   1D4L         pdb_00001d4l 10.2210/pdb1d4l/pdb 
RCSB  RCSB009785   ?            ?                   
WWPDB D_1000009785 ?            ?                   
# 
loop_
_pdbx_database_related.db_name 
_pdbx_database_related.db_id 
_pdbx_database_related.details 
_pdbx_database_related.content_type 
PDB 1b6j 
;1b6j contains a similar N-terminal macrocylic  
 HIV-1 protease inhibitor
;
unspecified 
PDB 1b6l 
;1b6l contains a similar N-terminal macrocylic  
 HIV-1 protease inhibitor
;
unspecified 
PDB 1b6n 
;1b6n contains a similar N-terminal macrocylic  
 HIV-1 protease inhibitor
;
unspecified 
PDB 1b6o 
;1b6o contains a similar N-terminal macrocylic  
 HIV-1 protease inhibitor
;
unspecified 
# 
_pdbx_database_status.status_code                     REL 
_pdbx_database_status.entry_id                        1D4L 
_pdbx_database_status.recvd_initial_deposition_date   1999-10-04 
_pdbx_database_status.deposit_site                    RCSB 
_pdbx_database_status.process_site                    RCSB 
_pdbx_database_status.status_code_sf                  REL 
_pdbx_database_status.SG_entry                        . 
_pdbx_database_status.pdb_format_compatible           Y 
_pdbx_database_status.status_code_mr                  ? 
_pdbx_database_status.status_code_cs                  ? 
_pdbx_database_status.methods_development_category    ? 
_pdbx_database_status.status_code_nmr_data            ? 
# 
loop_
_audit_author.name 
_audit_author.pdbx_ordinal 
'Tyndall, J.D.'   1  
'Reid, R.C.'      2  
'Tyssen, D.P.'    3  
'Jardine, D.K.'   4  
'Todd, B.'        5  
'Passmore, M.'    6  
'March, D.R.'     7  
'Pattenden, L.K.' 8  
'Alewood, D.'     9  
'Hu, S.H.'        10 
'Alewood, P.F.'   11 
'Birch, C.J.'     12 
'Martin, J.L.'    13 
'Fairlie, D.P.'   14 
# 
loop_
_citation.id 
_citation.title 
_citation.journal_abbrev 
_citation.journal_volume 
_citation.page_first 
_citation.page_last 
_citation.year 
_citation.journal_id_ASTM 
_citation.country 
_citation.journal_id_ISSN 
_citation.journal_id_CSD 
_citation.book_publisher 
_citation.pdbx_database_id_PubMed 
_citation.pdbx_database_id_DOI 
primary 
;Synthesis, stability, antiviral activity, and protease-bound structures of substrate-mimicking constrained macrocyclic inhibitors of HIV-1 protease.
;
J.Med.Chem.    43  3495  3504  2000 JMCMAR US 0022-2623 0151 ? 11000004 10.1021/jm000013n 
1       'Molecular Recognition of Macrocyclic Peptidomimetic Inhibitors by HIV-1 Protease.' Biochemistry   38  7978  7988  1999 
BICHAW US 0006-2960 0033 ? ?        10.1021/bi990174x 
2       'Substrate Based Cyclic Peptidomimetics Of Phe Ile Val That Inhibit HIV-1 Protease Using a Novel Enzyme Binding Mode.' 
J.Am.Chem.Soc. 118 3375  3379  1996 JACSAT US 0002-7863 0004 ? ?        10.1021/ja953790z 
3       
;Regioselective Structural and Functional Mimicry Of Peptides: Design Of Hydrolytically Stable Cyclic Peptidomimetic Inhibitors Of HIV-1 Protease.
;
J.Am.Chem.Soc. 117 10220 10226 1995 JACSAT US 0002-7863 0004 ? ?        ?                 
# 
loop_
_citation_author.citation_id 
_citation_author.name 
_citation_author.ordinal 
_citation_author.identifier_ORCID 
primary 'Tyndall, J.D.'        1  ? 
primary 'Reid, R.C.'           2  ? 
primary 'Tyssen, D.P.'         3  ? 
primary 'Jardine, D.K.'        4  ? 
primary 'Todd, B.'             5  ? 
primary 'Passmore, M.'         6  ? 
primary 'March, D.R.'          7  ? 
primary 'Pattenden, L.K.'      8  ? 
primary 'Bergman, D.A.'        9  ? 
primary 'Alewood, D.'          10 ? 
primary 'Hu, S.H.'             11 ? 
primary 'Alewood, P.F.'        12 ? 
primary 'Birch, C.J.'          13 ? 
primary 'Martin, J.L.'         14 ? 
primary 'Fairlie, D.P.'        15 ? 
1       'Martin, J.L.'         16 ? 
1       'Begun, J.'            17 ? 
1       'Schindeler, A.'       18 ? 
1       'Wickramasinghe, W.A.' 19 ? 
1       'Alewood, D.'          20 ? 
1       'Alewood, P.F.'        21 ? 
1       'Bergman, D.A.'        22 ? 
1       'Brinkworth, R.I.'     23 ? 
1       'Abbenante, G.'        24 ? 
1       'March, D.'            25 ? 
1       'Reid, R.C.'           26 ? 
1       'Fairlie, D.P.'        27 ? 
2       'March, D.'            28 ? 
2       'Abbenante, G.'        29 ? 
2       'Bergman, D.'          30 ? 
2       'Brinkworth, R.I.'     31 ? 
2       'Wickramasinghe, W.'   32 ? 
2       'Begun, J.'            33 ? 
2       'Martin, J.L.'         34 ? 
2       'Fairlie, D.P.'        35 ? 
3       'Abbenante, G.'        36 ? 
3       'March, D.'            37 ? 
3       'Bergman, D.'          38 ? 
3       'Hunt, P.A.'           39 ? 
3       'Garnham, B.'          40 ? 
3       'Dancer, R.J.'         41 ? 
3       'Martin, J.L.'         42 ? 
3       'Fairlie, D.P.'        43 ? 
# 
_cell.entry_id           1D4L 
_cell.length_a           51.440 
_cell.length_b           58.770 
_cell.length_c           61.710 
_cell.angle_alpha        90.00 
_cell.angle_beta         90.00 
_cell.angle_gamma        90.00 
_cell.Z_PDB              8 
_cell.pdbx_unique_axis   ? 
# 
_symmetry.entry_id                         1D4L 
_symmetry.space_group_name_H-M             'P 21 21 21' 
_symmetry.pdbx_full_space_group_name_H-M   ? 
_symmetry.cell_setting                     ? 
_symmetry.Int_Tables_number                19 
# 
loop_
_entity.id 
_entity.type 
_entity.src_method 
_entity.pdbx_description 
_entity.formula_weight 
_entity.pdbx_number_of_molecules 
_entity.pdbx_ec 
_entity.pdbx_mutation 
_entity.pdbx_fragment 
_entity.details 
1 polymer     syn 'HIV-1 PROTEASE' 10765.687 2   3.4.23.16 'Q7K, L33I, C67(ABA), C95(ABA)' ? ? 
2 non-polymer syn 'SULFATE ION' 96.063    3   ?         ?                               ? ? 
3 non-polymer syn 
;(10S,13S,1'R)-13-[1'-HYDROXY-2'-(N-P-AMINOBENZENESULFONYL-1''-AMINO-3''-METHYLBUTYL)ETHYL]-8,11-DIOXO-10-ISOPROPYL-2-OXA-9,12-DIAZABICYCLO [13.2.2]NONADECA-15,17,18-TRIENE
;
616.812   1   ?         ?                               ? ? 
4 water       nat water 18.015    121 ?         ?                               ? ? 
# 
_entity_poly.entity_id                      1 
_entity_poly.type                           'polypeptide(L)' 
_entity_poly.nstd_linkage                   no 
_entity_poly.nstd_monomer                   yes 
_entity_poly.pdbx_seq_one_letter_code       
;PQITLWKRPLVTIRIGGQLKEALLDTGADDTVIEEMNLPGKWKPKMIGGIGGFIKVRQYDQIPVEI(ABA)GHKAIGTVL
VGPTPVNIIGRNLLTQIG(ABA)TLNF
;
_entity_poly.pdbx_seq_one_letter_code_can   
;PQITLWKRPLVTIRIGGQLKEALLDTGADDTVIEEMNLPGKWKPKMIGGIGGFIKVRQYDQIPVEIAGHKAIGTVLVGPT
PVNIIGRNLLTQIGATLNF
;
_entity_poly.pdbx_strand_id                 A,B 
_entity_poly.pdbx_target_identifier         ? 
# 
loop_
_entity_poly_seq.entity_id 
_entity_poly_seq.num 
_entity_poly_seq.mon_id 
_entity_poly_seq.hetero 
1 1  PRO n 
1 2  GLN n 
1 3  ILE n 
1 4  THR n 
1 5  LEU n 
1 6  TRP n 
1 7  LYS n 
1 8  ARG n 
1 9  PRO n 
1 10 LEU n 
1 11 VAL n 
1 12 THR n 
1 13 ILE n 
1 14 ARG n 
1 15 ILE n 
1 16 GLY n 
1 17 GLY n 
1 18 GLN n 
1 19 LEU n 
1 20 LYS n 
1 21 GLU n 
1 22 ALA n 
1 23 LEU n 
1 24 LEU n 
1 25 ASP n 
1 26 THR n 
1 27 GLY n 
1 28 ALA n 
1 29 ASP n 
1 30 ASP n 
1 31 THR n 
1 32 VAL n 
1 33 ILE n 
1 34 GLU n 
1 35 GLU n 
1 36 MET n 
1 37 ASN n 
1 38 LEU n 
1 39 PRO n 
1 40 GLY n 
1 41 LYS n 
1 42 TRP n 
1 43 LYS n 
1 44 PRO n 
1 45 LYS n 
1 46 MET n 
1 47 ILE n 
1 48 GLY n 
1 49 GLY n 
1 50 ILE n 
1 51 GLY n 
1 52 GLY n 
1 53 PHE n 
1 54 ILE n 
1 55 LYS n 
1 56 VAL n 
1 57 ARG n 
1 58 GLN n 
1 59 TYR n 
1 60 ASP n 
1 61 GLN n 
1 62 ILE n 
1 63 PRO n 
1 64 VAL n 
1 65 GLU n 
1 66 ILE n 
1 67 ABA n 
1 68 GLY n 
1 69 HIS n 
1 70 LYS n 
1 71 ALA n 
1 72 ILE n 
1 73 GLY n 
1 74 THR n 
1 75 VAL n 
1 76 LEU n 
1 77 VAL n 
1 78 GLY n 
1 79 PRO n 
1 80 THR n 
1 81 PRO n 
1 82 VAL n 
1 83 ASN n 
1 84 ILE n 
1 85 ILE n 
1 86 GLY n 
1 87 ARG n 
1 88 ASN n 
1 89 LEU n 
1 90 LEU n 
1 91 THR n 
1 92 GLN n 
1 93 ILE n 
1 94 GLY n 
1 95 ABA n 
1 96 THR n 
1 97 LEU n 
1 98 ASN n 
1 99 PHE n 
# 
_pdbx_entity_src_syn.entity_id              1 
_pdbx_entity_src_syn.pdbx_src_id            1 
_pdbx_entity_src_syn.pdbx_alt_source_flag   sample 
_pdbx_entity_src_syn.pdbx_beg_seq_num       ? 
_pdbx_entity_src_syn.pdbx_end_seq_num       ? 
_pdbx_entity_src_syn.organism_scientific    ? 
_pdbx_entity_src_syn.organism_common_name   ? 
_pdbx_entity_src_syn.ncbi_taxonomy_id       ? 
_pdbx_entity_src_syn.details                
'SF2 isolate, chemically synthesised protein corresponds to the protease from HIV-1, with 4 mutations per monomer' 
# 
_struct_ref.id                         1 
_struct_ref.db_name                    UNP 
_struct_ref.db_code                    POL_HV1A2 
_struct_ref.entity_id                  1 
_struct_ref.pdbx_db_accession          P03369 
_struct_ref.pdbx_align_begin           ? 
_struct_ref.pdbx_seq_one_letter_code   ? 
_struct_ref.pdbx_db_isoform            ? 
# 
loop_
_struct_ref_seq.align_id 
_struct_ref_seq.ref_id 
_struct_ref_seq.pdbx_PDB_id_code 
_struct_ref_seq.pdbx_strand_id 
_struct_ref_seq.seq_align_beg 
_struct_ref_seq.pdbx_seq_align_beg_ins_code 
_struct_ref_seq.seq_align_end 
_struct_ref_seq.pdbx_seq_align_end_ins_code 
_struct_ref_seq.pdbx_db_accession 
_struct_ref_seq.db_align_beg 
_struct_ref_seq.pdbx_db_align_beg_ins_code 
_struct_ref_seq.db_align_end 
_struct_ref_seq.pdbx_db_align_end_ins_code 
_struct_ref_seq.pdbx_auth_seq_align_beg 
_struct_ref_seq.pdbx_auth_seq_align_end 
1 1 1D4L A 1 ? 99 ? P03369 57 ? 155 ? 1 99 
2 1 1D4L B 1 ? 99 ? P03369 57 ? 155 ? 1 99 
# 
loop_
_struct_ref_seq_dif.align_id 
_struct_ref_seq_dif.pdbx_pdb_id_code 
_struct_ref_seq_dif.mon_id 
_struct_ref_seq_dif.pdbx_pdb_strand_id 
_struct_ref_seq_dif.seq_num 
_struct_ref_seq_dif.pdbx_pdb_ins_code 
_struct_ref_seq_dif.pdbx_seq_db_name 
_struct_ref_seq_dif.pdbx_seq_db_accession_code 
_struct_ref_seq_dif.db_mon_id 
_struct_ref_seq_dif.pdbx_seq_db_seq_num 
_struct_ref_seq_dif.details 
_struct_ref_seq_dif.pdbx_auth_seq_num 
_struct_ref_seq_dif.pdbx_ordinal 
1 1D4L LYS A 7  ? UNP P03369 GLN 63  'engineered mutation' 7  1 
1 1D4L ILE A 33 ? UNP P03369 LEU 89  'engineered mutation' 33 2 
1 1D4L ABA A 67 ? UNP P03369 CYS 123 'engineered mutation' 67 3 
1 1D4L ABA A 95 ? UNP P03369 CYS 151 'engineered mutation' 95 4 
2 1D4L LYS B 7  ? UNP P03369 GLN 63  'engineered mutation' 7  5 
2 1D4L ILE B 33 ? UNP P03369 LEU 89  'engineered mutation' 33 6 
2 1D4L ABA B 67 ? UNP P03369 CYS 123 'engineered mutation' 67 7 
2 1D4L ABA B 95 ? UNP P03369 CYS 151 'engineered mutation' 95 8 
# 
loop_
_chem_comp.id 
_chem_comp.type 
_chem_comp.mon_nstd_flag 
_chem_comp.name 
_chem_comp.pdbx_synonyms 
_chem_comp.formula 
_chem_comp.formula_weight 
ABA 'L-peptide linking' n 'ALPHA-AMINOBUTYRIC ACID' ? 'C4 H9 N O2'      103.120 
ALA 'L-peptide linking' y ALANINE ? 'C3 H7 N O2'      89.093  
ARG 'L-peptide linking' y ARGININE ? 'C6 H15 N4 O2 1'  175.209 
ASN 'L-peptide linking' y ASPARAGINE ? 'C4 H8 N2 O3'     132.118 
ASP 'L-peptide linking' y 'ASPARTIC ACID' ? 'C4 H7 N O4'      133.103 
CYS 'L-peptide linking' y CYSTEINE ? 'C3 H7 N O2 S'    121.158 
GLN 'L-peptide linking' y GLUTAMINE ? 'C5 H10 N2 O3'    146.144 
GLU 'L-peptide linking' y 'GLUTAMIC ACID' ? 'C5 H9 N O4'      147.129 
GLY 'peptide linking'   y GLYCINE ? 'C2 H5 N O2'      75.067  
HIS 'L-peptide linking' y HISTIDINE ? 'C6 H10 N3 O2 1'  156.162 
HOH non-polymer         . WATER ? 'H2 O'            18.015  
ILE 'L-peptide linking' y ISOLEUCINE ? 'C6 H13 N O2'     131.173 
LEU 'L-peptide linking' y LEUCINE ? 'C6 H13 N O2'     131.173 
LYS 'L-peptide linking' y LYSINE ? 'C6 H15 N2 O2 1'  147.195 
MET 'L-peptide linking' y METHIONINE ? 'C5 H11 N O2 S'   149.211 
PHE 'L-peptide linking' y PHENYLALANINE ? 'C9 H11 N O2'     165.189 
PI9 non-polymer         . 
;(10S,13S,1'R)-13-[1'-HYDROXY-2'-(N-P-AMINOBENZENESULFONYL-1''-AMINO-3''-METHYLBUTYL)ETHYL]-8,11-DIOXO-10-ISOPROPYL-2-OXA-9,12-DIAZABICYCLO [13.2.2]NONADECA-15,17,18-TRIENE
;
? 'C32 H48 N4 O6 S' 616.812 
PRO 'L-peptide linking' y PROLINE ? 'C5 H9 N O2'      115.130 
SO4 non-polymer         . 'SULFATE ION' ? 'O4 S -2'         96.063  
THR 'L-peptide linking' y THREONINE ? 'C4 H9 N O3'      119.119 
TRP 'L-peptide linking' y TRYPTOPHAN ? 'C11 H12 N2 O2'   204.225 
TYR 'L-peptide linking' y TYROSINE ? 'C9 H11 N O3'     181.189 
VAL 'L-peptide linking' y VALINE ? 'C5 H11 N O2'     117.146 
# 
_exptl.entry_id          1D4L 
_exptl.method            'X-RAY DIFFRACTION' 
_exptl.crystals_number   1 
# 
_exptl_crystal.id                    1 
_exptl_crystal.density_meas          ? 
_exptl_crystal.density_Matthews      2.16 
_exptl_crystal.density_percent_sol   43.18 
_exptl_crystal.description           ? 
# 
_exptl_crystal_grow.crystal_id      1 
_exptl_crystal_grow.method          'VAPOR DIFFUSION, HANGING DROP' 
_exptl_crystal_grow.temp            293.0 
_exptl_crystal_grow.temp_details    ? 
_exptl_crystal_grow.pH              5.5 
_exptl_crystal_grow.pdbx_details    'ammonium sulfate. acetate buffer, , pH 5.5, VAPOR DIFFUSION, HANGING DROP, temperature 293.0K' 
_exptl_crystal_grow.pdbx_pH_range   . 
# 
_diffrn.id                     1 
_diffrn.ambient_temp           298.0 
_diffrn.ambient_temp_details   ? 
_diffrn.crystal_id             1 
# 
_diffrn_detector.diffrn_id              1 
_diffrn_detector.detector               'IMAGE PLATE' 
_diffrn_detector.type                   'RIGAKU RAXIS IIC' 
_diffrn_detector.pdbx_collection_date   1998-05-08 
_diffrn_detector.details                ? 
# 
_diffrn_radiation.diffrn_id                        1 
_diffrn_radiation.wavelength_id                    1 
_diffrn_radiation.pdbx_monochromatic_or_laue_m_l   M 
_diffrn_radiation.monochromator                    ? 
_diffrn_radiation.pdbx_diffrn_protocol             'SINGLE WAVELENGTH' 
_diffrn_radiation.pdbx_scattering_type             x-ray 
# 
_diffrn_radiation_wavelength.id           1 
_diffrn_radiation_wavelength.wavelength   1.54 
_diffrn_radiation_wavelength.wt           1.0 
# 
_diffrn_source.diffrn_id                   1 
_diffrn_source.source                      'ROTATING ANODE' 
_diffrn_source.type                        'RIGAKU RU200' 
_diffrn_source.pdbx_synchrotron_site       ? 
_diffrn_source.pdbx_synchrotron_beamline   ? 
_diffrn_source.pdbx_wavelength             1.54 
_diffrn_source.pdbx_wavelength_list        ? 
# 
_reflns.entry_id                     1D4L 
_reflns.observed_criterion_sigma_I   1.0 
_reflns.observed_criterion_sigma_F   0.0 
_reflns.d_resolution_low             50.0 
_reflns.d_resolution_high            1.75 
_reflns.number_obs                   59019 
_reflns.number_all                   62454 
_reflns.percent_possible_obs         94.5 
_reflns.pdbx_Rmerge_I_obs            0.0830000 
_reflns.pdbx_Rsym_value              ? 
_reflns.pdbx_netI_over_sigmaI        9.5 
_reflns.B_iso_Wilson_estimate        10.2 
_reflns.pdbx_redundancy              3.38 
_reflns.R_free_details               ? 
_reflns.limit_h_max                  ? 
_reflns.limit_h_min                  ? 
_reflns.limit_k_max                  ? 
_reflns.limit_k_min                  ? 
_reflns.limit_l_max                  ? 
_reflns.limit_l_min                  ? 
_reflns.observed_criterion_F_max     ? 
_reflns.observed_criterion_F_min     ? 
_reflns.pdbx_diffrn_id               1 
_reflns.pdbx_ordinal                 1 
# 
_reflns_shell.d_res_high             1.75 
_reflns_shell.d_res_low              1.83 
_reflns_shell.percent_possible_all   84.6 
_reflns_shell.Rmerge_I_obs           0.3020000 
_reflns_shell.pdbx_Rsym_value        ? 
_reflns_shell.meanI_over_sigI_obs    ? 
_reflns_shell.pdbx_redundancy        3.35 
_reflns_shell.percent_possible_obs   ? 
_reflns_shell.number_unique_all      1621 
_reflns_shell.pdbx_diffrn_id         ? 
_reflns_shell.pdbx_ordinal           1 
# 
_refine.entry_id                                 1D4L 
_refine.ls_number_reflns_obs                     18244 
_refine.ls_number_reflns_all                     18244 
_refine.pdbx_ls_sigma_I                          0.0 
_refine.pdbx_ls_sigma_F                          0.0 
_refine.pdbx_data_cutoff_high_absF               10000000.00 
_refine.pdbx_data_cutoff_low_absF                0.001 
_refine.ls_d_res_low                             8.00 
_refine.ls_d_res_high                            1.75 
_refine.ls_percent_reflns_obs                    94.9 
_refine.ls_R_factor_obs                          0.1890000 
_refine.ls_R_factor_all                          0.1890000 
_refine.ls_R_factor_R_work                       0.1890000 
_refine.ls_R_factor_R_free                       0.2310000 
_refine.ls_R_factor_R_free_error                 0.005 
_refine.ls_R_factor_R_free_error_details         ? 
_refine.ls_percent_reflns_R_free                 9.8 
_refine.ls_number_reflns_R_free                  1791 
_refine.ls_number_parameters                     ? 
_refine.ls_number_restraints                     ? 
_refine.occupancy_min                            ? 
_refine.occupancy_max                            ? 
_refine.B_iso_mean                               19.5 
_refine.aniso_B[1][1]                            0.00 
_refine.aniso_B[2][2]                            0.00 
_refine.aniso_B[3][3]                            0.00 
_refine.aniso_B[1][2]                            0.00 
_refine.aniso_B[1][3]                            0.00 
_refine.aniso_B[2][3]                            0.00 
_refine.solvent_model_details                    ? 
_refine.solvent_model_param_ksol                 ? 
_refine.solvent_model_param_bsol                 ? 
_refine.pdbx_ls_cross_valid_method               THROUGHOUT 
_refine.details                                  ? 
_refine.pdbx_starting_model                      ? 
_refine.pdbx_method_to_determine_struct          ? 
_refine.pdbx_isotropic_thermal_model             RESTRAINED 
_refine.pdbx_stereochemistry_target_values       'Engh & Huber' 
_refine.pdbx_stereochem_target_val_spec_case     ? 
_refine.pdbx_R_Free_selection_details            RANDOM 
_refine.pdbx_overall_ESU_R_Free                  ? 
_refine.overall_SU_B                             ? 
_refine.ls_redundancy_reflns_obs                 ? 
_refine.overall_SU_ML                            ? 
_refine.pdbx_overall_ESU_R                       ? 
_refine.pdbx_data_cutoff_high_rms_absF           ? 
_refine.B_iso_min                                ? 
_refine.B_iso_max                                ? 
_refine.pdbx_refine_id                           'X-RAY DIFFRACTION' 
_refine.pdbx_diffrn_id                           1 
_refine.pdbx_TLS_residual_ADP_flag               ? 
_refine.correlation_coeff_Fo_to_Fc               ? 
_refine.correlation_coeff_Fo_to_Fc_free          ? 
_refine.pdbx_solvent_vdw_probe_radii             ? 
_refine.pdbx_solvent_ion_probe_radii             ? 
_refine.pdbx_solvent_shrinkage_radii             ? 
_refine.pdbx_overall_phase_error                 ? 
_refine.overall_SU_R_Cruickshank_DPI             ? 
_refine.pdbx_overall_SU_R_free_Cruickshank_DPI   ? 
_refine.pdbx_overall_SU_R_Blow_DPI               ? 
_refine.pdbx_overall_SU_R_free_Blow_DPI          ? 
# 
_refine_analyze.entry_id                        1D4L 
_refine_analyze.Luzzati_coordinate_error_obs    0.18 
_refine_analyze.Luzzati_sigma_a_obs             0.23 
_refine_analyze.Luzzati_d_res_low_obs           5.00 
_refine_analyze.Luzzati_coordinate_error_free   0.23 
_refine_analyze.Luzzati_sigma_a_free            0.27 
_refine_analyze.Luzzati_d_res_low_free          ? 
_refine_analyze.number_disordered_residues      ? 
_refine_analyze.occupancy_sum_hydrogen          ? 
_refine_analyze.occupancy_sum_non_hydrogen      ? 
_refine_analyze.pdbx_Luzzati_d_res_high_obs     ? 
_refine_analyze.pdbx_refine_id                  'X-RAY DIFFRACTION' 
# 
_refine_hist.pdbx_refine_id                   'X-RAY DIFFRACTION' 
_refine_hist.cycle_id                         LAST 
_refine_hist.pdbx_number_atoms_protein        1540 
_refine_hist.pdbx_number_atoms_nucleic_acid   0 
_refine_hist.pdbx_number_atoms_ligand         60 
_refine_hist.number_atoms_solvent             121 
_refine_hist.number_atoms_total               1721 
_refine_hist.d_res_high                       1.75 
_refine_hist.d_res_low                        8.00 
# 
loop_
_refine_ls_restr.type 
_refine_ls_restr.dev_ideal 
_refine_ls_restr.dev_ideal_target 
_refine_ls_restr.weight 
_refine_ls_restr.number 
_refine_ls_restr.pdbx_refine_id 
_refine_ls_restr.pdbx_restraint_function 
x_bond_d                0.009 ?    ? ? 'X-RAY DIFFRACTION' ? 
x_bond_d_na             ?     ?    ? ? 'X-RAY DIFFRACTION' ? 
x_bond_d_prot           ?     ?    ? ? 'X-RAY DIFFRACTION' ? 
x_angle_d               ?     ?    ? ? 'X-RAY DIFFRACTION' ? 
x_angle_d_na            ?     ?    ? ? 'X-RAY DIFFRACTION' ? 
x_angle_d_prot          ?     ?    ? ? 'X-RAY DIFFRACTION' ? 
x_angle_deg             1.5   ?    ? ? 'X-RAY DIFFRACTION' ? 
x_angle_deg_na          ?     ?    ? ? 'X-RAY DIFFRACTION' ? 
x_angle_deg_prot        ?     ?    ? ? 'X-RAY DIFFRACTION' ? 
x_dihedral_angle_d      27.3  ?    ? ? 'X-RAY DIFFRACTION' ? 
x_dihedral_angle_d_na   ?     ?    ? ? 'X-RAY DIFFRACTION' ? 
x_dihedral_angle_d_prot ?     ?    ? ? 'X-RAY DIFFRACTION' ? 
x_improper_angle_d      1.42  ?    ? ? 'X-RAY DIFFRACTION' ? 
x_improper_angle_d_na   ?     ?    ? ? 'X-RAY DIFFRACTION' ? 
x_improper_angle_d_prot ?     ?    ? ? 'X-RAY DIFFRACTION' ? 
x_mcbond_it             1.43  1.50 ? ? 'X-RAY DIFFRACTION' ? 
x_mcangle_it            2.24  2.00 ? ? 'X-RAY DIFFRACTION' ? 
x_scbond_it             2.51  2.00 ? ? 'X-RAY DIFFRACTION' ? 
x_scangle_it            4.17  2.50 ? ? 'X-RAY DIFFRACTION' ? 
# 
_refine_ls_shell.pdbx_total_number_of_bins_used   6 
_refine_ls_shell.d_res_high                       1.75 
_refine_ls_shell.d_res_low                        1.86 
_refine_ls_shell.number_reflns_R_work             2459 
_refine_ls_shell.R_factor_R_work                  0.2810000 
_refine_ls_shell.percent_reflns_obs               86.1 
_refine_ls_shell.R_factor_R_free                  0.3200000 
_refine_ls_shell.R_factor_R_free_error            0.020 
_refine_ls_shell.percent_reflns_R_free            9.3 
_refine_ls_shell.number_reflns_R_free             251 
_refine_ls_shell.redundancy_reflns_obs            ? 
_refine_ls_shell.number_reflns_all                ? 
_refine_ls_shell.number_reflns_obs                ? 
_refine_ls_shell.pdbx_refine_id                   'X-RAY DIFFRACTION' 
_refine_ls_shell.R_factor_all                     ? 
# 
loop_
_pdbx_xplor_file.serial_no 
_pdbx_xplor_file.param_file 
_pdbx_xplor_file.topol_file 
_pdbx_xplor_file.pdbx_refine_id 
1 parhcsdx.pro tophcsdx.pro   'X-RAY DIFFRACTION' 
2 nal.par      Inhibiter1.top 'X-RAY DIFFRACTION' 
3 ?            toph19.sol     'X-RAY DIFFRACTION' 
4 ?            so4.inp        'X-RAY DIFFRACTION' 
# 
_struct.entry_id                  1D4L 
_struct.title                     'HIV-1 PROTEASE COMPLEXED WITH A MACROCYCLIC PEPTIDOMIMETIC INHIBITOR' 
_struct.pdbx_model_details        ? 
_struct.pdbx_CASP_flag            ? 
_struct.pdbx_model_type_details   ? 
# 
_struct_keywords.entry_id        1D4L 
_struct_keywords.pdbx_keywords   HYDROLASE 
_struct_keywords.text            'HIV, PROTEASE, INHIBITOR, ANTIVIRAL, HYDROLASE' 
# 
loop_
_struct_asym.id 
_struct_asym.pdbx_blank_PDB_chainid_flag 
_struct_asym.pdbx_modified 
_struct_asym.entity_id 
_struct_asym.details 
A N N 1 ? 
B N N 1 ? 
C N N 2 ? 
D N N 2 ? 
E N N 3 ? 
F N N 2 ? 
G N N 4 ? 
H N N 4 ? 
# 
loop_
_struct_conf.conf_type_id 
_struct_conf.id 
_struct_conf.pdbx_PDB_helix_id 
_struct_conf.beg_label_comp_id 
_struct_conf.beg_label_asym_id 
_struct_conf.beg_label_seq_id 
_struct_conf.pdbx_beg_PDB_ins_code 
_struct_conf.end_label_comp_id 
_struct_conf.end_label_asym_id 
_struct_conf.end_label_seq_id 
_struct_conf.pdbx_end_PDB_ins_code 
_struct_conf.beg_auth_comp_id 
_struct_conf.beg_auth_asym_id 
_struct_conf.beg_auth_seq_id 
_struct_conf.end_auth_comp_id 
_struct_conf.end_auth_asym_id 
_struct_conf.end_auth_seq_id 
_struct_conf.pdbx_PDB_helix_class 
_struct_conf.details 
_struct_conf.pdbx_PDB_helix_length 
HELX_P HELX_P1 1 GLY A 86 ? THR A 91 ? GLY A 86 THR A 91 1 ? 6 
HELX_P HELX_P2 2 GLY B 86 ? THR B 91 ? GLY B 86 THR B 91 1 ? 6 
# 
_struct_conf_type.id          HELX_P 
_struct_conf_type.criteria    ? 
_struct_conf_type.reference   ? 
# 
loop_
_struct_conn.id 
_struct_conn.conn_type_id 
_struct_conn.pdbx_leaving_atom_flag 
_struct_conn.pdbx_PDB_id 
_struct_conn.ptnr1_label_asym_id 
_struct_conn.ptnr1_label_comp_id 
_struct_conn.ptnr1_label_seq_id 
_struct_conn.ptnr1_label_atom_id 
_struct_conn.pdbx_ptnr1_label_alt_id 
_struct_conn.pdbx_ptnr1_PDB_ins_code 
_struct_conn.pdbx_ptnr1_standard_comp_id 
_struct_conn.ptnr1_symmetry 
_struct_conn.ptnr2_label_asym_id 
_struct_conn.ptnr2_label_comp_id 
_struct_conn.ptnr2_label_seq_id 
_struct_conn.ptnr2_label_atom_id 
_struct_conn.pdbx_ptnr2_label_alt_id 
_struct_conn.pdbx_ptnr2_PDB_ins_code 
_struct_conn.ptnr1_auth_asym_id 
_struct_conn.ptnr1_auth_comp_id 
_struct_conn.ptnr1_auth_seq_id 
_struct_conn.ptnr2_auth_asym_id 
_struct_conn.ptnr2_auth_comp_id 
_struct_conn.ptnr2_auth_seq_id 
_struct_conn.ptnr2_symmetry 
_struct_conn.pdbx_ptnr3_label_atom_id 
_struct_conn.pdbx_ptnr3_label_seq_id 
_struct_conn.pdbx_ptnr3_label_comp_id 
_struct_conn.pdbx_ptnr3_label_asym_id 
_struct_conn.pdbx_ptnr3_label_alt_id 
_struct_conn.pdbx_ptnr3_PDB_ins_code 
_struct_conn.details 
_struct_conn.pdbx_dist_value 
_struct_conn.pdbx_value_order 
_struct_conn.pdbx_role 
covale1 covale both ? A ILE 66 C ? ? ? 1_555 A ABA 67 N ? ? A ILE 66 A ABA 67 1_555 ? ? ? ? ? ? ? 1.331 ? ? 
covale2 covale both ? A ABA 67 C ? ? ? 1_555 A GLY 68 N ? ? A ABA 67 A GLY 68 1_555 ? ? ? ? ? ? ? 1.326 ? ? 
covale3 covale both ? A GLY 94 C ? ? ? 1_555 A ABA 95 N ? ? A GLY 94 A ABA 95 1_555 ? ? ? ? ? ? ? 1.331 ? ? 
covale4 covale both ? A ABA 95 C ? ? ? 1_555 A THR 96 N ? ? A ABA 95 A THR 96 1_555 ? ? ? ? ? ? ? 1.334 ? ? 
covale5 covale both ? B ILE 66 C ? ? ? 1_555 B ABA 67 N ? ? B ILE 66 B ABA 67 1_555 ? ? ? ? ? ? ? 1.332 ? ? 
covale6 covale both ? B ABA 67 C ? ? ? 1_555 B GLY 68 N ? ? B ABA 67 B GLY 68 1_555 ? ? ? ? ? ? ? 1.334 ? ? 
covale7 covale both ? B GLY 94 C ? ? ? 1_555 B ABA 95 N ? ? B GLY 94 B ABA 95 1_555 ? ? ? ? ? ? ? 1.334 ? ? 
covale8 covale both ? B ABA 95 C ? ? ? 1_555 B THR 96 N ? ? B ABA 95 B THR 96 1_555 ? ? ? ? ? ? ? 1.336 ? ? 
# 
_struct_conn_type.id          covale 
_struct_conn_type.criteria    ? 
_struct_conn_type.reference   ? 
# 
loop_
_struct_sheet.id 
_struct_sheet.type 
_struct_sheet.number_strands 
_struct_sheet.details 
A ? 4 ? 
B ? 8 ? 
C ? 8 ? 
# 
loop_
_struct_sheet_order.sheet_id 
_struct_sheet_order.range_id_1 
_struct_sheet_order.range_id_2 
_struct_sheet_order.offset 
_struct_sheet_order.sense 
A 1 2 ? anti-parallel 
A 2 3 ? anti-parallel 
A 3 4 ? anti-parallel 
B 1 2 ? anti-parallel 
B 2 3 ? anti-parallel 
B 3 4 ? parallel      
B 4 5 ? anti-parallel 
B 5 6 ? parallel      
B 6 7 ? anti-parallel 
B 7 8 ? anti-parallel 
C 1 2 ? anti-parallel 
C 2 3 ? anti-parallel 
C 3 4 ? parallel      
C 4 5 ? anti-parallel 
C 5 6 ? parallel      
C 6 7 ? anti-parallel 
C 7 8 ? anti-parallel 
# 
loop_
_struct_sheet_range.sheet_id 
_struct_sheet_range.id 
_struct_sheet_range.beg_label_comp_id 
_struct_sheet_range.beg_label_asym_id 
_struct_sheet_range.beg_label_seq_id 
_struct_sheet_range.pdbx_beg_PDB_ins_code 
_struct_sheet_range.end_label_comp_id 
_struct_sheet_range.end_label_asym_id 
_struct_sheet_range.end_label_seq_id 
_struct_sheet_range.pdbx_end_PDB_ins_code 
_struct_sheet_range.beg_auth_comp_id 
_struct_sheet_range.beg_auth_asym_id 
_struct_sheet_range.beg_auth_seq_id 
_struct_sheet_range.end_auth_comp_id 
_struct_sheet_range.end_auth_asym_id 
_struct_sheet_range.end_auth_seq_id 
A 1 GLN A 2  ? THR A 4  ? GLN A 2  THR A 4  
A 2 THR B 96 ? ASN B 98 ? THR B 96 ASN B 98 
A 3 THR A 96 ? ASN A 98 ? THR A 96 ASN A 98 
A 4 GLN B 2  ? THR B 4  ? GLN B 2  THR B 4  
B 1 LYS A 43 ? GLY A 48 ? LYS A 43 GLY A 48 
B 2 PHE A 53 ? ILE A 66 ? PHE A 53 ILE A 66 
B 3 HIS A 69 ? VAL A 77 ? HIS A 69 VAL A 77 
B 4 VAL A 32 ? ILE A 33 ? VAL A 32 ILE A 33 
B 5 ILE A 84 ? ILE A 85 ? ILE A 84 ILE A 85 
B 6 GLN A 18 ? LEU A 24 ? GLN A 18 LEU A 24 
B 7 LEU A 10 ? ILE A 15 ? LEU A 10 ILE A 15 
B 8 PHE A 53 ? ILE A 66 ? PHE A 53 ILE A 66 
C 1 LYS B 43 ? GLY B 49 ? LYS B 43 GLY B 49 
C 2 GLY B 52 ? ILE B 66 ? GLY B 52 ILE B 66 
C 3 HIS B 69 ? GLY B 78 ? HIS B 69 GLY B 78 
C 4 THR B 31 ? GLU B 34 ? THR B 31 GLU B 34 
C 5 ILE B 84 ? ILE B 85 ? ILE B 84 ILE B 85 
C 6 GLN B 18 ? LEU B 24 ? GLN B 18 LEU B 24 
C 7 LEU B 10 ? ILE B 15 ? LEU B 10 ILE B 15 
C 8 GLY B 52 ? ILE B 66 ? GLY B 52 ILE B 66 
# 
loop_
_pdbx_struct_sheet_hbond.sheet_id 
_pdbx_struct_sheet_hbond.range_id_1 
_pdbx_struct_sheet_hbond.range_id_2 
_pdbx_struct_sheet_hbond.range_1_label_atom_id 
_pdbx_struct_sheet_hbond.range_1_label_comp_id 
_pdbx_struct_sheet_hbond.range_1_label_asym_id 
_pdbx_struct_sheet_hbond.range_1_label_seq_id 
_pdbx_struct_sheet_hbond.range_1_PDB_ins_code 
_pdbx_struct_sheet_hbond.range_1_auth_atom_id 
_pdbx_struct_sheet_hbond.range_1_auth_comp_id 
_pdbx_struct_sheet_hbond.range_1_auth_asym_id 
_pdbx_struct_sheet_hbond.range_1_auth_seq_id 
_pdbx_struct_sheet_hbond.range_2_label_atom_id 
_pdbx_struct_sheet_hbond.range_2_label_comp_id 
_pdbx_struct_sheet_hbond.range_2_label_asym_id 
_pdbx_struct_sheet_hbond.range_2_label_seq_id 
_pdbx_struct_sheet_hbond.range_2_PDB_ins_code 
_pdbx_struct_sheet_hbond.range_2_auth_atom_id 
_pdbx_struct_sheet_hbond.range_2_auth_comp_id 
_pdbx_struct_sheet_hbond.range_2_auth_asym_id 
_pdbx_struct_sheet_hbond.range_2_auth_seq_id 
A 1 2 N ILE A 3  ? N ILE A 3  O LEU B 97 ? O LEU B 97 
A 2 3 N ASN B 98 ? N ASN B 98 O THR A 96 ? O THR A 96 
A 3 4 O LEU A 97 ? O LEU A 97 N ILE B 3  ? N ILE B 3  
B 1 2 O ILE A 47 ? O ILE A 47 N ILE A 54 ? N ILE A 54 
B 2 3 N ILE A 66 ? N ILE A 66 O HIS A 69 ? O HIS A 69 
B 3 4 O LEU A 76 ? O LEU A 76 N ILE A 33 ? N ILE A 33 
B 4 5 O VAL A 32 ? O VAL A 32 N ILE A 84 ? N ILE A 84 
B 5 6 N ILE A 85 ? N ILE A 85 O LEU A 23 ? O LEU A 23 
B 6 7 O ALA A 22 ? O ALA A 22 N VAL A 11 ? N VAL A 11 
B 7 8 O ARG A 14 ? O ARG A 14 N GLU A 65 ? N GLU A 65 
C 1 2 N GLY B 49 ? N GLY B 49 O GLY B 52 ? O GLY B 52 
C 2 3 N ILE B 66 ? N ILE B 66 O HIS B 69 ? O HIS B 69 
C 3 4 N LEU B 76 ? N LEU B 76 O THR B 31 ? O THR B 31 
C 4 5 O VAL B 32 ? O VAL B 32 N ILE B 84 ? N ILE B 84 
C 5 6 N ILE B 85 ? N ILE B 85 O LEU B 23 ? O LEU B 23 
C 6 7 O ALA B 22 ? O ALA B 22 N VAL B 11 ? N VAL B 11 
C 7 8 O ARG B 14 ? O ARG B 14 N GLU B 65 ? N GLU B 65 
# 
loop_
_struct_site.id 
_struct_site.pdbx_evidence_code 
_struct_site.pdbx_auth_asym_id 
_struct_site.pdbx_auth_comp_id 
_struct_site.pdbx_auth_seq_id 
_struct_site.pdbx_auth_ins_code 
_struct_site.pdbx_num_residues 
_struct_site.details 
AC1 Software B SO4 501 ? 6  'BINDING SITE FOR RESIDUE SO4 B 501' 
AC2 Software A SO4 502 ? 5  'BINDING SITE FOR RESIDUE SO4 A 502' 
AC3 Software A SO4 503 ? 4  'BINDING SITE FOR RESIDUE SO4 A 503' 
AC4 Software A PI9 201 ? 22 'BINDING SITE FOR RESIDUE PI9 A 201' 
# 
loop_
_struct_site_gen.id 
_struct_site_gen.site_id 
_struct_site_gen.pdbx_num_res 
_struct_site_gen.label_comp_id 
_struct_site_gen.label_asym_id 
_struct_site_gen.label_seq_id 
_struct_site_gen.pdbx_auth_ins_code 
_struct_site_gen.auth_comp_id 
_struct_site_gen.auth_asym_id 
_struct_site_gen.auth_seq_id 
_struct_site_gen.label_atom_id 
_struct_site_gen.label_alt_id 
_struct_site_gen.symmetry 
_struct_site_gen.details 
1  AC1 6  GLY A 68 ? GLY A 68  . ? 3_545 ? 
2  AC1 6  HIS A 69 ? HIS A 69  . ? 3_545 ? 
3  AC1 6  LYS A 70 ? LYS A 70  . ? 3_545 ? 
4  AC1 6  HOH G .  ? HOH A 353 . ? 3_545 ? 
5  AC1 6  PRO B 1  ? PRO B 1   . ? 2_554 ? 
6  AC1 6  LYS B 55 ? LYS B 55  . ? 1_555 ? 
7  AC2 5  PRO A 1  ? PRO A 1   . ? 1_555 ? 
8  AC2 5  ABA A 67 ? ABA A 67  . ? 1_555 ? 
9  AC2 5  HIS A 69 ? HIS A 69  . ? 1_555 ? 
10 AC2 5  HOH G .  ? HOH A 363 . ? 1_555 ? 
11 AC2 5  HOH G .  ? HOH A 417 . ? 1_555 ? 
12 AC3 4  ARG A 14 ? ARG A 14  . ? 1_555 ? 
13 AC3 4  ARG B 14 ? ARG B 14  . ? 1_455 ? 
14 AC3 4  GLY B 16 ? GLY B 16  . ? 1_455 ? 
15 AC3 4  GLY B 17 ? GLY B 17  . ? 1_455 ? 
16 AC4 22 ASP A 25 ? ASP A 25  . ? 1_555 ? 
17 AC4 22 GLY A 27 ? GLY A 27  . ? 1_555 ? 
18 AC4 22 ALA A 28 ? ALA A 28  . ? 1_555 ? 
19 AC4 22 ASP A 29 ? ASP A 29  . ? 1_555 ? 
20 AC4 22 GLY A 48 ? GLY A 48  . ? 1_555 ? 
21 AC4 22 GLY A 49 ? GLY A 49  . ? 1_555 ? 
22 AC4 22 ILE A 50 ? ILE A 50  . ? 1_555 ? 
23 AC4 22 PRO A 81 ? PRO A 81  . ? 1_555 ? 
24 AC4 22 VAL A 82 ? VAL A 82  . ? 1_555 ? 
25 AC4 22 ILE A 84 ? ILE A 84  . ? 1_555 ? 
26 AC4 22 HOH G .  ? HOH A 301 . ? 1_555 ? 
27 AC4 22 ARG B 8  ? ARG B 8   . ? 1_555 ? 
28 AC4 22 ASP B 25 ? ASP B 25  . ? 1_555 ? 
29 AC4 22 GLY B 27 ? GLY B 27  . ? 1_555 ? 
30 AC4 22 ALA B 28 ? ALA B 28  . ? 1_555 ? 
31 AC4 22 ASP B 30 ? ASP B 30  . ? 1_555 ? 
32 AC4 22 VAL B 32 ? VAL B 32  . ? 1_555 ? 
33 AC4 22 GLY B 48 ? GLY B 48  . ? 1_555 ? 
34 AC4 22 GLY B 49 ? GLY B 49  . ? 1_555 ? 
35 AC4 22 ILE B 50 ? ILE B 50  . ? 1_555 ? 
36 AC4 22 VAL B 82 ? VAL B 82  . ? 1_555 ? 
37 AC4 22 ILE B 84 ? ILE B 84  . ? 1_555 ? 
# 
_atom_sites.entry_id                    1D4L 
_atom_sites.fract_transf_matrix[1][1]   0.00024483 
_atom_sites.fract_transf_matrix[1][2]   -0.01529863 
_atom_sites.fract_transf_matrix[1][3]   -0.01199189 
_atom_sites.fract_transf_matrix[2][1]   0.01692575 
_atom_sites.fract_transf_matrix[2][2]   -0.00089785 
_atom_sites.fract_transf_matrix[2][3]   0.00149100 
_atom_sites.fract_transf_matrix[3][1]   -0.00164500 
_atom_sites.fract_transf_matrix[3][2]   -0.00996178 
_atom_sites.fract_transf_matrix[3][3]   0.01267513 
_atom_sites.fract_transf_vector[1]      0.099964 
_atom_sites.fract_transf_vector[2]      0.020123 
_atom_sites.fract_transf_vector[3]      0.296663 
# 
loop_
_atom_type.symbol 
C 
N 
O 
S 
# 
loop_
_atom_site.group_PDB 
_atom_site.id 
_atom_site.type_symbol 
_atom_site.label_atom_id 
_atom_site.label_alt_id 
_atom_site.label_comp_id 
_atom_site.label_asym_id 
_atom_site.label_entity_id 
_atom_site.label_seq_id 
_atom_site.pdbx_PDB_ins_code 
_atom_site.Cartn_x 
_atom_site.Cartn_y 
_atom_site.Cartn_z 
_atom_site.occupancy 
_atom_site.B_iso_or_equiv 
_atom_site.pdbx_formal_charge 
_atom_site.auth_seq_id 
_atom_site.auth_comp_id 
_atom_site.auth_asym_id 
_atom_site.auth_atom_id 
_atom_site.pdbx_PDB_model_num 
ATOM   1    N N   . PRO A 1 1  ? 4.810   -3.168  17.991  1.00 25.26  ? 1   PRO A N   1 
ATOM   2    C CA  . PRO A 1 1  ? 3.852   -4.307  17.991  1.00 23.74  ? 1   PRO A CA  1 
ATOM   3    C C   . PRO A 1 1  ? 3.922   -5.111  16.687  1.00 22.55  ? 1   PRO A C   1 
ATOM   4    O O   . PRO A 1 1  ? 4.501   -4.627  15.712  1.00 23.48  ? 1   PRO A O   1 
ATOM   5    C CB  . PRO A 1 1  ? 2.456   -3.719  18.187  1.00 26.39  ? 1   PRO A CB  1 
ATOM   6    C CG  . PRO A 1 1  ? 2.617   -2.335  17.544  1.00 26.08  ? 1   PRO A CG  1 
ATOM   7    C CD  . PRO A 1 1  ? 3.993   -1.900  17.966  1.00 24.97  ? 1   PRO A CD  1 
ATOM   8    N N   . GLN A 1 2  ? 3.415   -6.340  16.705  1.00 19.97  ? 2   GLN A N   1 
ATOM   9    C CA  . GLN A 1 2  ? 3.377   -7.187  15.502  1.00 19.40  ? 2   GLN A CA  1 
ATOM   10   C C   . GLN A 1 2  ? 1.936   -7.141  15.027  1.00 19.73  ? 2   GLN A C   1 
ATOM   11   O O   . GLN A 1 2  ? 1.011   -7.409  15.801  1.00 20.09  ? 2   GLN A O   1 
ATOM   12   C CB  . GLN A 1 2  ? 3.790   -8.627  15.800  1.00 21.33  ? 2   GLN A CB  1 
ATOM   13   C CG  . GLN A 1 2  ? 3.710   -9.559  14.576  1.00 23.47  ? 2   GLN A CG  1 
ATOM   14   C CD  . GLN A 1 2  ? 4.395   -10.898 14.796  1.00 28.28  ? 2   GLN A CD  1 
ATOM   15   O OE1 . GLN A 1 2  ? 5.530   -11.108 14.362  1.00 30.07  ? 2   GLN A OE1 1 
ATOM   16   N NE2 . GLN A 1 2  ? 3.706   -11.819 15.462  1.00 28.69  ? 2   GLN A NE2 1 
ATOM   17   N N   . ILE A 1 3  ? 1.750   -6.733  13.777  1.00 17.00  ? 3   ILE A N   1 
ATOM   18   C CA  . ILE A 1 3  ? 0.418   -6.589  13.180  1.00 15.02  ? 3   ILE A CA  1 
ATOM   19   C C   . ILE A 1 3  ? 0.224   -7.593  12.062  1.00 13.45  ? 3   ILE A C   1 
ATOM   20   O O   . ILE A 1 3  ? 1.074   -7.716  11.181  1.00 12.82  ? 3   ILE A O   1 
ATOM   21   C CB  . ILE A 1 3  ? 0.244   -5.152  12.639  1.00 15.24  ? 3   ILE A CB  1 
ATOM   22   C CG1 . ILE A 1 3  ? 0.356   -4.148  13.785  1.00 13.80  ? 3   ILE A CG1 1 
ATOM   23   C CG2 . ILE A 1 3  ? -1.082  -4.992  11.925  1.00 15.57  ? 3   ILE A CG2 1 
ATOM   24   C CD1 . ILE A 1 3  ? 0.422   -2.730  13.316  1.00 17.43  ? 3   ILE A CD1 1 
ATOM   25   N N   . THR A 1 4  ? -0.853  -8.371  12.150  1.00 10.98  ? 4   THR A N   1 
ATOM   26   C CA  . THR A 1 4  ? -1.180  -9.364  11.116  1.00 11.70  ? 4   THR A CA  1 
ATOM   27   C C   . THR A 1 4  ? -2.049  -8.665  10.068  1.00 12.67  ? 4   THR A C   1 
ATOM   28   O O   . THR A 1 4  ? -2.610  -7.597  10.330  1.00 12.96  ? 4   THR A O   1 
ATOM   29   C CB  . THR A 1 4  ? -1.926  -10.595 11.694  1.00 15.08  ? 4   THR A CB  1 
ATOM   30   O OG1 . THR A 1 4  ? -3.029  -10.150 12.493  1.00 14.41  ? 4   THR A OG1 1 
ATOM   31   C CG2 . THR A 1 4  ? -0.977  -11.450 12.542  1.00 15.95  ? 4   THR A CG2 1 
ATOM   32   N N   . LEU A 1 5  ? -2.207  -9.289  8.906   1.00 11.44  ? 5   LEU A N   1 
ATOM   33   C CA  . LEU A 1 5  ? -2.928  -8.637  7.816   1.00 12.48  ? 5   LEU A CA  1 
ATOM   34   C C   . LEU A 1 5  ? -4.306  -9.161  7.415   1.00 13.37  ? 5   LEU A C   1 
ATOM   35   O O   . LEU A 1 5  ? -4.772  -8.895  6.298   1.00 13.01  ? 5   LEU A O   1 
ATOM   36   C CB  . LEU A 1 5  ? -1.987  -8.567  6.620   1.00 11.09  ? 5   LEU A CB  1 
ATOM   37   C CG  . LEU A 1 5  ? -0.694  -7.830  6.952   1.00 11.78  ? 5   LEU A CG  1 
ATOM   38   C CD1 . LEU A 1 5  ? 0.323   -8.023  5.849   1.00 13.51  ? 5   LEU A CD1 1 
ATOM   39   C CD2 . LEU A 1 5  ? -0.991  -6.355  7.165   1.00 12.85  ? 5   LEU A CD2 1 
ATOM   40   N N   . TRP A 1 6  ? -4.980  -9.845  8.339   1.00 13.69  ? 6   TRP A N   1 
ATOM   41   C CA  . TRP A 1 6  ? -6.333  -10.395 8.078   1.00 16.31  ? 6   TRP A CA  1 
ATOM   42   C C   . TRP A 1 6  ? -7.319  -9.246  7.975   1.00 16.22  ? 6   TRP A C   1 
ATOM   43   O O   . TRP A 1 6  ? -8.334  -9.342  7.302   1.00 16.67  ? 6   TRP A O   1 
ATOM   44   C CB  . TRP A 1 6  ? -6.748  -11.377 9.196   1.00 21.07  ? 6   TRP A CB  1 
ATOM   45   C CG  . TRP A 1 6  ? -5.730  -12.478 9.416   1.00 25.39  ? 6   TRP A CG  1 
ATOM   46   C CD1 . TRP A 1 6  ? -4.698  -12.482 10.330  1.00 27.60  ? 6   TRP A CD1 1 
ATOM   47   C CD2 . TRP A 1 6  ? -5.572  -13.670 8.639   1.00 26.47  ? 6   TRP A CD2 1 
ATOM   48   N NE1 . TRP A 1 6  ? -3.904  -13.593 10.150  1.00 28.35  ? 6   TRP A NE1 1 
ATOM   49   C CE2 . TRP A 1 6  ? -4.419  -14.340 9.118   1.00 28.44  ? 6   TRP A CE2 1 
ATOM   50   C CE3 . TRP A 1 6  ? -6.287  -14.235 7.576   1.00 27.68  ? 6   TRP A CE3 1 
ATOM   51   C CZ2 . TRP A 1 6  ? -3.968  -15.545 8.573   1.00 28.77  ? 6   TRP A CZ2 1 
ATOM   52   C CZ3 . TRP A 1 6  ? -5.837  -15.437 7.031   1.00 29.29  ? 6   TRP A CZ3 1 
ATOM   53   C CH2 . TRP A 1 6  ? -4.690  -16.075 7.532   1.00 31.64  ? 6   TRP A CH2 1 
ATOM   54   N N   . LYS A 1 7  ? -6.987  -8.141  8.624   1.00 17.16  ? 7   LYS A N   1 
ATOM   55   C CA  . LYS A 1 7  ? -7.822  -6.942  8.595   1.00 18.58  ? 7   LYS A CA  1 
ATOM   56   C C   . LYS A 1 7  ? -6.902  -5.842  8.087   1.00 18.02  ? 7   LYS A C   1 
ATOM   57   O O   . LYS A 1 7  ? -5.686  -6.024  8.073   1.00 16.59  ? 7   LYS A O   1 
ATOM   58   C CB  . LYS A 1 7  ? -8.267  -6.611  10.012  1.00 21.32  ? 7   LYS A CB  1 
ATOM   59   C CG  . LYS A 1 7  ? -8.726  -7.829  10.765  1.00 27.97  ? 7   LYS A CG  1 
ATOM   60   C CD  . LYS A 1 7  ? -8.752  -7.598  12.257  1.00 33.40  ? 7   LYS A CD  1 
ATOM   61   C CE  . LYS A 1 7  ? -8.885  -8.936  12.988  1.00 37.41  ? 7   LYS A CE  1 
ATOM   62   N NZ  . LYS A 1 7  ? -9.177  -8.761  14.438  1.00 40.58  ? 7   LYS A NZ  1 
ATOM   63   N N   . ARG A 1 8  ? -7.464  -4.721  7.638   1.00 15.76  ? 8   ARG A N   1 
ATOM   64   C CA  . ARG A 1 8  ? -6.632  -3.594  7.167   1.00 14.21  ? 8   ARG A CA  1 
ATOM   65   C C   . ARG A 1 8  ? -5.816  -3.116  8.359   1.00 13.05  ? 8   ARG A C   1 
ATOM   66   O O   . ARG A 1 8  ? -6.329  -3.041  9.475   1.00 12.79  ? 8   ARG A O   1 
ATOM   67   C CB  . ARG A 1 8  ? -7.499  -2.440  6.669   1.00 16.05  ? 8   ARG A CB  1 
ATOM   68   C CG  . ARG A 1 8  ? -7.884  -2.524  5.217   1.00 19.67  ? 8   ARG A CG  1 
ATOM   69   C CD  . ARG A 1 8  ? -8.921  -1.478  4.938   1.00 25.85  ? 8   ARG A CD  1 
ATOM   70   N NE  . ARG A 1 8  ? -8.781  -0.843  3.626   1.00 32.48  ? 8   ARG A NE  1 
ATOM   71   C CZ  . ARG A 1 8  ? -9.038  0.446   3.410   1.00 36.58  ? 8   ARG A CZ  1 
ATOM   72   N NH1 . ARG A 1 8  ? -9.444  1.227   4.413   1.00 38.72  ? 8   ARG A NH1 1 
ATOM   73   N NH2 . ARG A 1 8  ? -8.907  0.954   2.191   1.00 38.67  ? 8   ARG A NH2 1 
ATOM   74   N N   . PRO A 1 9  ? -4.524  -2.830  8.152   1.00 11.83  ? 9   PRO A N   1 
ATOM   75   C CA  . PRO A 1 9  ? -3.673  -2.368  9.257   1.00 11.08  ? 9   PRO A CA  1 
ATOM   76   C C   . PRO A 1 9  ? -3.894  -0.901  9.595   1.00 10.98  ? 9   PRO A C   1 
ATOM   77   O O   . PRO A 1 9  ? -3.071  -0.049  9.283   1.00 11.10  ? 9   PRO A O   1 
ATOM   78   C CB  . PRO A 1 9  ? -2.263  -2.655  8.736   1.00 9.06   ? 9   PRO A CB  1 
ATOM   79   C CG  . PRO A 1 9  ? -2.408  -2.479  7.251   1.00 9.53   ? 9   PRO A CG  1 
ATOM   80   C CD  . PRO A 1 9  ? -3.731  -3.136  6.943   1.00 10.18  ? 9   PRO A CD  1 
ATOM   81   N N   . LEU A 1 10 ? -5.052  -0.613  10.186  1.00 12.08  ? 10  LEU A N   1 
ATOM   82   C CA  . LEU A 1 10 ? -5.424  0.746   10.589  1.00 14.32  ? 10  LEU A CA  1 
ATOM   83   C C   . LEU A 1 10 ? -4.953  1.014   12.002  1.00 15.09  ? 10  LEU A C   1 
ATOM   84   O O   . LEU A 1 10 ? -5.116  0.174   12.882  1.00 16.27  ? 10  LEU A O   1 
ATOM   85   C CB  . LEU A 1 10 ? -6.940  0.923   10.551  1.00 16.05  ? 10  LEU A CB  1 
ATOM   86   C CG  . LEU A 1 10 ? -7.615  1.098   9.197   1.00 20.09  ? 10  LEU A CG  1 
ATOM   87   C CD1 . LEU A 1 10 ? -9.108  0.992   9.391   1.00 22.95  ? 10  LEU A CD1 1 
ATOM   88   C CD2 . LEU A 1 10 ? -7.250  2.440   8.593   1.00 18.90  ? 10  LEU A CD2 1 
ATOM   89   N N   . VAL A 1 11 ? -4.354  2.179   12.210  1.00 13.54  ? 11  VAL A N   1 
ATOM   90   C CA  . VAL A 1 11 ? -3.877  2.574   13.537  1.00 13.29  ? 11  VAL A CA  1 
ATOM   91   C C   . VAL A 1 11 ? -4.196  4.046   13.808  1.00 12.90  ? 11  VAL A C   1 
ATOM   92   O O   . VAL A 1 11 ? -4.428  4.840   12.898  1.00 11.14  ? 11  VAL A O   1 
ATOM   93   C CB  . VAL A 1 11 ? -2.365  2.334   13.687  1.00 11.63  ? 11  VAL A CB  1 
ATOM   94   C CG1 . VAL A 1 11 ? -2.038  0.881   13.395  1.00 12.80  ? 11  VAL A CG1 1 
ATOM   95   C CG2 . VAL A 1 11 ? -1.596  3.235   12.757  1.00 11.78  ? 11  VAL A CG2 1 
ATOM   96   N N   . THR A 1 12 ? -4.244  4.405   15.081  1.00 13.73  ? 12  THR A N   1 
ATOM   97   C CA  . THR A 1 12 ? -4.518  5.790   15.439  1.00 14.55  ? 12  THR A CA  1 
ATOM   98   C C   . THR A 1 12 ? -3.226  6.583   15.401  1.00 13.87  ? 12  THR A C   1 
ATOM   99   O O   . THR A 1 12 ? -2.185  6.133   15.864  1.00 14.26  ? 12  THR A O   1 
ATOM   100  C CB  . THR A 1 12 ? -5.148  5.912   16.850  1.00 17.75  ? 12  THR A CB  1 
ATOM   101  O OG1 . THR A 1 12 ? -6.398  5.219   16.872  1.00 15.21  ? 12  THR A OG1 1 
ATOM   102  C CG2 . THR A 1 12 ? -5.392  7.377   17.205  1.00 18.40  ? 12  THR A CG2 1 
ATOM   103  N N   . ILE A 1 13 ? -3.289  7.751   14.801  1.00 13.69  ? 13  ILE A N   1 
ATOM   104  C CA  . ILE A 1 13 ? -2.117  8.605   14.743  1.00 15.71  ? 13  ILE A CA  1 
ATOM   105  C C   . ILE A 1 13 ? -2.521  9.929   15.334  1.00 18.33  ? 13  ILE A C   1 
ATOM   106  O O   . ILE A 1 13 ? -3.712  10.216  15.488  1.00 16.64  ? 13  ILE A O   1 
ATOM   107  C CB  . ILE A 1 13 ? -1.620  8.845   13.288  1.00 14.49  ? 13  ILE A CB  1 
ATOM   108  C CG1 . ILE A 1 13 ? -2.657  9.629   12.484  1.00 13.93  ? 13  ILE A CG1 1 
ATOM   109  C CG2 . ILE A 1 13 ? -1.286  7.519   12.627  1.00 13.31  ? 13  ILE A CG2 1 
ATOM   110  C CD1 . ILE A 1 13 ? -2.099  10.260  11.215  1.00 14.71  ? 13  ILE A CD1 1 
ATOM   111  N N   . ARG A 1 14 ? -1.527  10.705  15.739  1.00 19.51  ? 14  ARG A N   1 
ATOM   112  C CA  . ARG A 1 14 ? -1.800  12.033  16.262  1.00 21.55  ? 14  ARG A CA  1 
ATOM   113  C C   . ARG A 1 14 ? -1.008  12.990  15.405  1.00 20.56  ? 14  ARG A C   1 
ATOM   114  O O   . ARG A 1 14 ? 0.212   12.887  15.292  1.00 17.23  ? 14  ARG A O   1 
ATOM   115  C CB  . ARG A 1 14 ? -1.427  12.163  17.735  1.00 25.12  ? 14  ARG A CB  1 
ATOM   116  C CG  . ARG A 1 14 ? -1.846  13.509  18.273  1.00 32.72  ? 14  ARG A CG  1 
ATOM   117  C CD  . ARG A 1 14 ? -2.383  13.412  19.687  1.00 39.69  ? 14  ARG A CD  1 
ATOM   118  N NE  . ARG A 1 14 ? -1.302  13.188  20.647  1.00 45.61  ? 14  ARG A NE  1 
ATOM   119  C CZ  . ARG A 1 14 ? -0.386  14.092  20.971  1.00 49.49  ? 14  ARG A CZ  1 
ATOM   120  N NH1 . ARG A 1 14 ? -0.416  15.293  20.417  1.00 48.27  ? 14  ARG A NH1 1 
ATOM   121  N NH2 . ARG A 1 14 ? 0.577   13.787  21.831  1.00 52.83  ? 14  ARG A NH2 1 
ATOM   122  N N   . ILE A 1 15 ? -1.724  13.878  14.730  1.00 20.26  ? 15  ILE A N   1 
ATOM   123  C CA  . ILE A 1 15 ? -1.082  14.845  13.852  1.00 21.27  ? 15  ILE A CA  1 
ATOM   124  C C   . ILE A 1 15 ? -1.736  16.186  14.119  1.00 24.23  ? 15  ILE A C   1 
ATOM   125  O O   . ILE A 1 15 ? -2.957  16.261  14.276  1.00 23.78  ? 15  ILE A O   1 
ATOM   126  C CB  . ILE A 1 15 ? -1.210  14.414  12.360  1.00 20.76  ? 15  ILE A CB  1 
ATOM   127  C CG1 . ILE A 1 15 ? -0.579  15.462  11.442  1.00 21.90  ? 15  ILE A CG1 1 
ATOM   128  C CG2 . ILE A 1 15 ? -2.654  14.129  12.014  1.00 20.85  ? 15  ILE A CG2 1 
ATOM   129  C CD1 . ILE A 1 15 ? -0.477  15.037  9.996   1.00 21.02  ? 15  ILE A CD1 1 
ATOM   130  N N   . GLY A 1 16 ? -0.895  17.211  14.291  1.00 26.54  ? 16  GLY A N   1 
ATOM   131  C CA  . GLY A 1 16 ? -1.350  18.567  14.570  1.00 29.49  ? 16  GLY A CA  1 
ATOM   132  C C   . GLY A 1 16 ? -2.224  18.697  15.812  1.00 30.31  ? 16  GLY A C   1 
ATOM   133  O O   . GLY A 1 16 ? -3.089  19.574  15.866  1.00 32.23  ? 16  GLY A O   1 
ATOM   134  N N   . GLY A 1 17 ? -2.010  17.826  16.796  1.00 30.19  ? 17  GLY A N   1 
ATOM   135  C CA  . GLY A 1 17 ? -2.808  17.857  18.008  1.00 30.71  ? 17  GLY A CA  1 
ATOM   136  C C   . GLY A 1 17 ? -4.112  17.091  17.853  1.00 31.80  ? 17  GLY A C   1 
ATOM   137  O O   . GLY A 1 17 ? -4.855  16.915  18.811  1.00 33.82  ? 17  GLY A O   1 
ATOM   138  N N   . GLN A 1 18 ? -4.386  16.622  16.641  1.00 31.58  ? 18  GLN A N   1 
ATOM   139  C CA  . GLN A 1 18 ? -5.614  15.864  16.339  1.00 31.63  ? 18  GLN A CA  1 
ATOM   140  C C   . GLN A 1 18 ? -5.385  14.356  16.196  1.00 28.80  ? 18  GLN A C   1 
ATOM   141  O O   . GLN A 1 18 ? -4.353  13.931  15.689  1.00 28.97  ? 18  GLN A O   1 
ATOM   142  C CB  . GLN A 1 18 ? -6.197  16.358  15.016  1.00 34.28  ? 18  GLN A CB  1 
ATOM   143  C CG  . GLN A 1 18 ? -7.432  17.202  15.141  1.00 42.13  ? 18  GLN A CG  1 
ATOM   144  C CD  . GLN A 1 18 ? -8.396  16.963  13.994  1.00 45.35  ? 18  GLN A CD  1 
ATOM   145  O OE1 . GLN A 1 18 ? -8.250  17.532  12.911  1.00 48.00  ? 18  GLN A OE1 1 
ATOM   146  N NE2 . GLN A 1 18 ? -9.376  16.091  14.218  1.00 48.81  ? 18  GLN A NE2 1 
ATOM   147  N N   . LEU A 1 19 ? -6.362  13.560  16.613  1.00 25.46  ? 19  LEU A N   1 
ATOM   148  C CA  . LEU A 1 19 ? -6.283  12.099  16.466  1.00 23.92  ? 19  LEU A CA  1 
ATOM   149  C C   . LEU A 1 19 ? -6.982  11.716  15.165  1.00 23.04  ? 19  LEU A C   1 
ATOM   150  O O   . LEU A 1 19 ? -7.986  12.330  14.793  1.00 23.20  ? 19  LEU A O   1 
ATOM   151  C CB  . LEU A 1 19 ? -6.980  11.387  17.622  1.00 25.58  ? 19  LEU A CB  1 
ATOM   152  C CG  . LEU A 1 19 ? -6.356  11.574  18.998  1.00 27.35  ? 19  LEU A CG  1 
ATOM   153  C CD1 . LEU A 1 19 ? -7.108  10.709  19.987  1.00 28.20  ? 19  LEU A CD1 1 
ATOM   154  C CD2 . LEU A 1 19 ? -4.889  11.186  18.949  1.00 26.70  ? 19  LEU A CD2 1 
ATOM   155  N N   . LYS A 1 20 ? -6.457  10.699  14.483  1.00 20.84  ? 20  LYS A N   1 
ATOM   156  C CA  . LYS A 1 20 ? -7.020  10.208  13.206  1.00 19.92  ? 20  LYS A CA  1 
ATOM   157  C C   . LYS A 1 20 ? -6.646  8.754   13.001  1.00 18.67  ? 20  LYS A C   1 
ATOM   158  O O   . LYS A 1 20 ? -5.768  8.237   13.680  1.00 19.42  ? 20  LYS A O   1 
ATOM   159  C CB  . LYS A 1 20 ? -6.477  11.003  12.011  1.00 20.69  ? 20  LYS A CB  1 
ATOM   160  C CG  . LYS A 1 20 ? -6.968  12.436  11.909  1.00 24.71  ? 20  LYS A CG  1 
ATOM   161  C CD  . LYS A 1 20 ? -6.702  12.984  10.530  1.00 28.90  ? 20  LYS A CD  1 
ATOM   162  C CE  . LYS A 1 20 ? -7.612  14.156  10.237  1.00 30.31  ? 20  LYS A CE  1 
ATOM   163  N NZ  . LYS A 1 20 ? -7.470  14.567  8.812   1.00 35.85  ? 20  LYS A NZ  1 
ATOM   164  N N   . GLU A 1 21 ? -7.366  8.079   12.105  1.00 18.14  ? 21  GLU A N   1 
ATOM   165  C CA  . GLU A 1 21 ? -7.067  6.683   11.775  1.00 17.72  ? 21  GLU A CA  1 
ATOM   166  C C   . GLU A 1 21 ? -6.331  6.711   10.440  1.00 15.53  ? 21  GLU A C   1 
ATOM   167  O O   . GLU A 1 21 ? -6.705  7.459   9.538   1.00 14.34  ? 21  GLU A O   1 
ATOM   168  C CB  A GLU A 1 21 ? -8.336  5.849   11.659  0.50 18.23  ? 21  GLU A CB  1 
ATOM   169  C CB  B GLU A 1 21 ? -8.356  5.875   11.611  0.50 18.32  ? 21  GLU A CB  1 
ATOM   170  C CG  A GLU A 1 21 ? -8.490  4.855   12.786  0.50 21.87  ? 21  GLU A CG  1 
ATOM   171  C CG  B GLU A 1 21 ? -9.225  5.773   12.845  0.50 22.00  ? 21  GLU A CG  1 
ATOM   172  C CD  A GLU A 1 21 ? -9.373  3.669   12.428  0.50 23.63  ? 21  GLU A CD  1 
ATOM   173  C CD  B GLU A 1 21 ? -8.647  4.859   13.908  0.50 23.61  ? 21  GLU A CD  1 
ATOM   174  O OE1 A GLU A 1 21 ? -10.264 3.800   11.559  0.50 25.53  ? 21  GLU A OE1 1 
ATOM   175  O OE1 B GLU A 1 21 ? -8.671  3.622   13.727  0.50 25.69  ? 21  GLU A OE1 1 
ATOM   176  O OE2 A GLU A 1 21 ? -9.171  2.592   13.027  0.50 26.03  ? 21  GLU A OE2 1 
ATOM   177  O OE2 B GLU A 1 21 ? -8.183  5.383   14.936  0.50 24.10  ? 21  GLU A OE2 1 
ATOM   178  N N   . ALA A 1 22 ? -5.298  5.882   10.321  1.00 14.37  ? 22  ALA A N   1 
ATOM   179  C CA  . ALA A 1 22 ? -4.474  5.804   9.099   1.00 11.21  ? 22  ALA A CA  1 
ATOM   180  C C   . ALA A 1 22 ? -4.038  4.376   8.827   1.00 9.00   ? 22  ALA A C   1 
ATOM   181  O O   . ALA A 1 22 ? -3.853  3.568   9.741   1.00 9.32   ? 22  ALA A O   1 
ATOM   182  C CB  . ALA A 1 22 ? -3.245  6.717   9.214   1.00 10.63  ? 22  ALA A CB  1 
ATOM   183  N N   . LEU A 1 23 ? -3.858  4.087   7.547   1.00 8.91   ? 23  LEU A N   1 
ATOM   184  C CA  . LEU A 1 23 ? -3.453  2.762   7.064   1.00 8.92   ? 23  LEU A CA  1 
ATOM   185  C C   . LEU A 1 23 ? -1.934  2.693   6.887   1.00 7.78   ? 23  LEU A C   1 
ATOM   186  O O   . LEU A 1 23 ? -1.358  3.551   6.237   1.00 8.41   ? 23  LEU A O   1 
ATOM   187  C CB  . LEU A 1 23 ? -4.142  2.512   5.713   1.00 10.40  ? 23  LEU A CB  1 
ATOM   188  C CG  . LEU A 1 23 ? -3.961  1.197   4.948   1.00 12.70  ? 23  LEU A CG  1 
ATOM   189  C CD1 . LEU A 1 23 ? -4.649  0.054   5.679   1.00 14.34  ? 23  LEU A CD1 1 
ATOM   190  C CD2 . LEU A 1 23 ? -4.599  1.375   3.568   1.00 13.46  ? 23  LEU A CD2 1 
ATOM   191  N N   . LEU A 1 24 ? -1.298  1.694   7.511   1.00 7.56   ? 24  LEU A N   1 
ATOM   192  C CA  . LEU A 1 24 ? 0.153   1.487   7.374   1.00 7.44   ? 24  LEU A CA  1 
ATOM   193  C C   . LEU A 1 24 ? 0.266   0.834   6.013   1.00 7.68   ? 24  LEU A C   1 
ATOM   194  O O   . LEU A 1 24 ? -0.138  -0.314  5.814   1.00 8.36   ? 24  LEU A O   1 
ATOM   195  C CB  . LEU A 1 24 ? 0.673   0.575   8.480   1.00 7.77   ? 24  LEU A CB  1 
ATOM   196  C CG  . LEU A 1 24 ? 0.382   1.116   9.877   1.00 9.42   ? 24  LEU A CG  1 
ATOM   197  C CD1 . LEU A 1 24 ? 0.903   0.114   10.903  1.00 11.80  ? 24  LEU A CD1 1 
ATOM   198  C CD2 . LEU A 1 24 ? 1.018   2.489   10.080  1.00 11.32  ? 24  LEU A CD2 1 
ATOM   199  N N   . ASP A 1 25 ? 0.824   1.587   5.075   1.00 5.85   ? 25  ASP A N   1 
ATOM   200  C CA  . ASP A 1 25 ? 0.892   1.150   3.681   1.00 5.92   ? 25  ASP A CA  1 
ATOM   201  C C   . ASP A 1 25 ? 2.311   1.011   3.140   1.00 5.75   ? 25  ASP A C   1 
ATOM   202  O O   . ASP A 1 25 ? 2.915   2.000   2.748   1.00 5.87   ? 25  ASP A O   1 
ATOM   203  C CB  . ASP A 1 25 ? 0.079   2.178   2.874   1.00 5.39   ? 25  ASP A CB  1 
ATOM   204  C CG  . ASP A 1 25 ? -0.135  1.788   1.417   1.00 9.75   ? 25  ASP A CG  1 
ATOM   205  O OD1 . ASP A 1 25 ? 0.362   0.749   0.941   1.00 9.20   ? 25  ASP A OD1 1 
ATOM   206  O OD2 . ASP A 1 25 ? -0.830  2.558   0.736   1.00 11.03  ? 25  ASP A OD2 1 
ATOM   207  N N   . THR A 1 26 ? 2.810   -0.224  3.080   1.00 4.86   ? 26  THR A N   1 
ATOM   208  C CA  . THR A 1 26 ? 4.170   -0.478  2.578   1.00 3.99   ? 26  THR A CA  1 
ATOM   209  C C   . THR A 1 26 ? 4.277   -0.227  1.080   1.00 5.18   ? 26  THR A C   1 
ATOM   210  O O   . THR A 1 26 ? 5.372   -0.085  0.554   1.00 6.58   ? 26  THR A O   1 
ATOM   211  C CB  . THR A 1 26 ? 4.628   -1.901  2.894   1.00 4.73   ? 26  THR A CB  1 
ATOM   212  O OG1 . THR A 1 26 ? 3.794   -2.832  2.191   1.00 5.72   ? 26  THR A OG1 1 
ATOM   213  C CG2 . THR A 1 26 ? 4.550   -2.161  4.396   1.00 5.08   ? 26  THR A CG2 1 
ATOM   214  N N   . GLY A 1 27 ? 3.139   -0.150  0.390   1.00 3.83   ? 27  GLY A N   1 
ATOM   215  C CA  . GLY A 1 27 ? 3.159   0.121   -1.034  1.00 5.73   ? 27  GLY A CA  1 
ATOM   216  C C   . GLY A 1 27 ? 3.120   1.609   -1.376  1.00 7.34   ? 27  GLY A C   1 
ATOM   217  O O   . GLY A 1 27 ? 3.059   1.971   -2.554  1.00 9.04   ? 27  GLY A O   1 
ATOM   218  N N   . ALA A 1 28 ? 3.170   2.474   -0.362  1.00 7.20   ? 28  ALA A N   1 
ATOM   219  C CA  . ALA A 1 28 ? 3.126   3.932   -0.593  1.00 6.35   ? 28  ALA A CA  1 
ATOM   220  C C   . ALA A 1 28 ? 4.479   4.564   -0.324  1.00 6.93   ? 28  ALA A C   1 
ATOM   221  O O   . ALA A 1 28 ? 5.055   4.363   0.751   1.00 5.59   ? 28  ALA A O   1 
ATOM   222  C CB  . ALA A 1 28 ? 2.072   4.573   0.294   1.00 6.12   ? 28  ALA A CB  1 
ATOM   223  N N   . ASP A 1 29 ? 4.993   5.321   -1.290  1.00 5.16   ? 29  ASP A N   1 
ATOM   224  C CA  . ASP A 1 29 ? 6.293   5.978   -1.089  1.00 8.87   ? 29  ASP A CA  1 
ATOM   225  C C   . ASP A 1 29 ? 6.162   7.075   -0.055  1.00 10.61  ? 29  ASP A C   1 
ATOM   226  O O   . ASP A 1 29 ? 7.031   7.251   0.798   1.00 8.32   ? 29  ASP A O   1 
ATOM   227  C CB  . ASP A 1 29 ? 6.795   6.645   -2.376  1.00 9.66   ? 29  ASP A CB  1 
ATOM   228  C CG  . ASP A 1 29 ? 7.235   5.660   -3.434  1.00 11.80  ? 29  ASP A CG  1 
ATOM   229  O OD1 . ASP A 1 29 ? 7.366   4.446   -3.156  1.00 11.25  ? 29  ASP A OD1 1 
ATOM   230  O OD2 . ASP A 1 29 ? 7.468   6.123   -4.567  1.00 15.75  ? 29  ASP A OD2 1 
ATOM   231  N N   . ASP A 1 30 ? 5.027   7.762   -0.121  1.00 9.64   ? 30  ASP A N   1 
ATOM   232  C CA  . ASP A 1 30 ? 4.744   8.917   0.727   1.00 10.67  ? 30  ASP A CA  1 
ATOM   233  C C   . ASP A 1 30 ? 3.542   8.759   1.628   1.00 8.81   ? 30  ASP A C   1 
ATOM   234  O O   . ASP A 1 30 ? 2.736   7.846   1.455   1.00 11.07  ? 30  ASP A O   1 
ATOM   235  C CB  . ASP A 1 30 ? 4.498   10.132  -0.172  1.00 16.41  ? 30  ASP A CB  1 
ATOM   236  C CG  . ASP A 1 30 ? 5.617   10.357  -1.178  1.00 19.07  ? 30  ASP A CG  1 
ATOM   237  O OD1 . ASP A 1 30 ? 6.746   10.632  -0.737  1.00 25.41  ? 30  ASP A OD1 1 
ATOM   238  O OD2 . ASP A 1 30 ? 5.362   10.231  -2.399  1.00 25.13  ? 30  ASP A OD2 1 
ATOM   239  N N   . THR A 1 31 ? 3.413   9.721   2.532   1.00 7.36   ? 31  THR A N   1 
ATOM   240  C CA  . THR A 1 31 ? 2.320   9.799   3.501   1.00 7.93   ? 31  THR A CA  1 
ATOM   241  C C   . THR A 1 31 ? 1.316   10.844  2.996   1.00 9.17   ? 31  THR A C   1 
ATOM   242  O O   . THR A 1 31 ? 1.672   12.006  2.751   1.00 8.20   ? 31  THR A O   1 
ATOM   243  C CB  . THR A 1 31 ? 2.870   10.182  4.875   1.00 7.95   ? 31  THR A CB  1 
ATOM   244  O OG1 . THR A 1 31 ? 3.587   9.056   5.401   1.00 7.91   ? 31  THR A OG1 1 
ATOM   245  C CG2 . THR A 1 31 ? 1.749   10.597  5.829   1.00 7.34   ? 31  THR A CG2 1 
ATOM   246  N N   . VAL A 1 32 ? 0.073   10.401  2.808   1.00 8.59   ? 32  VAL A N   1 
ATOM   247  C CA  . VAL A 1 32 ? -0.997  11.274  2.293   1.00 7.65   ? 32  VAL A CA  1 
ATOM   248  C C   . VAL A 1 32 ? -2.187  11.229  3.246   1.00 8.54   ? 32  VAL A C   1 
ATOM   249  O O   . VAL A 1 32 ? -2.754  10.169  3.505   1.00 9.11   ? 32  VAL A O   1 
ATOM   250  C CB  . VAL A 1 32 ? -1.433  10.853  0.872   1.00 9.90   ? 32  VAL A CB  1 
ATOM   251  C CG1 . VAL A 1 32 ? -2.301  11.957  0.238   1.00 9.18   ? 32  VAL A CG1 1 
ATOM   252  C CG2 . VAL A 1 32 ? -0.212  10.596  0.006   1.00 13.20  ? 32  VAL A CG2 1 
ATOM   253  N N   . ILE A 1 33 ? -2.560  12.403  3.742   1.00 8.16   ? 33  ILE A N   1 
ATOM   254  C CA  . ILE A 1 33 ? -3.649  12.560  4.714   1.00 10.85  ? 33  ILE A CA  1 
ATOM   255  C C   . ILE A 1 33 ? -4.823  13.302  4.076   1.00 11.70  ? 33  ILE A C   1 
ATOM   256  O O   . ILE A 1 33 ? -4.621  14.154  3.219   1.00 11.79  ? 33  ILE A O   1 
ATOM   257  C CB  . ILE A 1 33 ? -3.127  13.369  5.950   1.00 13.70  ? 33  ILE A CB  1 
ATOM   258  C CG1 . ILE A 1 33 ? -1.986  12.599  6.616   1.00 16.09  ? 33  ILE A CG1 1 
ATOM   259  C CG2 . ILE A 1 33 ? -4.237  13.617  6.994   1.00 15.20  ? 33  ILE A CG2 1 
ATOM   260  C CD1 . ILE A 1 33 ? -2.392  11.230  7.065   1.00 15.40  ? 33  ILE A CD1 1 
ATOM   261  N N   . GLU A 1 34 ? -6.041  12.972  4.501   1.00 11.61  ? 34  GLU A N   1 
ATOM   262  C CA  . GLU A 1 34 ? -7.254  13.625  3.991   1.00 14.56  ? 34  GLU A CA  1 
ATOM   263  C C   . GLU A 1 34 ? -7.146  15.112  4.266   1.00 16.73  ? 34  GLU A C   1 
ATOM   264  O O   . GLU A 1 34 ? -6.418  15.529  5.166   1.00 15.52  ? 34  GLU A O   1 
ATOM   265  C CB  A GLU A 1 34 ? -8.494  13.060  4.685   0.50 17.11  ? 34  GLU A CB  1 
ATOM   266  C CB  B GLU A 1 34 ? -8.483  13.074  4.723   0.50 15.34  ? 34  GLU A CB  1 
ATOM   267  C CG  A GLU A 1 34 ? -8.762  11.588  4.373   0.50 20.63  ? 34  GLU A CG  1 
ATOM   268  C CG  B GLU A 1 34 ? -8.499  13.364  6.232   0.50 15.50  ? 34  GLU A CG  1 
ATOM   269  C CD  A GLU A 1 34 ? -9.596  10.896  5.439   0.50 22.10  ? 34  GLU A CD  1 
ATOM   270  C CD  B GLU A 1 34 ? -9.469  12.486  7.004   0.50 17.97  ? 34  GLU A CD  1 
ATOM   271  O OE1 A GLU A 1 34 ? -9.968  11.544  6.444   0.50 25.43  ? 34  GLU A OE1 1 
ATOM   272  O OE1 B GLU A 1 34 ? -9.233  12.251  8.206   0.50 17.27  ? 34  GLU A OE1 1 
ATOM   273  O OE2 A GLU A 1 34 ? -9.863  9.688   5.281   0.50 24.56  ? 34  GLU A OE2 1 
ATOM   274  O OE2 B GLU A 1 34 ? -10.466 12.017  6.414   0.50 21.59  ? 34  GLU A OE2 1 
ATOM   275  N N   . GLU A 1 35 ? -7.898  15.903  3.510   1.00 20.17  ? 35  GLU A N   1 
ATOM   276  C CA  . GLU A 1 35 ? -7.883  17.364  3.661   1.00 25.41  ? 35  GLU A CA  1 
ATOM   277  C C   . GLU A 1 35 ? -8.141  17.820  5.092   1.00 26.00  ? 35  GLU A C   1 
ATOM   278  O O   . GLU A 1 35 ? -9.130  17.432  5.708   1.00 26.86  ? 35  GLU A O   1 
ATOM   279  C CB  . GLU A 1 35 ? -8.897  18.008  2.710   1.00 27.94  ? 35  GLU A CB  1 
ATOM   280  C CG  . GLU A 1 35 ? -8.290  18.458  1.391   1.00 33.35  ? 35  GLU A CG  1 
ATOM   281  C CD  . GLU A 1 35 ? -7.245  19.557  1.573   1.00 38.05  ? 35  GLU A CD  1 
ATOM   282  O OE1 . GLU A 1 35 ? -7.422  20.449  2.441   1.00 38.99  ? 35  GLU A OE1 1 
ATOM   283  O OE2 . GLU A 1 35 ? -6.240  19.528  0.829   1.00 41.57  ? 35  GLU A OE2 1 
ATOM   284  N N   . MET A 1 36 ? -7.224  18.623  5.621   1.00 27.18  ? 36  MET A N   1 
ATOM   285  C CA  . MET A 1 36 ? -7.340  19.143  6.993   1.00 26.83  ? 36  MET A CA  1 
ATOM   286  C C   . MET A 1 36 ? -6.451  20.366  7.135   1.00 27.97  ? 36  MET A C   1 
ATOM   287  O O   . MET A 1 36 ? -5.682  20.702  6.225   1.00 26.67  ? 36  MET A O   1 
ATOM   288  C CB  . MET A 1 36 ? -6.909  18.085  8.018   1.00 25.21  ? 36  MET A CB  1 
ATOM   289  C CG  . MET A 1 36 ? -5.423  17.804  8.041   1.00 26.35  ? 36  MET A CG  1 
ATOM   290  S SD  . MET A 1 36 ? -4.946  16.661  9.354   1.00 26.89  ? 36  MET A SD  1 
ATOM   291  C CE  . MET A 1 36 ? -4.653  17.760  10.756  1.00 27.46  ? 36  MET A CE  1 
ATOM   292  N N   . ASN A 1 37 ? -6.583  21.043  8.275   1.00 29.90  ? 37  ASN A N   1 
ATOM   293  C CA  . ASN A 1 37 ? -5.771  22.230  8.567   1.00 33.13  ? 37  ASN A CA  1 
ATOM   294  C C   . ASN A 1 37 ? -4.519  21.868  9.345   1.00 31.66  ? 37  ASN A C   1 
ATOM   295  O O   . ASN A 1 37 ? -4.583  21.313  10.441  1.00 31.63  ? 37  ASN A O   1 
ATOM   296  C CB  . ASN A 1 37 ? -6.571  23.272  9.345   1.00 36.45  ? 37  ASN A CB  1 
ATOM   297  C CG  . ASN A 1 37 ? -7.547  24.017  8.468   1.00 40.83  ? 37  ASN A CG  1 
ATOM   298  O OD1 . ASN A 1 37 ? -7.149  24.693  7.508   1.00 42.39  ? 37  ASN A OD1 1 
ATOM   299  N ND2 . ASN A 1 37 ? -8.840  23.888  8.778   1.00 42.44  ? 37  ASN A ND2 1 
ATOM   300  N N   . LEU A 1 38 ? -3.381  22.150  8.733   1.00 31.49  ? 38  LEU A N   1 
ATOM   301  C CA  . LEU A 1 38 ? -2.082  21.892  9.354   1.00 31.35  ? 38  LEU A CA  1 
ATOM   302  C C   . LEU A 1 38 ? -1.305  23.202  9.392   1.00 31.41  ? 38  LEU A C   1 
ATOM   303  O O   . LEU A 1 38 ? -1.309  23.972  8.425   1.00 30.28  ? 38  LEU A O   1 
ATOM   304  C CB  . LEU A 1 38 ? -1.293  20.839  8.569   1.00 28.36  ? 38  LEU A CB  1 
ATOM   305  C CG  . LEU A 1 38 ? -1.529  19.366  8.872   1.00 26.69  ? 38  LEU A CG  1 
ATOM   306  C CD1 . LEU A 1 38 ? -0.607  18.531  8.004   1.00 25.73  ? 38  LEU A CD1 1 
ATOM   307  C CD2 . LEU A 1 38 ? -1.249  19.099  10.332  1.00 24.40  ? 38  LEU A CD2 1 
ATOM   308  N N   . PRO A 1 39 ? -0.693  23.509  10.540  1.00 31.53  ? 39  PRO A N   1 
ATOM   309  C CA  . PRO A 1 39 ? 0.068   24.754  10.617  1.00 32.10  ? 39  PRO A CA  1 
ATOM   310  C C   . PRO A 1 39 ? 1.299   24.749  9.710   1.00 31.74  ? 39  PRO A C   1 
ATOM   311  O O   . PRO A 1 39 ? 1.772   23.700  9.272   1.00 32.18  ? 39  PRO A O   1 
ATOM   312  C CB  . PRO A 1 39 ? 0.432   24.843  12.107  1.00 32.13  ? 39  PRO A CB  1 
ATOM   313  C CG  . PRO A 1 39 ? 0.365   23.417  12.591  1.00 33.95  ? 39  PRO A CG  1 
ATOM   314  C CD  . PRO A 1 39 ? -0.837  22.885  11.868  1.00 32.78  ? 39  PRO A CD  1 
ATOM   315  N N   . GLY A 1 40 ? 1.783   25.940  9.389   1.00 32.14  ? 40  GLY A N   1 
ATOM   316  C CA  . GLY A 1 40 ? 2.961   26.050  8.556   1.00 31.76  ? 40  GLY A CA  1 
ATOM   317  C C   . GLY A 1 40 ? 2.678   26.213  7.083   1.00 32.28  ? 40  GLY A C   1 
ATOM   318  O O   . GLY A 1 40 ? 1.531   26.138  6.635   1.00 32.41  ? 40  GLY A O   1 
ATOM   319  N N   . LYS A 1 41 ? 3.743   26.462  6.328   1.00 31.69  ? 41  LYS A N   1 
ATOM   320  C CA  . LYS A 1 41 ? 3.645   26.639  4.878   1.00 30.99  ? 41  LYS A CA  1 
ATOM   321  C C   . LYS A 1 41 ? 3.550   25.276  4.175   1.00 31.06  ? 41  LYS A C   1 
ATOM   322  O O   . LYS A 1 41 ? 3.927   24.236  4.732   1.00 32.32  ? 41  LYS A O   1 
ATOM   323  C CB  . LYS A 1 41 ? 4.853   27.419  4.368   1.00 31.58  ? 41  LYS A CB  1 
ATOM   324  N N   . TRP A 1 42 ? 2.995   25.288  2.968   1.00 27.71  ? 42  TRP A N   1 
ATOM   325  C CA  . TRP A 1 42 ? 2.861   24.068  2.166   1.00 25.72  ? 42  TRP A CA  1 
ATOM   326  C C   . TRP A 1 42 ? 3.142   24.420  0.717   1.00 24.47  ? 42  TRP A C   1 
ATOM   327  O O   . TRP A 1 42 ? 2.919   25.555  0.294   1.00 26.28  ? 42  TRP A O   1 
ATOM   328  C CB  . TRP A 1 42 ? 1.456   23.463  2.305   1.00 24.79  ? 42  TRP A CB  1 
ATOM   329  C CG  . TRP A 1 42 ? 0.323   24.383  1.935   1.00 24.59  ? 42  TRP A CG  1 
ATOM   330  C CD1 . TRP A 1 42 ? -0.407  25.160  2.787   1.00 23.90  ? 42  TRP A CD1 1 
ATOM   331  C CD2 . TRP A 1 42 ? -0.235  24.588  0.627   1.00 24.43  ? 42  TRP A CD2 1 
ATOM   332  N NE1 . TRP A 1 42 ? -1.389  25.831  2.093   1.00 24.19  ? 42  TRP A NE1 1 
ATOM   333  C CE2 . TRP A 1 42 ? -1.308  25.498  0.769   1.00 24.96  ? 42  TRP A CE2 1 
ATOM   334  C CE3 . TRP A 1 42 ? 0.066   24.092  -0.648  1.00 25.42  ? 42  TRP A CE3 1 
ATOM   335  C CZ2 . TRP A 1 42 ? -2.088  25.922  -0.322  1.00 24.16  ? 42  TRP A CZ2 1 
ATOM   336  C CZ3 . TRP A 1 42 ? -0.712  24.516  -1.739  1.00 24.86  ? 42  TRP A CZ3 1 
ATOM   337  C CH2 . TRP A 1 42 ? -1.774  25.420  -1.563  1.00 24.77  ? 42  TRP A CH2 1 
ATOM   338  N N   . LYS A 1 43 ? 3.669   23.461  -0.032  1.00 21.71  ? 43  LYS A N   1 
ATOM   339  C CA  . LYS A 1 43 ? 3.960   23.681  -1.448  1.00 20.84  ? 43  LYS A CA  1 
ATOM   340  C C   . LYS A 1 43 ? 3.011   22.792  -2.226  1.00 20.49  ? 43  LYS A C   1 
ATOM   341  O O   . LYS A 1 43 ? 2.648   21.718  -1.756  1.00 20.23  ? 43  LYS A O   1 
ATOM   342  C CB  . LYS A 1 43 ? 5.408   23.296  -1.750  1.00 20.24  ? 43  LYS A CB  1 
ATOM   343  N N   . PRO A 1 44 ? 2.528   23.259  -3.386  1.00 20.05  ? 44  PRO A N   1 
ATOM   344  C CA  . PRO A 1 44 ? 1.617   22.417  -4.171  1.00 18.63  ? 44  PRO A CA  1 
ATOM   345  C C   . PRO A 1 44 ? 2.450   21.310  -4.820  1.00 17.61  ? 44  PRO A C   1 
ATOM   346  O O   . PRO A 1 44 ? 3.572   21.554  -5.272  1.00 18.58  ? 44  PRO A O   1 
ATOM   347  C CB  . PRO A 1 44 ? 1.085   23.384  -5.234  1.00 19.58  ? 44  PRO A CB  1 
ATOM   348  C CG  . PRO A 1 44 ? 1.290   24.747  -4.619  1.00 17.72  ? 44  PRO A CG  1 
ATOM   349  C CD  . PRO A 1 44 ? 2.609   24.615  -3.954  1.00 18.51  ? 44  PRO A CD  1 
ATOM   350  N N   . LYS A 1 45 ? 1.902   20.102  -4.865  1.00 15.55  ? 45  LYS A N   1 
ATOM   351  C CA  . LYS A 1 45 ? 2.596   18.951  -5.469  1.00 13.60  ? 45  LYS A CA  1 
ATOM   352  C C   . LYS A 1 45 ? 1.548   18.023  -6.050  1.00 13.28  ? 45  LYS A C   1 
ATOM   353  O O   . LYS A 1 45 ? 0.364   18.176  -5.773  1.00 15.56  ? 45  LYS A O   1 
ATOM   354  C CB  . LYS A 1 45 ? 3.418   18.188  -4.395  1.00 13.61  ? 45  LYS A CB  1 
ATOM   355  N N   . MET A 1 46 ? 1.989   17.094  -6.889  1.00 12.91  ? 46  MET A N   1 
ATOM   356  C CA  . MET A 1 46 ? 1.116   16.084  -7.497  1.00 15.03  ? 46  MET A CA  1 
ATOM   357  C C   . MET A 1 46 ? 1.678   14.714  -7.220  1.00 15.51  ? 46  MET A C   1 
ATOM   358  O O   . MET A 1 46 ? 2.885   14.513  -7.326  1.00 17.80  ? 46  MET A O   1 
ATOM   359  C CB  A MET A 1 46 ? 0.981   16.285  -9.002  0.50 16.19  ? 46  MET A CB  1 
ATOM   360  C CB  B MET A 1 46 ? 1.001   16.304  -9.002  0.50 15.12  ? 46  MET A CB  1 
ATOM   361  C CG  A MET A 1 46 ? -0.047  17.329  -9.385  0.50 21.37  ? 46  MET A CG  1 
ATOM   362  C CG  B MET A 1 46 ? -0.037  17.354  -9.376  0.50 19.06  ? 46  MET A CG  1 
ATOM   363  S SD  A MET A 1 46 ? -0.823  16.945  -10.967 0.50 25.68  ? 46  MET A SD  1 
ATOM   364  S SD  B MET A 1 46 ? 0.256   18.060  -10.993 0.50 21.82  ? 46  MET A SD  1 
ATOM   365  C CE  A MET A 1 46 ? -0.131  18.174  -11.942 0.50 25.69  ? 46  MET A CE  1 
ATOM   366  C CE  B MET A 1 46 ? 0.132   16.646  -12.009 0.50 20.93  ? 46  MET A CE  1 
ATOM   367  N N   . ILE A 1 47 ? 0.815   13.784  -6.829  1.00 13.84  ? 47  ILE A N   1 
ATOM   368  C CA  . ILE A 1 47 ? 1.247   12.402  -6.560  1.00 14.43  ? 47  ILE A CA  1 
ATOM   369  C C   . ILE A 1 47 ? 0.378   11.456  -7.357  1.00 14.08  ? 47  ILE A C   1 
ATOM   370  O O   . ILE A 1 47 ? -0.783  11.754  -7.638  1.00 13.77  ? 47  ILE A O   1 
ATOM   371  C CB  . ILE A 1 47 ? 1.141   12.026  -5.082  1.00 15.92  ? 47  ILE A CB  1 
ATOM   372  C CG1 . ILE A 1 47 ? -0.303  12.150  -4.603  1.00 15.00  ? 47  ILE A CG1 1 
ATOM   373  C CG2 . ILE A 1 47 ? 2.035   12.920  -4.263  1.00 18.80  ? 47  ILE A CG2 1 
ATOM   374  C CD1 . ILE A 1 47 ? -0.490  11.636  -3.210  1.00 20.39  ? 47  ILE A CD1 1 
ATOM   375  N N   . GLY A 1 48 ? 0.945   10.304  -7.684  1.00 14.09  ? 48  GLY A N   1 
ATOM   376  C CA  . GLY A 1 48 ? 0.237   9.327   -8.474  1.00 14.51  ? 48  GLY A CA  1 
ATOM   377  C C   . GLY A 1 48 ? -0.100  8.051   -7.749  1.00 15.32  ? 48  GLY A C   1 
ATOM   378  O O   . GLY A 1 48 ? 0.477   7.703   -6.724  1.00 16.63  ? 48  GLY A O   1 
ATOM   379  N N   . GLY A 1 49 ? -1.042  7.324   -8.318  1.00 15.67  ? 49  GLY A N   1 
ATOM   380  C CA  . GLY A 1 49 ? -1.456  6.084   -7.714  1.00 17.91  ? 49  GLY A CA  1 
ATOM   381  C C   . GLY A 1 49 ? -1.990  5.197   -8.801  1.00 18.69  ? 49  GLY A C   1 
ATOM   382  O O   . GLY A 1 49 ? -1.568  5.316   -9.948  1.00 17.46  ? 49  GLY A O   1 
ATOM   383  N N   . ILE A 1 50 ? -2.972  4.372   -8.456  1.00 21.02  ? 50  ILE A N   1 
ATOM   384  C CA  . ILE A 1 50 ? -3.555  3.429   -9.421  1.00 23.38  ? 50  ILE A CA  1 
ATOM   385  C C   . ILE A 1 50 ? -4.412  4.095   -10.500 1.00 25.54  ? 50  ILE A C   1 
ATOM   386  O O   . ILE A 1 50 ? -4.255  3.785   -11.683 1.00 29.48  ? 50  ILE A O   1 
ATOM   387  C CB  . ILE A 1 50 ? -4.345  2.289   -8.704  1.00 23.82  ? 50  ILE A CB  1 
ATOM   388  C CG1 . ILE A 1 50 ? -4.341  1.016   -9.552  1.00 25.11  ? 50  ILE A CG1 1 
ATOM   389  C CG2 . ILE A 1 50 ? -5.780  2.704   -8.435  1.00 23.28  ? 50  ILE A CG2 1 
ATOM   390  C CD1 . ILE A 1 50 ? -3.374  -0.045  -9.070  1.00 24.19  ? 50  ILE A CD1 1 
ATOM   391  N N   . GLY A 1 51 ? -5.256  5.048   -10.117 1.00 24.95  ? 51  GLY A N   1 
ATOM   392  C CA  . GLY A 1 51 ? -6.118  5.691   -11.095 1.00 24.91  ? 51  GLY A CA  1 
ATOM   393  C C   . GLY A 1 51 ? -5.609  6.936   -11.800 1.00 25.60  ? 51  GLY A C   1 
ATOM   394  O O   . GLY A 1 51 ? -6.306  7.486   -12.653 1.00 27.44  ? 51  GLY A O   1 
ATOM   395  N N   . GLY A 1 52 ? -4.416  7.393   -11.436 1.00 24.31  ? 52  GLY A N   1 
ATOM   396  C CA  . GLY A 1 52 ? -3.846  8.587   -12.044 1.00 20.39  ? 52  GLY A CA  1 
ATOM   397  C C   . GLY A 1 52 ? -3.179  9.492   -11.013 1.00 19.06  ? 52  GLY A C   1 
ATOM   398  O O   . GLY A 1 52 ? -2.688  9.019   -9.991  1.00 16.82  ? 52  GLY A O   1 
ATOM   399  N N   . PHE A 1 53 ? -3.173  10.796  -11.281 1.00 17.35  ? 53  PHE A N   1 
ATOM   400  C CA  . PHE A 1 53 ? -2.550  11.779  -10.385 1.00 16.02  ? 53  PHE A CA  1 
ATOM   401  C C   . PHE A 1 53 ? -3.547  12.699  -9.711  1.00 15.55  ? 53  PHE A C   1 
ATOM   402  O O   . PHE A 1 53 ? -4.586  13.022  -10.275 1.00 15.43  ? 53  PHE A O   1 
ATOM   403  C CB  . PHE A 1 53 ? -1.556  12.649  -11.160 1.00 15.76  ? 53  PHE A CB  1 
ATOM   404  C CG  . PHE A 1 53 ? -0.246  11.984  -11.425 1.00 19.55  ? 53  PHE A CG  1 
ATOM   405  C CD1 . PHE A 1 53 ? -0.126  11.015  -12.417 1.00 20.44  ? 53  PHE A CD1 1 
ATOM   406  C CD2 . PHE A 1 53 ? 0.869   12.297  -10.656 1.00 20.03  ? 53  PHE A CD2 1 
ATOM   407  C CE1 . PHE A 1 53 ? 1.082   10.365  -12.635 1.00 19.64  ? 53  PHE A CE1 1 
ATOM   408  C CE2 . PHE A 1 53 ? 2.081   11.655  -10.869 1.00 20.77  ? 53  PHE A CE2 1 
ATOM   409  C CZ  . PHE A 1 53 ? 2.182   10.683  -11.864 1.00 20.17  ? 53  PHE A CZ  1 
ATOM   410  N N   . ILE A 1 54 ? -3.226  13.105  -8.487  1.00 14.26  ? 54  ILE A N   1 
ATOM   411  C CA  . ILE A 1 54 ? -4.055  14.061  -7.746  1.00 12.56  ? 54  ILE A CA  1 
ATOM   412  C C   . ILE A 1 54 ? -3.161  15.200  -7.272  1.00 12.48  ? 54  ILE A C   1 
ATOM   413  O O   . ILE A 1 54 ? -1.930  15.068  -7.231  1.00 11.19  ? 54  ILE A O   1 
ATOM   414  C CB  . ILE A 1 54 ? -4.766  13.437  -6.530  1.00 12.85  ? 54  ILE A CB  1 
ATOM   415  C CG1 . ILE A 1 54 ? -3.756  12.919  -5.513  1.00 12.03  ? 54  ILE A CG1 1 
ATOM   416  C CG2 . ILE A 1 54 ? -5.660  12.289  -6.977  1.00 14.18  ? 54  ILE A CG2 1 
ATOM   417  C CD1 . ILE A 1 54 ? -4.398  12.604  -4.177  1.00 13.66  ? 54  ILE A CD1 1 
ATOM   418  N N   . LYS A 1 55 ? -3.780  16.338  -6.973  1.00 10.99  ? 55  LYS A N   1 
ATOM   419  C CA  . LYS A 1 55 ? -3.058  17.525  -6.479  1.00 10.52  ? 55  LYS A CA  1 
ATOM   420  C C   . LYS A 1 55 ? -3.119  17.525  -4.958  1.00 10.59  ? 55  LYS A C   1 
ATOM   421  O O   . LYS A 1 55 ? -4.190  17.366  -4.371  1.00 12.28  ? 55  LYS A O   1 
ATOM   422  C CB  . LYS A 1 55 ? -3.677  18.804  -7.044  0.50 9.89   ? 55  LYS A CB  1 
ATOM   423  C CG  . LYS A 1 55 ? -3.329  19.041  -8.507  0.50 10.30  ? 55  LYS A CG  1 
ATOM   424  C CD  . LYS A 1 55 ? -4.181  20.148  -9.109  0.50 14.41  ? 55  LYS A CD  1 
ATOM   425  C CE  . LYS A 1 55 ? -3.980  21.470  -8.400  0.50 13.77  ? 55  LYS A CE  1 
ATOM   426  N NZ  . LYS A 1 55 ? -4.950  22.480  -8.907  0.50 17.29  ? 55  LYS A NZ  1 
ATOM   427  N N   . VAL A 1 56 ? -1.962  17.696  -4.322  1.00 9.71   ? 56  VAL A N   1 
ATOM   428  C CA  . VAL A 1 56 ? -1.881  17.691  -2.854  1.00 9.90   ? 56  VAL A CA  1 
ATOM   429  C C   . VAL A 1 56 ? -1.098  18.896  -2.325  1.00 11.64  ? 56  VAL A C   1 
ATOM   430  O O   . VAL A 1 56 ? -0.450  19.586  -3.093  1.00 11.98  ? 56  VAL A O   1 
ATOM   431  C CB  . VAL A 1 56 ? -1.192  16.386  -2.344  1.00 9.76   ? 56  VAL A CB  1 
ATOM   432  C CG1 . VAL A 1 56 ? -2.039  15.172  -2.670  1.00 10.19  ? 56  VAL A CG1 1 
ATOM   433  C CG2 . VAL A 1 56 ? 0.182   16.228  -2.972  1.00 11.73  ? 56  VAL A CG2 1 
ATOM   434  N N   . ARG A 1 57 ? -1.209  19.170  -1.026  1.00 11.23  ? 57  ARG A N   1 
ATOM   435  C CA  . ARG A 1 57 ? -0.456  20.269  -0.392  1.00 13.75  ? 57  ARG A CA  1 
ATOM   436  C C   . ARG A 1 57 ? 0.676   19.574  0.325   1.00 13.50  ? 57  ARG A C   1 
ATOM   437  O O   . ARG A 1 57 ? 0.439   18.650  1.087   1.00 13.56  ? 57  ARG A O   1 
ATOM   438  C CB  . ARG A 1 57 ? -1.307  20.993  0.649   1.00 15.42  ? 57  ARG A CB  1 
ATOM   439  C CG  . ARG A 1 57 ? -2.447  21.777  0.054   1.00 22.91  ? 57  ARG A CG  1 
ATOM   440  C CD  . ARG A 1 57 ? -3.702  21.673  0.909   1.00 29.63  ? 57  ARG A CD  1 
ATOM   441  N NE  . ARG A 1 57 ? -3.796  22.664  1.990   1.00 34.97  ? 57  ARG A NE  1 
ATOM   442  C CZ  . ARG A 1 57 ? -4.538  23.770  1.920   1.00 37.68  ? 57  ARG A CZ  1 
ATOM   443  N NH1 . ARG A 1 57 ? -5.243  24.036  0.824   1.00 38.76  ? 57  ARG A NH1 1 
ATOM   444  N NH2 . ARG A 1 57 ? -4.615  24.589  2.959   1.00 37.83  ? 57  ARG A NH2 1 
ATOM   445  N N   . GLN A 1 58 ? 1.912   19.965  0.052   1.00 14.01  ? 58  GLN A N   1 
ATOM   446  C CA  . GLN A 1 58 ? 3.038   19.323  0.730   1.00 13.56  ? 58  GLN A CA  1 
ATOM   447  C C   . GLN A 1 58 ? 3.516   20.087  1.964   1.00 15.20  ? 58  GLN A C   1 
ATOM   448  O O   . GLN A 1 58 ? 3.913   21.247  1.854   1.00 16.57  ? 58  GLN A O   1 
ATOM   449  C CB  . GLN A 1 58 ? 4.205   19.142  -0.231  1.00 15.51  ? 58  GLN A CB  1 
ATOM   450  C CG  . GLN A 1 58 ? 5.410   18.514  0.447   1.00 20.13  ? 58  GLN A CG  1 
ATOM   451  C CD  . GLN A 1 58 ? 6.588   18.435  -0.463  1.00 24.34  ? 58  GLN A CD  1 
ATOM   452  O OE1 . GLN A 1 58 ? 6.436   18.373  -1.680  1.00 26.59  ? 58  GLN A OE1 1 
ATOM   453  N NE2 . GLN A 1 58 ? 7.783   18.453  0.114   1.00 28.41  ? 58  GLN A NE2 1 
ATOM   454  N N   . TYR A 1 59 ? 3.453   19.439  3.129   1.00 15.28  ? 59  TYR A N   1 
ATOM   455  C CA  . TYR A 1 59 ? 3.935   20.024  4.399   1.00 15.66  ? 59  TYR A CA  1 
ATOM   456  C C   . TYR A 1 59 ? 5.218   19.298  4.790   1.00 16.23  ? 59  TYR A C   1 
ATOM   457  O O   . TYR A 1 59 ? 5.279   18.062  4.783   1.00 15.77  ? 59  TYR A O   1 
ATOM   458  C CB  . TYR A 1 59 ? 2.903   19.876  5.527   1.00 15.84  ? 59  TYR A CB  1 
ATOM   459  C CG  . TYR A 1 59 ? 1.672   20.738  5.367   1.00 17.73  ? 59  TYR A CG  1 
ATOM   460  C CD1 . TYR A 1 59 ? 0.565   20.281  4.657   1.00 18.31  ? 59  TYR A CD1 1 
ATOM   461  C CD2 . TYR A 1 59 ? 1.619   22.015  5.916   1.00 19.09  ? 59  TYR A CD2 1 
ATOM   462  C CE1 . TYR A 1 59 ? -0.563  21.065  4.496   1.00 18.80  ? 59  TYR A CE1 1 
ATOM   463  C CE2 . TYR A 1 59 ? 0.495   22.814  5.763   1.00 20.46  ? 59  TYR A CE2 1 
ATOM   464  C CZ  . TYR A 1 59 ? -0.598  22.331  5.051   1.00 20.67  ? 59  TYR A CZ  1 
ATOM   465  O OH  . TYR A 1 59 ? -1.730  23.099  4.915   1.00 19.63  ? 59  TYR A OH  1 
ATOM   466  N N   . ASP A 1 60 ? 6.248   20.071  5.114   1.00 17.23  ? 60  ASP A N   1 
ATOM   467  C CA  . ASP A 1 60 ? 7.549   19.504  5.499   1.00 19.72  ? 60  ASP A CA  1 
ATOM   468  C C   . ASP A 1 60 ? 7.798   19.513  6.999   1.00 18.53  ? 60  ASP A C   1 
ATOM   469  O O   . ASP A 1 60 ? 7.254   20.338  7.722   1.00 17.83  ? 60  ASP A O   1 
ATOM   470  C CB  . ASP A 1 60 ? 8.684   20.256  4.799   1.00 21.78  ? 60  ASP A CB  1 
ATOM   471  C CG  . ASP A 1 60 ? 8.768   19.942  3.321   1.00 24.86  ? 60  ASP A CG  1 
ATOM   472  O OD1 . ASP A 1 60 ? 8.446   18.798  2.932   1.00 26.03  ? 60  ASP A OD1 1 
ATOM   473  O OD2 . ASP A 1 60 ? 9.177   20.835  2.547   1.00 27.45  ? 60  ASP A OD2 1 
ATOM   474  N N   . GLN A 1 61 ? 8.572   18.541  7.456   1.00 18.19  ? 61  GLN A N   1 
ATOM   475  C CA  . GLN A 1 61 ? 8.969   18.421  8.871   1.00 19.47  ? 61  GLN A CA  1 
ATOM   476  C C   . GLN A 1 61 ? 7.830   18.477  9.899   1.00 17.10  ? 61  GLN A C   1 
ATOM   477  O O   . GLN A 1 61 ? 7.929   19.161  10.913  1.00 16.61  ? 61  GLN A O   1 
ATOM   478  C CB  . GLN A 1 61 ? 10.032  19.490  9.178   1.00 21.74  ? 61  GLN A CB  1 
ATOM   479  C CG  . GLN A 1 61 ? 11.207  19.007  10.005  1.00 28.55  ? 61  GLN A CG  1 
ATOM   480  C CD  . GLN A 1 61 ? 12.291  20.077  10.152  1.00 33.33  ? 61  GLN A CD  1 
ATOM   481  O OE1 . GLN A 1 61 ? 12.521  20.610  11.244  1.00 35.30  ? 61  GLN A OE1 1 
ATOM   482  N NE2 . GLN A 1 61 ? 12.953  20.400  9.046   1.00 35.96  ? 61  GLN A NE2 1 
ATOM   483  N N   . ILE A 1 62 ? 6.772   17.708  9.649   1.00 15.88  ? 62  ILE A N   1 
ATOM   484  C CA  . ILE A 1 62 ? 5.599   17.649  10.541  1.00 13.84  ? 62  ILE A CA  1 
ATOM   485  C C   . ILE A 1 62 ? 5.713   16.475  11.502  1.00 13.53  ? 62  ILE A C   1 
ATOM   486  O O   . ILE A 1 62 ? 5.992   15.350  11.076  1.00 11.74  ? 62  ILE A O   1 
ATOM   487  C CB  . ILE A 1 62 ? 4.293   17.449  9.719   1.00 15.38  ? 62  ILE A CB  1 
ATOM   488  C CG1 . ILE A 1 62 ? 3.982   18.704  8.906   1.00 17.23  ? 62  ILE A CG1 1 
ATOM   489  C CG2 . ILE A 1 62 ? 3.127   17.101  10.628  1.00 12.76  ? 62  ILE A CG2 1 
ATOM   490  C CD1 . ILE A 1 62 ? 3.575   19.884  9.750   1.00 19.07  ? 62  ILE A CD1 1 
ATOM   491  N N   . PRO A 1 63 ? 5.507   16.715  12.810  1.00 13.10  ? 63  PRO A N   1 
ATOM   492  C CA  . PRO A 1 63 ? 5.585   15.640  13.802  1.00 12.16  ? 63  PRO A CA  1 
ATOM   493  C C   . PRO A 1 63 ? 4.325   14.774  13.731  1.00 13.55  ? 63  PRO A C   1 
ATOM   494  O O   . PRO A 1 63 ? 3.198   15.291  13.740  1.00 13.91  ? 63  PRO A O   1 
ATOM   495  C CB  . PRO A 1 63 ? 5.646   16.401  15.132  1.00 13.58  ? 63  PRO A CB  1 
ATOM   496  C CG  . PRO A 1 63 ? 6.209   17.750  14.741  1.00 15.38  ? 63  PRO A CG  1 
ATOM   497  C CD  . PRO A 1 63 ? 5.451   18.029  13.479  1.00 14.27  ? 63  PRO A CD  1 
ATOM   498  N N   . VAL A 1 64 ? 4.514   13.463  13.645  1.00 11.63  ? 64  VAL A N   1 
ATOM   499  C CA  . VAL A 1 64 ? 3.382   12.527  13.583  1.00 12.10  ? 64  VAL A CA  1 
ATOM   500  C C   . VAL A 1 64 ? 3.665   11.413  14.586  1.00 14.44  ? 64  VAL A C   1 
ATOM   501  O O   . VAL A 1 64 ? 4.778   10.895  14.645  1.00 15.80  ? 64  VAL A O   1 
ATOM   502  C CB  . VAL A 1 64 ? 3.228   11.913  12.167  1.00 13.96  ? 64  VAL A CB  1 
ATOM   503  C CG1 . VAL A 1 64 ? 2.021   10.998  12.102  1.00 13.54  ? 64  VAL A CG1 1 
ATOM   504  C CG2 . VAL A 1 64 ? 3.110   13.003  11.127  1.00 12.07  ? 64  VAL A CG2 1 
ATOM   505  N N   . GLU A 1 65 ? 2.670   11.070  15.399  1.00 13.10  ? 65  GLU A N   1 
ATOM   506  C CA  . GLU A 1 65 ? 2.827   10.005  16.393  1.00 16.42  ? 65  GLU A CA  1 
ATOM   507  C C   . GLU A 1 65 ? 1.997   8.830   15.920  1.00 15.96  ? 65  GLU A C   1 
ATOM   508  O O   . GLU A 1 65 ? 0.777   8.932   15.770  1.00 16.42  ? 65  GLU A O   1 
ATOM   509  C CB  . GLU A 1 65 ? 2.364   10.487  17.757  1.00 19.47  ? 65  GLU A CB  1 
ATOM   510  C CG  . GLU A 1 65 ? 2.844   9.633   18.883  1.00 27.29  ? 65  GLU A CG  1 
ATOM   511  C CD  . GLU A 1 65 ? 2.450   10.227  20.203  1.00 31.75  ? 65  GLU A CD  1 
ATOM   512  O OE1 . GLU A 1 65 ? 3.120   11.192  20.630  1.00 36.03  ? 65  GLU A OE1 1 
ATOM   513  O OE2 . GLU A 1 65 ? 1.451   9.759   20.790  1.00 34.63  ? 65  GLU A OE2 1 
ATOM   514  N N   . ILE A 1 66 ? 2.686   7.741   15.610  1.00 13.34  ? 66  ILE A N   1 
ATOM   515  C CA  . ILE A 1 66 ? 2.057   6.525   15.083  1.00 11.89  ? 66  ILE A CA  1 
ATOM   516  C C   . ILE A 1 66 ? 2.092   5.435   16.139  1.00 13.47  ? 66  ILE A C   1 
ATOM   517  O O   . ILE A 1 66 ? 3.159   4.898   16.450  1.00 12.60  ? 66  ILE A O   1 
ATOM   518  C CB  . ILE A 1 66 ? 2.822   6.054   13.806  1.00 11.84  ? 66  ILE A CB  1 
ATOM   519  C CG1 . ILE A 1 66 ? 2.901   7.208   12.805  1.00 11.54  ? 66  ILE A CG1 1 
ATOM   520  C CG2 . ILE A 1 66 ? 2.131   4.855   13.175  1.00 8.27   ? 66  ILE A CG2 1 
ATOM   521  C CD1 . ILE A 1 66 ? 3.954   7.037   11.710  1.00 15.18  ? 66  ILE A CD1 1 
HETATM 522  N N   . ABA A 1 67 ? 0.927   5.126   16.704  1.00 15.74  ? 67  ABA A N   1 
HETATM 523  C CA  . ABA A 1 67 ? 0.818   4.091   17.762  1.00 16.34  ? 67  ABA A CA  1 
HETATM 524  C C   . ABA A 1 67 ? 1.849   4.299   18.870  1.00 16.19  ? 67  ABA A C   1 
HETATM 525  O O   . ABA A 1 67 ? 2.493   3.351   19.316  1.00 17.87  ? 67  ABA A O   1 
HETATM 526  C CB  . ABA A 1 67 ? 0.961   2.687   17.175  1.00 15.42  ? 67  ABA A CB  1 
HETATM 527  C CG  . ABA A 1 67 ? -0.080  2.359   16.178  1.00 17.82  ? 67  ABA A CG  1 
ATOM   528  N N   . GLY A 1 68 ? 2.028   5.549   19.275  1.00 16.31  ? 68  GLY A N   1 
ATOM   529  C CA  . GLY A 1 68 ? 2.977   5.865   20.327  1.00 16.55  ? 68  GLY A CA  1 
ATOM   530  C C   . GLY A 1 68 ? 4.416   6.106   19.885  1.00 16.53  ? 68  GLY A C   1 
ATOM   531  O O   . GLY A 1 68 ? 5.261   6.465   20.707  1.00 18.23  ? 68  GLY A O   1 
ATOM   532  N N   . HIS A 1 69 ? 4.706   5.933   18.602  1.00 14.46  ? 69  HIS A N   1 
ATOM   533  C CA  . HIS A 1 69 ? 6.070   6.135   18.115  1.00 13.70  ? 69  HIS A CA  1 
ATOM   534  C C   . HIS A 1 69 ? 6.141   7.446   17.382  1.00 15.13  ? 69  HIS A C   1 
ATOM   535  O O   . HIS A 1 69 ? 5.261   7.775   16.603  1.00 13.76  ? 69  HIS A O   1 
ATOM   536  C CB  . HIS A 1 69 ? 6.489   4.976   17.219  1.00 14.75  ? 69  HIS A CB  1 
ATOM   537  C CG  . HIS A 1 69 ? 6.561   3.670   17.942  1.00 17.42  ? 69  HIS A CG  1 
ATOM   538  N ND1 . HIS A 1 69 ? 5.439   2.991   18.367  1.00 21.38  ? 69  HIS A ND1 1 
ATOM   539  C CD2 . HIS A 1 69 ? 7.621   2.937   18.368  1.00 16.44  ? 69  HIS A CD2 1 
ATOM   540  C CE1 . HIS A 1 69 ? 5.801   1.906   19.025  1.00 19.75  ? 69  HIS A CE1 1 
ATOM   541  N NE2 . HIS A 1 69 ? 7.121   1.851   19.039  1.00 20.74  ? 69  HIS A NE2 1 
ATOM   542  N N   . LYS A 1 70 ? 7.202   8.196   17.621  1.00 14.06  ? 70  LYS A N   1 
ATOM   543  C CA  . LYS A 1 70 ? 7.333   9.511   16.985  1.00 13.92  ? 70  LYS A CA  1 
ATOM   544  C C   . LYS A 1 70 ? 8.084   9.515   15.651  1.00 13.19  ? 70  LYS A C   1 
ATOM   545  O O   . LYS A 1 70 ? 9.039   8.776   15.445  1.00 14.95  ? 70  LYS A O   1 
ATOM   546  C CB  . LYS A 1 70 ? 7.958   10.513  17.978  0.50 13.89  ? 70  LYS A CB  1 
ATOM   547  C CG  . LYS A 1 70 ? 8.284   11.923  17.423  0.50 16.32  ? 70  LYS A CG  1 
ATOM   548  C CD  . LYS A 1 70 ? 7.058   12.724  16.950  0.50 14.64  ? 70  LYS A CD  1 
ATOM   549  C CE  . LYS A 1 70 ? 6.050   12.941  18.075  0.50 17.79  ? 70  LYS A CE  1 
ATOM   550  N NZ  . LYS A 1 70 ? 4.878   13.778  17.666  0.50 16.50  ? 70  LYS A NZ  1 
ATOM   551  N N   . ALA A 1 71 ? 7.571   10.319  14.729  1.00 12.08  ? 71  ALA A N   1 
ATOM   552  C CA  . ALA A 1 71 ? 8.173   10.518  13.407  1.00 9.33   ? 71  ALA A CA  1 
ATOM   553  C C   . ALA A 1 71 ? 8.056   12.004  13.090  1.00 9.65   ? 71  ALA A C   1 
ATOM   554  O O   . ALA A 1 71 ? 7.217   12.701  13.647  1.00 10.14  ? 71  ALA A O   1 
ATOM   555  C CB  . ALA A 1 71 ? 7.447   9.707   12.352  1.00 8.96   ? 71  ALA A CB  1 
ATOM   556  N N   . ILE A 1 72 ? 8.944   12.503  12.252  1.00 8.54   ? 72  ILE A N   1 
ATOM   557  C CA  . ILE A 1 72 ? 8.889   13.910  11.837  1.00 9.29   ? 72  ILE A CA  1 
ATOM   558  C C   . ILE A 1 72 ? 9.293   13.889  10.375  1.00 10.08  ? 72  ILE A C   1 
ATOM   559  O O   . ILE A 1 72 ? 10.423  13.519  10.029  1.00 12.27  ? 72  ILE A O   1 
ATOM   560  C CB  . ILE A 1 72 ? 9.865   14.831  12.622  1.00 10.23  ? 72  ILE A CB  1 
ATOM   561  C CG1 . ILE A 1 72 ? 9.542   14.819  14.118  1.00 8.89   ? 72  ILE A CG1 1 
ATOM   562  C CG2 . ILE A 1 72 ? 9.755   16.253  12.076  1.00 9.55   ? 72  ILE A CG2 1 
ATOM   563  C CD1 . ILE A 1 72 ? 10.592  15.491  14.973  1.00 10.63  ? 72  ILE A CD1 1 
ATOM   564  N N   . GLY A 1 73 ? 8.369   14.253  9.496   1.00 10.04  ? 73  GLY A N   1 
ATOM   565  C CA  . GLY A 1 73 ? 8.712   14.221  8.096   1.00 8.48   ? 73  GLY A CA  1 
ATOM   566  C C   . GLY A 1 73 ? 7.662   14.878  7.248   1.00 10.66  ? 73  GLY A C   1 
ATOM   567  O O   . GLY A 1 73 ? 6.799   15.595  7.755   1.00 11.88  ? 73  GLY A O   1 
ATOM   568  N N   . THR A 1 74 ? 7.724   14.592  5.957   1.00 10.07  ? 74  THR A N   1 
ATOM   569  C CA  . THR A 1 74 ? 6.791   15.156  4.983   1.00 11.08  ? 74  THR A CA  1 
ATOM   570  C C   . THR A 1 74 ? 5.426   14.473  4.996   1.00 12.00  ? 74  THR A C   1 
ATOM   571  O O   . THR A 1 74 ? 5.323   13.247  4.993   1.00 9.01   ? 74  THR A O   1 
ATOM   572  C CB  . THR A 1 74 ? 7.391   15.082  3.586   1.00 12.08  ? 74  THR A CB  1 
ATOM   573  O OG1 . THR A 1 74 ? 8.629   15.806  3.589   1.00 13.93  ? 74  THR A OG1 1 
ATOM   574  C CG2 . THR A 1 74 ? 6.425   15.678  2.534   1.00 10.72  ? 74  THR A CG2 1 
ATOM   575  N N   . VAL A 1 75 ? 4.383   15.294  5.013   1.00 11.88  ? 75  VAL A N   1 
ATOM   576  C CA  . VAL A 1 75 ? 2.999   14.818  5.001   1.00 10.33  ? 75  VAL A CA  1 
ATOM   577  C C   . VAL A 1 75 ? 2.292   15.549  3.850   1.00 10.58  ? 75  VAL A C   1 
ATOM   578  O O   . VAL A 1 75 ? 2.394   16.771  3.740   1.00 9.90   ? 75  VAL A O   1 
ATOM   579  C CB  . VAL A 1 75 ? 2.309   15.138  6.353   1.00 11.36  ? 75  VAL A CB  1 
ATOM   580  C CG1 . VAL A 1 75 ? 0.827   14.920  6.257   1.00 15.28  ? 75  VAL A CG1 1 
ATOM   581  C CG2 . VAL A 1 75 ? 2.862   14.268  7.450   1.00 10.99  ? 75  VAL A CG2 1 
ATOM   582  N N   . LEU A 1 76 ? 1.676   14.787  2.944   1.00 9.68   ? 76  LEU A N   1 
ATOM   583  C CA  . LEU A 1 76 ? 0.929   15.368  1.802   1.00 10.31  ? 76  LEU A CA  1 
ATOM   584  C C   . LEU A 1 76 ? -0.556  15.368  2.176   1.00 11.89  ? 76  LEU A C   1 
ATOM   585  O O   . LEU A 1 76 ? -1.082  14.349  2.626   1.00 14.67  ? 76  LEU A O   1 
ATOM   586  C CB  . LEU A 1 76 ? 1.147   14.533  0.530   1.00 10.40  ? 76  LEU A CB  1 
ATOM   587  C CG  . LEU A 1 76 ? 2.600   14.230  0.126   1.00 12.07  ? 76  LEU A CG  1 
ATOM   588  C CD1 . LEU A 1 76 ? 2.624   13.320  -1.062  1.00 12.00  ? 76  LEU A CD1 1 
ATOM   589  C CD2 . LEU A 1 76 ? 3.353   15.484  -0.202  1.00 12.36  ? 76  LEU A CD2 1 
ATOM   590  N N   . VAL A 1 77 ? -1.226  16.512  2.024   1.00 11.75  ? 77  VAL A N   1 
ATOM   591  C CA  . VAL A 1 77 ? -2.661  16.636  2.356   1.00 9.85   ? 77  VAL A CA  1 
ATOM   592  C C   . VAL A 1 77 ? -3.478  16.829  1.074   1.00 9.97   ? 77  VAL A C   1 
ATOM   593  O O   . VAL A 1 77 ? -3.163  17.695  0.251   1.00 9.72   ? 77  VAL A O   1 
ATOM   594  C CB  . VAL A 1 77 ? -2.903  17.810  3.348   1.00 9.51   ? 77  VAL A CB  1 
ATOM   595  C CG1 . VAL A 1 77 ? -4.390  18.034  3.553   1.00 10.02  ? 77  VAL A CG1 1 
ATOM   596  C CG2 . VAL A 1 77 ? -2.237  17.509  4.676   1.00 10.52  ? 77  VAL A CG2 1 
ATOM   597  N N   . GLY A 1 78 ? -4.512  16.009  0.893   1.00 8.86   ? 78  GLY A N   1 
ATOM   598  C CA  . GLY A 1 78 ? -5.302  16.109  -0.320  1.00 12.11  ? 78  GLY A CA  1 
ATOM   599  C C   . GLY A 1 78 ? -6.433  15.111  -0.366  1.00 13.36  ? 78  GLY A C   1 
ATOM   600  O O   . GLY A 1 78 ? -6.617  14.368  0.592   1.00 12.99  ? 78  GLY A O   1 
ATOM   601  N N   . PRO A 1 79 ? -7.195  15.056  -1.479  1.00 15.57  ? 79  PRO A N   1 
ATOM   602  C CA  . PRO A 1 79 ? -8.333  14.149  -1.664  1.00 16.05  ? 79  PRO A CA  1 
ATOM   603  C C   . PRO A 1 79 ? -8.030  12.656  -1.793  1.00 17.00  ? 79  PRO A C   1 
ATOM   604  O O   . PRO A 1 79 ? -8.227  12.057  -2.843  1.00 18.08  ? 79  PRO A O   1 
ATOM   605  C CB  . PRO A 1 79 ? -9.022  14.714  -2.909  1.00 13.28  ? 79  PRO A CB  1 
ATOM   606  C CG  . PRO A 1 79 ? -7.928  15.289  -3.683  1.00 14.84  ? 79  PRO A CG  1 
ATOM   607  C CD  . PRO A 1 79 ? -7.070  15.967  -2.635  1.00 15.51  ? 79  PRO A CD  1 
ATOM   608  N N   . THR A 1 80 ? -7.587  12.056  -0.698  1.00 16.79  ? 80  THR A N   1 
ATOM   609  C CA  . THR A 1 80 ? -7.274  10.627  -0.681  1.00 16.26  ? 80  THR A CA  1 
ATOM   610  C C   . THR A 1 80 ? -8.442  9.878   -0.065  1.00 16.08  ? 80  THR A C   1 
ATOM   611  O O   . THR A 1 80 ? -9.101  10.380  0.848   1.00 18.39  ? 80  THR A O   1 
ATOM   612  C CB  . THR A 1 80 ? -6.001  10.333  0.146   1.00 15.26  ? 80  THR A CB  1 
ATOM   613  O OG1 . THR A 1 80 ? -5.782  8.911   0.200   1.00 15.99  ? 80  THR A OG1 1 
ATOM   614  C CG2 . THR A 1 80 ? -6.138  10.884  1.558   1.00 16.14  ? 80  THR A CG2 1 
ATOM   615  N N   . PRO A 1 81 ? -8.757  8.685   -0.597  1.00 18.26  ? 81  PRO A N   1 
ATOM   616  C CA  . PRO A 1 81 ? -9.865  7.881   -0.065  1.00 16.52  ? 81  PRO A CA  1 
ATOM   617  C C   . PRO A 1 81 ? -9.688  7.417   1.380   1.00 17.58  ? 81  PRO A C   1 
ATOM   618  O O   . PRO A 1 81 ? -10.673 7.167   2.076   1.00 18.75  ? 81  PRO A O   1 
ATOM   619  C CB  . PRO A 1 81 ? -9.949  6.704   -1.037  1.00 18.29  ? 81  PRO A CB  1 
ATOM   620  C CG  . PRO A 1 81 ? -8.663  6.750   -1.818  1.00 20.25  ? 81  PRO A CG  1 
ATOM   621  C CD  . PRO A 1 81 ? -8.323  8.189   -1.916  1.00 18.35  ? 81  PRO A CD  1 
ATOM   622  N N   . VAL A 1 82 ? -8.437  7.360   1.840   1.00 15.11  ? 82  VAL A N   1 
ATOM   623  C CA  . VAL A 1 82 ? -8.108  6.928   3.214   1.00 14.24  ? 82  VAL A CA  1 
ATOM   624  C C   . VAL A 1 82 ? -6.768  7.557   3.639   1.00 12.48  ? 82  VAL A C   1 
ATOM   625  O O   . VAL A 1 82 ? -5.925  7.838   2.784   1.00 12.04  ? 82  VAL A O   1 
ATOM   626  C CB  . VAL A 1 82 ? -7.982  5.366   3.277   1.00 17.07  ? 82  VAL A CB  1 
ATOM   627  C CG1 . VAL A 1 82 ? -6.949  4.886   2.275   1.00 16.64  ? 82  VAL A CG1 1 
ATOM   628  C CG2 . VAL A 1 82 ? -7.617  4.890   4.685   1.00 16.07  ? 82  VAL A CG2 1 
ATOM   629  N N   . ASN A 1 83 ? -6.585  7.801   4.940   1.00 10.63  ? 83  ASN A N   1 
ATOM   630  C CA  . ASN A 1 83 ? -5.320  8.371   5.462   1.00 10.47  ? 83  ASN A CA  1 
ATOM   631  C C   . ASN A 1 83 ? -4.282  7.272   5.290   1.00 8.14   ? 83  ASN A C   1 
ATOM   632  O O   . ASN A 1 83 ? -4.527  6.129   5.674   1.00 8.07   ? 83  ASN A O   1 
ATOM   633  C CB  . ASN A 1 83 ? -5.460  8.758   6.942   1.00 10.07  ? 83  ASN A CB  1 
ATOM   634  C CG  . ASN A 1 83 ? -6.402  9.926   7.143   1.00 12.89  ? 83  ASN A CG  1 
ATOM   635  O OD1 . ASN A 1 83 ? -6.423  10.855  6.331   1.00 14.55  ? 83  ASN A OD1 1 
ATOM   636  N ND2 . ASN A 1 83 ? -7.208  9.875   8.209   1.00 9.48   ? 83  ASN A ND2 1 
ATOM   637  N N   . ILE A 1 84 ? -3.134  7.618   4.724   1.00 7.51   ? 84  ILE A N   1 
ATOM   638  C CA  . ILE A 1 84 ? -2.080  6.631   4.438   1.00 6.37   ? 84  ILE A CA  1 
ATOM   639  C C   . ILE A 1 84 ? -0.727  6.974   5.071   1.00 6.56   ? 84  ILE A C   1 
ATOM   640  O O   . ILE A 1 84 ? -0.241  8.083   4.906   1.00 5.23   ? 84  ILE A O   1 
ATOM   641  C CB  A ILE A 1 84 ? -1.881  6.492   2.905   0.50 8.54   ? 84  ILE A CB  1 
ATOM   642  C CB  B ILE A 1 84 ? -1.857  6.520   2.898   0.50 8.05   ? 84  ILE A CB  1 
ATOM   643  C CG1 A ILE A 1 84 ? -3.165  5.985   2.246   0.50 8.62   ? 84  ILE A CG1 1 
ATOM   644  C CG1 B ILE A 1 84 ? -3.134  6.052   2.192   0.50 7.74   ? 84  ILE A CG1 1 
ATOM   645  C CG2 A ILE A 1 84 ? -0.727  5.550   2.589   0.50 9.55   ? 84  ILE A CG2 1 
ATOM   646  C CG2 B ILE A 1 84 ? -0.704  5.578   2.577   0.50 9.08   ? 84  ILE A CG2 1 
ATOM   647  C CD1 A ILE A 1 84 ? -3.121  6.022   0.743   0.50 8.23   ? 84  ILE A CD1 1 
ATOM   648  C CD1 B ILE A 1 84 ? -3.565  4.659   2.568   0.50 6.17   ? 84  ILE A CD1 1 
ATOM   649  N N   . ILE A 1 85 ? -0.145  6.050   5.842   1.00 7.78   ? 85  ILE A N   1 
ATOM   650  C CA  . ILE A 1 85 ? 1.223   6.288   6.389   1.00 6.44   ? 85  ILE A CA  1 
ATOM   651  C C   . ILE A 1 85 ? 2.149   5.500   5.432   1.00 7.90   ? 85  ILE A C   1 
ATOM   652  O O   . ILE A 1 85 ? 2.049   4.266   5.331   1.00 7.62   ? 85  ILE A O   1 
ATOM   653  C CB  . ILE A 1 85 ? 1.419   5.767   7.826   1.00 7.95   ? 85  ILE A CB  1 
ATOM   654  C CG1 . ILE A 1 85 ? 0.423   6.432   8.787   1.00 5.67   ? 85  ILE A CG1 1 
ATOM   655  C CG2 . ILE A 1 85 ? 2.882   6.032   8.264   1.00 5.84   ? 85  ILE A CG2 1 
ATOM   656  C CD1 . ILE A 1 85 ? 0.603   7.928   8.904   1.00 8.48   ? 85  ILE A CD1 1 
ATOM   657  N N   . GLY A 1 86 ? 2.998   6.219   4.699   1.00 4.91   ? 86  GLY A N   1 
ATOM   658  C CA  . GLY A 1 86 ? 3.875   5.576   3.740   1.00 5.52   ? 86  GLY A CA  1 
ATOM   659  C C   . GLY A 1 86 ? 5.268   5.288   4.258   1.00 5.26   ? 86  GLY A C   1 
ATOM   660  O O   . GLY A 1 86 ? 5.587   5.621   5.396   1.00 5.93   ? 86  GLY A O   1 
ATOM   661  N N   . ARG A 1 87 ? 6.118   4.755   3.385   1.00 5.69   ? 87  ARG A N   1 
ATOM   662  C CA  . ARG A 1 87 ? 7.504   4.385   3.759   1.00 5.07   ? 87  ARG A CA  1 
ATOM   663  C C   . ARG A 1 87 ? 8.360   5.504   4.369   1.00 5.50   ? 87  ARG A C   1 
ATOM   664  O O   . ARG A 1 87 ? 9.227   5.244   5.198   1.00 6.58   ? 87  ARG A O   1 
ATOM   665  C CB  . ARG A 1 87 ? 8.218   3.723   2.569   1.00 2.62   ? 87  ARG A CB  1 
ATOM   666  C CG  . ARG A 1 87 ? 7.610   2.388   2.165   1.00 2.38   ? 87  ARG A CG  1 
ATOM   667  C CD  . ARG A 1 87 ? 8.433   1.668   1.080   1.00 4.06   ? 87  ARG A CD  1 
ATOM   668  N NE  . ARG A 1 87 ? 8.553   2.475   -0.156  1.00 9.09   ? 87  ARG A NE  1 
ATOM   669  C CZ  . ARG A 1 87 ? 9.617   3.206   -0.497  1.00 11.28  ? 87  ARG A CZ  1 
ATOM   670  N NH1 . ARG A 1 87 ? 10.696  3.243   0.285   1.00 9.74   ? 87  ARG A NH1 1 
ATOM   671  N NH2 . ARG A 1 87 ? 9.573   3.959   -1.591  1.00 9.99   ? 87  ARG A NH2 1 
ATOM   672  N N   . ASN A 1 88 ? 8.079   6.753   4.026   1.00 7.34   ? 88  ASN A N   1 
ATOM   673  C CA  . ASN A 1 88 ? 8.884   7.847   4.571   1.00 6.73   ? 88  ASN A CA  1 
ATOM   674  C C   . ASN A 1 88 ? 8.784   7.912   6.096   1.00 8.58   ? 88  ASN A C   1 
ATOM   675  O O   . ASN A 1 88 ? 9.770   8.187   6.768   1.00 6.93   ? 88  ASN A O   1 
ATOM   676  C CB  . ASN A 1 88 ? 8.536   9.182   3.894   1.00 7.59   ? 88  ASN A CB  1 
ATOM   677  C CG  . ASN A 1 88 ? 7.180   9.711   4.290   1.00 4.77   ? 88  ASN A CG  1 
ATOM   678  O OD1 . ASN A 1 88 ? 6.175   9.010   4.192   1.00 6.45   ? 88  ASN A OD1 1 
ATOM   679  N ND2 . ASN A 1 88 ? 7.147   10.964  4.750   1.00 6.43   ? 88  ASN A ND2 1 
ATOM   680  N N   . LEU A 1 89 ? 7.617   7.601   6.658   1.00 6.25   ? 89  LEU A N   1 
ATOM   681  C CA  . LEU A 1 89 ? 7.468   7.634   8.122   1.00 6.10   ? 89  LEU A CA  1 
ATOM   682  C C   . LEU A 1 89 ? 7.618   6.249   8.730   1.00 5.87   ? 89  LEU A C   1 
ATOM   683  O O   . LEU A 1 89 ? 8.034   6.117   9.870   1.00 6.91   ? 89  LEU A O   1 
ATOM   684  C CB  . LEU A 1 89 ? 6.126   8.233   8.534   1.00 6.72   ? 89  LEU A CB  1 
ATOM   685  C CG  . LEU A 1 89 ? 5.835   9.678   8.105   1.00 8.03   ? 89  LEU A CG  1 
ATOM   686  C CD1 . LEU A 1 89 ? 4.532   10.134  8.780   1.00 8.62   ? 89  LEU A CD1 1 
ATOM   687  C CD2 . LEU A 1 89 ? 7.021   10.607  8.473   1.00 8.49   ? 89  LEU A CD2 1 
ATOM   688  N N   . LEU A 1 90 ? 7.264   5.207   7.977   1.00 5.58   ? 90  LEU A N   1 
ATOM   689  C CA  . LEU A 1 90 ? 7.393   3.825   8.488   1.00 6.58   ? 90  LEU A CA  1 
ATOM   690  C C   . LEU A 1 90 ? 8.865   3.494   8.790   1.00 6.43   ? 90  LEU A C   1 
ATOM   691  O O   . LEU A 1 90 ? 9.167   2.796   9.769   1.00 6.15   ? 90  LEU A O   1 
ATOM   692  C CB  . LEU A 1 90 ? 6.800   2.815   7.487   1.00 6.80   ? 90  LEU A CB  1 
ATOM   693  C CG  . LEU A 1 90 ? 5.286   2.850   7.213   1.00 6.15   ? 90  LEU A CG  1 
ATOM   694  C CD1 . LEU A 1 90 ? 4.907   1.839   6.132   1.00 7.36   ? 90  LEU A CD1 1 
ATOM   695  C CD2 . LEU A 1 90 ? 4.514   2.615   8.503   1.00 5.69   ? 90  LEU A CD2 1 
ATOM   696  N N   . THR A 1 91 ? 9.773   4.004   7.953   1.00 7.64   ? 91  THR A N   1 
ATOM   697  C CA  . THR A 1 91 ? 11.218  3.768   8.172   1.00 7.68   ? 91  THR A CA  1 
ATOM   698  C C   . THR A 1 91 ? 11.683  4.452   9.458   1.00 8.87   ? 91  THR A C   1 
ATOM   699  O O   . THR A 1 91 ? 12.520  3.910   10.187  1.00 9.94   ? 91  THR A O   1 
ATOM   700  C CB  . THR A 1 91 ? 12.105  4.261   6.990   1.00 9.21   ? 91  THR A CB  1 
ATOM   701  O OG1 . THR A 1 91 ? 11.853  5.646   6.731   1.00 9.91   ? 91  THR A OG1 1 
ATOM   702  C CG2 . THR A 1 91 ? 11.839  3.460   5.731   1.00 8.80   ? 91  THR A CG2 1 
ATOM   703  N N   . GLN A 1 92 ? 11.126  5.625   9.757   1.00 9.18   ? 92  GLN A N   1 
ATOM   704  C CA  . GLN A 1 92 ? 11.509  6.364   10.978  1.00 9.40   ? 92  GLN A CA  1 
ATOM   705  C C   . GLN A 1 92 ? 11.147  5.642   12.257  1.00 11.03  ? 92  GLN A C   1 
ATOM   706  O O   . GLN A 1 92 ? 11.833  5.797   13.258  1.00 12.34  ? 92  GLN A O   1 
ATOM   707  C CB  . GLN A 1 92 ? 10.884  7.756   11.016  1.00 10.78  ? 92  GLN A CB  1 
ATOM   708  C CG  . GLN A 1 92 ? 11.305  8.659   9.884   1.00 9.01   ? 92  GLN A CG  1 
ATOM   709  C CD  . GLN A 1 92 ? 11.007  10.110  10.188  1.00 8.11   ? 92  GLN A CD  1 
ATOM   710  O OE1 . GLN A 1 92 ? 10.690  10.445  11.318  1.00 12.56  ? 92  GLN A OE1 1 
ATOM   711  N NE2 . GLN A 1 92 ? 11.095  10.969  9.184   1.00 8.07   ? 92  GLN A NE2 1 
ATOM   712  N N   . ILE A 1 93 ? 10.043  4.895   12.243  1.00 10.63  ? 93  ILE A N   1 
ATOM   713  C CA  . ILE A 1 93 ? 9.612   4.154   13.436  1.00 11.62  ? 93  ILE A CA  1 
ATOM   714  C C   . ILE A 1 93 ? 10.158  2.736   13.408  1.00 12.28  ? 93  ILE A C   1 
ATOM   715  O O   . ILE A 1 93 ? 9.841   1.926   14.291  1.00 13.17  ? 93  ILE A O   1 
ATOM   716  C CB  . ILE A 1 93 ? 8.065   4.144   13.631  1.00 11.08  ? 93  ILE A CB  1 
ATOM   717  C CG1 . ILE A 1 93 ? 7.361   3.344   12.531  1.00 11.22  ? 93  ILE A CG1 1 
ATOM   718  C CG2 . ILE A 1 93 ? 7.531   5.574   13.683  1.00 13.33  ? 93  ILE A CG2 1 
ATOM   719  C CD1 . ILE A 1 93 ? 5.865   3.245   12.739  1.00 10.19  ? 93  ILE A CD1 1 
ATOM   720  N N   . GLY A 1 94 ? 10.982  2.454   12.394  1.00 8.24   ? 94  GLY A N   1 
ATOM   721  C CA  . GLY A 1 94 ? 11.618  1.158   12.256  1.00 9.76   ? 94  GLY A CA  1 
ATOM   722  C C   . GLY A 1 94 ? 10.714  0.002   11.890  1.00 11.66  ? 94  GLY A C   1 
ATOM   723  O O   . GLY A 1 94 ? 10.944  -1.135  12.324  1.00 11.29  ? 94  GLY A O   1 
HETATM 724  N N   . ABA A 1 95 ? 9.714   0.272   11.054  1.00 8.83   ? 95  ABA A N   1 
HETATM 725  C CA  . ABA A 1 95 ? 8.774   -0.773  10.622  1.00 7.64   ? 95  ABA A CA  1 
HETATM 726  C C   . ABA A 1 95 ? 9.384   -1.667  9.534   1.00 8.59   ? 95  ABA A C   1 
HETATM 727  O O   . ABA A 1 95 ? 10.077  -1.184  8.626   1.00 9.53   ? 95  ABA A O   1 
HETATM 728  C CB  . ABA A 1 95 ? 7.464   -0.129  10.140  1.00 9.64   ? 95  ABA A CB  1 
HETATM 729  C CG  . ABA A 1 95 ? 6.355   -1.106  9.833   1.00 10.68  ? 95  ABA A CG  1 
ATOM   730  N N   . THR A 1 96 ? 9.187   -2.977  9.683   1.00 7.48   ? 96  THR A N   1 
ATOM   731  C CA  . THR A 1 96 ? 9.676   -3.974  8.714   1.00 9.61   ? 96  THR A CA  1 
ATOM   732  C C   . THR A 1 96 ? 8.581   -4.984  8.378   1.00 8.60   ? 96  THR A C   1 
ATOM   733  O O   . THR A 1 96 ? 7.623   -5.140  9.127   1.00 10.19  ? 96  THR A O   1 
ATOM   734  C CB  . THR A 1 96 ? 10.865  -4.813  9.272   1.00 9.80   ? 96  THR A CB  1 
ATOM   735  O OG1 . THR A 1 96 ? 10.458  -5.459  10.486  1.00 11.78  ? 96  THR A OG1 1 
ATOM   736  C CG2 . THR A 1 96 ? 12.124  -3.944  9.504   1.00 11.36  ? 96  THR A CG2 1 
ATOM   737  N N   . LEU A 1 97 ? 8.729   -5.643  7.234   1.00 9.51   ? 97  LEU A N   1 
ATOM   738  C CA  . LEU A 1 97 ? 7.813   -6.699  6.809   1.00 10.75  ? 97  LEU A CA  1 
ATOM   739  C C   . LEU A 1 97 ? 8.515   -8.001  7.166   1.00 12.27  ? 97  LEU A C   1 
ATOM   740  O O   . LEU A 1 97 ? 9.705   -8.162  6.905   1.00 11.53  ? 97  LEU A O   1 
ATOM   741  C CB  . LEU A 1 97 ? 7.577   -6.637  5.310   1.00 11.87  ? 97  LEU A CB  1 
ATOM   742  C CG  . LEU A 1 97 ? 6.496   -5.663  4.830   1.00 14.14  ? 97  LEU A CG  1 
ATOM   743  C CD1 . LEU A 1 97 ? 6.513   -5.590  3.305   1.00 13.40  ? 97  LEU A CD1 1 
ATOM   744  C CD2 . LEU A 1 97 ? 5.131   -6.142  5.332   1.00 13.44  ? 97  LEU A CD2 1 
ATOM   745  N N   . ASN A 1 98 ? 7.785   -8.910  7.804   1.00 13.49  ? 98  ASN A N   1 
ATOM   746  C CA  . ASN A 1 98 ? 8.352   -10.203 8.206   1.00 14.93  ? 98  ASN A CA  1 
ATOM   747  C C   . ASN A 1 98 ? 7.457   -11.390 7.823   1.00 15.59  ? 98  ASN A C   1 
ATOM   748  O O   . ASN A 1 98 ? 6.238   -11.319 7.944   1.00 15.47  ? 98  ASN A O   1 
ATOM   749  C CB  . ASN A 1 98 ? 8.586   -10.218 9.723   1.00 14.40  ? 98  ASN A CB  1 
ATOM   750  C CG  . ASN A 1 98 ? 9.534   -9.114  10.187  1.00 18.76  ? 98  ASN A CG  1 
ATOM   751  O OD1 . ASN A 1 98 ? 10.728  -9.346  10.361  1.00 21.81  ? 98  ASN A OD1 1 
ATOM   752  N ND2 . ASN A 1 98 ? 9.006   -7.917  10.385  1.00 17.30  ? 98  ASN A ND2 1 
ATOM   753  N N   . PHE A 1 99 ? 8.080   -12.453 7.322   1.00 16.24  ? 99  PHE A N   1 
ATOM   754  C CA  . PHE A 1 99 ? 7.387   -13.709 6.960   1.00 19.39  ? 99  PHE A CA  1 
ATOM   755  C C   . PHE A 1 99 ? 8.420   -14.855 6.857   1.00 22.39  ? 99  PHE A C   1 
ATOM   756  O O   . PHE A 1 99 ? 8.089   -15.959 6.372   1.00 23.87  ? 99  PHE A O   1 
ATOM   757  C CB  . PHE A 1 99 ? 6.519   -13.571 5.679   1.00 19.62  ? 99  PHE A CB  1 
ATOM   758  C CG  . PHE A 1 99 ? 7.288   -13.227 4.430   1.00 21.91  ? 99  PHE A CG  1 
ATOM   759  C CD1 . PHE A 1 99 ? 7.579   -11.902 4.116   1.00 20.93  ? 99  PHE A CD1 1 
ATOM   760  C CD2 . PHE A 1 99 ? 7.698   -14.231 3.549   1.00 23.53  ? 99  PHE A CD2 1 
ATOM   761  C CE1 . PHE A 1 99 ? 8.263   -11.580 2.956   1.00 22.31  ? 99  PHE A CE1 1 
ATOM   762  C CE2 . PHE A 1 99 ? 8.384   -13.917 2.379   1.00 24.23  ? 99  PHE A CE2 1 
ATOM   763  C CZ  . PHE A 1 99 ? 8.667   -12.586 2.084   1.00 25.29  ? 99  PHE A CZ  1 
ATOM   764  O OXT . PHE A 1 99 ? 9.567   -14.638 7.310   1.00 24.45  ? 99  PHE A OXT 1 
ATOM   765  N N   . PRO B 1 1  ? 12.002  -13.980 5.825   1.00 21.08  ? 1   PRO B N   1 
ATOM   766  C CA  . PRO B 1 1  ? 13.028  -12.912 5.868   1.00 20.30  ? 1   PRO B CA  1 
ATOM   767  C C   . PRO B 1 1  ? 12.425  -11.636 6.439   1.00 20.55  ? 1   PRO B C   1 
ATOM   768  O O   . PRO B 1 1  ? 11.210  -11.570 6.667   1.00 20.38  ? 1   PRO B O   1 
ATOM   769  C CB  . PRO B 1 1  ? 13.530  -12.671 4.450   1.00 21.53  ? 1   PRO B CB  1 
ATOM   770  C CG  . PRO B 1 1  ? 12.321  -13.011 3.668   1.00 22.33  ? 1   PRO B CG  1 
ATOM   771  C CD  . PRO B 1 1  ? 11.765  -14.234 4.377   1.00 20.30  ? 1   PRO B CD  1 
ATOM   772  N N   . GLN B 1 2  ? 13.285  -10.666 6.726   1.00 19.40  ? 2   GLN B N   1 
ATOM   773  C CA  . GLN B 1 2  ? 12.852  -9.362  7.246   1.00 19.73  ? 2   GLN B CA  1 
ATOM   774  C C   . GLN B 1 2  ? 13.173  -8.331  6.184   1.00 19.47  ? 2   GLN B C   1 
ATOM   775  O O   . GLN B 1 2  ? 14.326  -8.187  5.775   1.00 18.78  ? 2   GLN B O   1 
ATOM   776  C CB  . GLN B 1 2  ? 13.581  -9.013  8.527   1.00 21.16  ? 2   GLN B CB  1 
ATOM   777  C CG  . GLN B 1 2  ? 13.380  -7.579  8.937   1.00 26.35  ? 2   GLN B CG  1 
ATOM   778  C CD  . GLN B 1 2  ? 13.839  -7.326  10.358  1.00 31.87  ? 2   GLN B CD  1 
ATOM   779  O OE1 . GLN B 1 2  ? 14.699  -6.478  10.605  1.00 35.87  ? 2   GLN B OE1 1 
ATOM   780  N NE2 . GLN B 1 2  ? 13.267  -8.062  11.303  1.00 31.78  ? 2   GLN B NE2 1 
ATOM   781  N N   . ILE B 1 3  ? 12.148  -7.622  5.728   1.00 16.58  ? 3   ILE B N   1 
ATOM   782  C CA  . ILE B 1 3  ? 12.331  -6.614  4.681   1.00 14.41  ? 3   ILE B CA  1 
ATOM   783  C C   . ILE B 1 3  ? 12.180  -5.222  5.238   1.00 12.38  ? 3   ILE B C   1 
ATOM   784  O O   . ILE B 1 3  ? 11.194  -4.905  5.883   1.00 10.86  ? 3   ILE B O   1 
ATOM   785  C CB  . ILE B 1 3  ? 11.334  -6.834  3.541   1.00 14.86  ? 3   ILE B CB  1 
ATOM   786  C CG1 . ILE B 1 3  ? 11.479  -8.264  3.027   1.00 16.65  ? 3   ILE B CG1 1 
ATOM   787  C CG2 . ILE B 1 3  ? 11.583  -5.853  2.412   1.00 14.54  ? 3   ILE B CG2 1 
ATOM   788  C CD1 . ILE B 1 3  ? 10.603  -8.570  1.874   1.00 18.76  ? 3   ILE B CD1 1 
ATOM   789  N N   . THR B 1 4  ? 13.201  -4.410  5.039   1.00 11.32  ? 4   THR B N   1 
ATOM   790  C CA  . THR B 1 4  ? 13.173  -3.034  5.522   1.00 11.61  ? 4   THR B CA  1 
ATOM   791  C C   . THR B 1 4  ? 12.468  -2.179  4.486   1.00 10.93  ? 4   THR B C   1 
ATOM   792  O O   . THR B 1 4  ? 12.274  -2.608  3.352   1.00 12.74  ? 4   THR B O   1 
ATOM   793  C CB  . THR B 1 4  ? 14.578  -2.527  5.782   1.00 12.06  ? 4   THR B CB  1 
ATOM   794  O OG1 . THR B 1 4  ? 15.342  -2.617  4.569   1.00 14.78  ? 4   THR B OG1 1 
ATOM   795  C CG2 . THR B 1 4  ? 15.231  -3.375  6.892   1.00 14.05  ? 4   THR B CG2 1 
ATOM   796  N N   . LEU B 1 5  ? 12.103  -0.961  4.855   1.00 9.37   ? 5   LEU B N   1 
ATOM   797  C CA  . LEU B 1 5  ? 11.341  -0.122  3.924   1.00 10.73  ? 5   LEU B CA  1 
ATOM   798  C C   . LEU B 1 5  ? 12.041  1.106   3.354   1.00 11.33  ? 5   LEU B C   1 
ATOM   799  O O   . LEU B 1 5  ? 11.380  2.047   2.909   1.00 10.63  ? 5   LEU B O   1 
ATOM   800  C CB  . LEU B 1 5  ? 9.984   0.242   4.556   1.00 10.43  ? 5   LEU B CB  1 
ATOM   801  C CG  . LEU B 1 5  ? 9.191   -1.013  4.975   1.00 11.74  ? 5   LEU B CG  1 
ATOM   802  C CD1 . LEU B 1 5  ? 8.057   -0.649  5.909   1.00 11.19  ? 5   LEU B CD1 1 
ATOM   803  C CD2 . LEU B 1 5  ? 8.680   -1.769  3.731   1.00 13.03  ? 5   LEU B CD2 1 
ATOM   804  N N   . TRP B 1 6  ? 13.374  1.078   3.331   1.00 10.80  ? 6   TRP B N   1 
ATOM   805  C CA  . TRP B 1 6  ? 14.161  2.189   2.773   1.00 9.88   ? 6   TRP B CA  1 
ATOM   806  C C   . TRP B 1 6  ? 13.856  2.311   1.300   1.00 9.15   ? 6   TRP B C   1 
ATOM   807  O O   . TRP B 1 6  ? 13.847  3.401   0.732   1.00 10.89  ? 6   TRP B O   1 
ATOM   808  C CB  . TRP B 1 6  ? 15.651  1.908   2.944   1.00 12.94  ? 6   TRP B CB  1 
ATOM   809  C CG  . TRP B 1 6  ? 16.064  1.770   4.363   1.00 12.06  ? 6   TRP B CG  1 
ATOM   810  C CD1 . TRP B 1 6  ? 16.513  0.645   4.979   1.00 13.14  ? 6   TRP B CD1 1 
ATOM   811  C CD2 . TRP B 1 6  ? 16.130  2.818   5.326   1.00 15.05  ? 6   TRP B CD2 1 
ATOM   812  N NE1 . TRP B 1 6  ? 16.868  0.930   6.279   1.00 13.76  ? 6   TRP B NE1 1 
ATOM   813  C CE2 . TRP B 1 6  ? 16.644  2.258   6.516   1.00 15.26  ? 6   TRP B CE2 1 
ATOM   814  C CE3 . TRP B 1 6  ? 15.822  4.185   5.299   1.00 18.06  ? 6   TRP B CE3 1 
ATOM   815  C CZ2 . TRP B 1 6  ? 16.852  3.024   7.677   1.00 18.59  ? 6   TRP B CZ2 1 
ATOM   816  C CZ3 . TRP B 1 6  ? 16.032  4.948   6.453   1.00 19.76  ? 6   TRP B CZ3 1 
ATOM   817  C CH2 . TRP B 1 6  ? 16.542  4.361   7.622   1.00 18.52  ? 6   TRP B CH2 1 
ATOM   818  N N   . LYS B 1 7  ? 13.587  1.170   0.687   1.00 8.60   ? 7   LYS B N   1 
ATOM   819  C CA  . LYS B 1 7  ? 13.273  1.090   -0.742  1.00 8.63   ? 7   LYS B CA  1 
ATOM   820  C C   . LYS B 1 7  ? 11.947  0.331   -0.891  1.00 8.27   ? 7   LYS B C   1 
ATOM   821  O O   . LYS B 1 7  ? 11.490  -0.313  0.051   1.00 10.58  ? 7   LYS B O   1 
ATOM   822  C CB  . LYS B 1 7  ? 14.405  0.338   -1.461  0.50 8.18   ? 7   LYS B CB  1 
ATOM   823  C CG  . LYS B 1 7  ? 15.753  1.058   -1.451  0.50 10.83  ? 7   LYS B CG  1 
ATOM   824  C CD  . LYS B 1 7  ? 16.899  0.133   -1.037  0.50 13.52  ? 7   LYS B CD  1 
ATOM   825  C CE  . LYS B 1 7  ? 17.066  0.072   0.488   0.50 15.09  ? 7   LYS B CE  1 
ATOM   826  N NZ  . LYS B 1 7  ? 17.952  -1.034  1.002   0.50 10.60  ? 7   LYS B NZ  1 
ATOM   827  N N   . ARG B 1 8  ? 11.304  0.455   -2.047  1.00 8.92   ? 8   ARG B N   1 
ATOM   828  C CA  . ARG B 1 8  ? 10.043  -0.265  -2.294  1.00 8.93   ? 8   ARG B CA  1 
ATOM   829  C C   . ARG B 1 8  ? 10.289  -1.753  -2.084  1.00 9.80   ? 8   ARG B C   1 
ATOM   830  O O   . ARG B 1 8  ? 11.274  -2.304  -2.601  1.00 12.10  ? 8   ARG B O   1 
ATOM   831  C CB  . ARG B 1 8  ? 9.590   -0.052  -3.734  1.00 9.88   ? 8   ARG B CB  1 
ATOM   832  C CG  . ARG B 1 8  ? 9.107   1.329   -4.001  1.00 9.62   ? 8   ARG B CG  1 
ATOM   833  C CD  . ARG B 1 8  ? 8.632   1.485   -5.428  1.00 10.90  ? 8   ARG B CD  1 
ATOM   834  N NE  . ARG B 1 8  ? 8.135   2.847   -5.625  1.00 14.66  ? 8   ARG B NE  1 
ATOM   835  C CZ  . ARG B 1 8  ? 7.716   3.339   -6.786  1.00 19.51  ? 8   ARG B CZ  1 
ATOM   836  N NH1 . ARG B 1 8  ? 7.732   2.585   -7.878  1.00 20.41  ? 8   ARG B NH1 1 
ATOM   837  N NH2 . ARG B 1 8  ? 7.253   4.577   -6.844  1.00 19.11  ? 8   ARG B NH2 1 
ATOM   838  N N   . PRO B 1 9  ? 9.424   -2.417  -1.304  1.00 8.27   ? 9   PRO B N   1 
ATOM   839  C CA  . PRO B 1 9  ? 9.549   -3.850  -1.026  1.00 8.42   ? 9   PRO B CA  1 
ATOM   840  C C   . PRO B 1 9  ? 9.134   -4.735  -2.210  1.00 10.11  ? 9   PRO B C   1 
ATOM   841  O O   . PRO B 1 9  ? 8.058   -5.321  -2.218  1.00 10.38  ? 9   PRO B O   1 
ATOM   842  C CB  . PRO B 1 9  ? 8.648   -4.030  0.194   1.00 7.77   ? 9   PRO B CB  1 
ATOM   843  C CG  . PRO B 1 9  ? 7.579   -3.043  -0.053  1.00 6.98   ? 9   PRO B CG  1 
ATOM   844  C CD  . PRO B 1 9  ? 8.320   -1.824  -0.526  1.00 8.11   ? 9   PRO B CD  1 
ATOM   845  N N   . LEU B 1 10 ? 10.006  -4.819  -3.211  1.00 10.04  ? 10  LEU B N   1 
ATOM   846  C CA  . LEU B 1 10 ? 9.768   -5.638  -4.417  1.00 12.72  ? 10  LEU B CA  1 
ATOM   847  C C   . LEU B 1 10 ? 10.391  -7.017  -4.280  1.00 14.82  ? 10  LEU B C   1 
ATOM   848  O O   . LEU B 1 10 ? 11.533  -7.151  -3.841  1.00 15.63  ? 10  LEU B O   1 
ATOM   849  C CB  . LEU B 1 10 ? 10.386  -4.972  -5.641  1.00 14.48  ? 10  LEU B CB  1 
ATOM   850  C CG  . LEU B 1 10 ? 9.772   -3.666  -6.131  1.00 16.98  ? 10  LEU B CG  1 
ATOM   851  C CD1 . LEU B 1 10 ? 10.767  -2.989  -7.059  1.00 20.55  ? 10  LEU B CD1 1 
ATOM   852  C CD2 . LEU B 1 10 ? 8.441   -3.916  -6.839  1.00 17.87  ? 10  LEU B CD2 1 
ATOM   853  N N   . VAL B 1 11 ? 9.652   -8.044  -4.682  1.00 14.68  ? 11  VAL B N   1 
ATOM   854  C CA  . VAL B 1 11 ? 10.144  -9.426  -4.604  1.00 14.71  ? 11  VAL B CA  1 
ATOM   855  C C   . VAL B 1 11 ? 9.755   -10.171 -5.876  1.00 14.31  ? 11  VAL B C   1 
ATOM   856  O O   . VAL B 1 11 ? 8.987   -9.668  -6.697  1.00 13.33  ? 11  VAL B O   1 
ATOM   857  C CB  . VAL B 1 11 ? 9.579   -10.193 -3.357  1.00 16.33  ? 11  VAL B CB  1 
ATOM   858  C CG1 . VAL B 1 11 ? 9.869   -9.421  -2.064  1.00 16.48  ? 11  VAL B CG1 1 
ATOM   859  C CG2 . VAL B 1 11 ? 8.070   -10.453 -3.501  1.00 14.70  ? 11  VAL B CG2 1 
ATOM   860  N N   . THR B 1 12 ? 10.310  -11.362 -6.055  1.00 14.75  ? 12  THR B N   1 
ATOM   861  C CA  . THR B 1 12 ? 9.987   -12.165 -7.246  1.00 14.92  ? 12  THR B CA  1 
ATOM   862  C C   . THR B 1 12 ? 8.807   -13.066 -6.945  1.00 13.10  ? 12  THR B C   1 
ATOM   863  O O   . THR B 1 12 ? 8.729   -13.660 -5.884  1.00 14.04  ? 12  THR B O   1 
ATOM   864  C CB  . THR B 1 12 ? 11.191  -13.040 -7.700  1.00 15.54  ? 12  THR B CB  1 
ATOM   865  O OG1 . THR B 1 12 ? 12.312  -12.195 -7.958  1.00 14.52  ? 12  THR B OG1 1 
ATOM   866  C CG2 . THR B 1 12 ? 10.853  -13.779 -8.986  1.00 15.56  ? 12  THR B CG2 1 
ATOM   867  N N   . ILE B 1 13 ? 7.846   -13.089 -7.857  1.00 12.75  ? 13  ILE B N   1 
ATOM   868  C CA  . ILE B 1 13 ? 6.684   -13.952 -7.690  1.00 14.48  ? 13  ILE B CA  1 
ATOM   869  C C   . ILE B 1 13 ? 6.592   -14.827 -8.914  1.00 15.90  ? 13  ILE B C   1 
ATOM   870  O O   . ILE B 1 13 ? 7.209   -14.544 -9.943  1.00 16.34  ? 13  ILE B O   1 
ATOM   871  C CB  . ILE B 1 13 ? 5.362   -13.166 -7.553  1.00 12.19  ? 13  ILE B CB  1 
ATOM   872  C CG1 . ILE B 1 13 ? 5.144   -12.258 -8.756  1.00 14.02  ? 13  ILE B CG1 1 
ATOM   873  C CG2 . ILE B 1 13 ? 5.371   -12.385 -6.267  1.00 15.41  ? 13  ILE B CG2 1 
ATOM   874  C CD1 . ILE B 1 13 ? 3.738   -11.722 -8.863  1.00 16.00  ? 13  ILE B CD1 1 
ATOM   875  N N   . ARG B 1 14 ? 5.876   -15.932 -8.770  1.00 17.35  ? 14  ARG B N   1 
ATOM   876  C CA  . ARG B 1 14 ? 5.669   -16.853 -9.885  1.00 19.58  ? 14  ARG B CA  1 
ATOM   877  C C   . ARG B 1 14 ? 4.160   -16.978 -10.048 1.00 18.14  ? 14  ARG B C   1 
ATOM   878  O O   . ARG B 1 14 ? 3.449   -17.301 -9.098  1.00 16.19  ? 14  ARG B O   1 
ATOM   879  C CB  . ARG B 1 14 ? 6.305   -18.207 -9.588  1.00 22.69  ? 14  ARG B CB  1 
ATOM   880  C CG  . ARG B 1 14 ? 6.216   -19.162 -10.740 1.00 30.39  ? 14  ARG B CG  1 
ATOM   881  C CD  . ARG B 1 14 ? 6.982   -20.427 -10.438 1.00 37.09  ? 14  ARG B CD  1 
ATOM   882  N NE  . ARG B 1 14 ? 6.556   -21.502 -11.337 1.00 43.35  ? 14  ARG B NE  1 
ATOM   883  C CZ  . ARG B 1 14 ? 7.023   -21.687 -12.567 1.00 46.60  ? 14  ARG B CZ  1 
ATOM   884  N NH1 . ARG B 1 14 ? 7.956   -20.878 -13.072 1.00 48.15  ? 14  ARG B NH1 1 
ATOM   885  N NH2 . ARG B 1 14 ? 6.524   -22.671 -13.305 1.00 48.65  ? 14  ARG B NH2 1 
ATOM   886  N N   . ILE B 1 15 ? 3.678   -16.651 -11.239 1.00 18.85  ? 15  ILE B N   1 
ATOM   887  C CA  . ILE B 1 15 ? 2.243   -16.710 -11.546 1.00 18.92  ? 15  ILE B CA  1 
ATOM   888  C C   . ILE B 1 15 ? 2.049   -17.112 -12.994 1.00 20.32  ? 15  ILE B C   1 
ATOM   889  O O   . ILE B 1 15 ? 2.662   -16.533 -13.902 1.00 17.73  ? 15  ILE B O   1 
ATOM   890  C CB  . ILE B 1 15 ? 1.553   -15.345 -11.301 1.00 19.44  ? 15  ILE B CB  1 
ATOM   891  C CG1 . ILE B 1 15 ? 0.072   -15.437 -11.671 1.00 21.95  ? 15  ILE B CG1 1 
ATOM   892  C CG2 . ILE B 1 15 ? 2.257   -14.223 -12.078 1.00 17.52  ? 15  ILE B CG2 1 
ATOM   893  C CD1 . ILE B 1 15 ? -0.738  -14.188 -11.324 1.00 24.05  ? 15  ILE B CD1 1 
ATOM   894  N N   . GLY B 1 16 ? 1.207   -18.123 -13.198 1.00 21.66  ? 16  GLY B N   1 
ATOM   895  C CA  . GLY B 1 16 ? 0.941   -18.603 -14.541 1.00 25.80  ? 16  GLY B CA  1 
ATOM   896  C C   . GLY B 1 16 ? 2.208   -19.094 -15.217 1.00 27.50  ? 16  GLY B C   1 
ATOM   897  O O   . GLY B 1 16 ? 2.419   -18.869 -16.408 1.00 28.46  ? 16  GLY B O   1 
ATOM   898  N N   . GLY B 1 17 ? 3.079   -19.721 -14.433 1.00 30.10  ? 17  GLY B N   1 
ATOM   899  C CA  . GLY B 1 17 ? 4.321   -20.238 -14.971 1.00 33.01  ? 17  GLY B CA  1 
ATOM   900  C C   . GLY B 1 17 ? 5.361   -19.175 -15.262 1.00 34.36  ? 17  GLY B C   1 
ATOM   901  O O   . GLY B 1 17 ? 6.461   -19.502 -15.713 1.00 37.02  ? 17  GLY B O   1 
ATOM   902  N N   . GLN B 1 18 ? 5.026   -17.911 -15.010 1.00 33.15  ? 18  GLN B N   1 
ATOM   903  C CA  . GLN B 1 18 ? 5.965   -16.808 -15.253 1.00 31.24  ? 18  GLN B CA  1 
ATOM   904  C C   . GLN B 1 18 ? 6.502   -16.184 -13.985 1.00 29.09  ? 18  GLN B C   1 
ATOM   905  O O   . GLN B 1 18 ? 5.858   -16.236 -12.939 1.00 28.73  ? 18  GLN B O   1 
ATOM   906  C CB  . GLN B 1 18 ? 5.300   -15.707 -16.053 1.00 33.37  ? 18  GLN B CB  1 
ATOM   907  C CG  . GLN B 1 18 ? 5.094   -16.018 -17.495 1.00 38.04  ? 18  GLN B CG  1 
ATOM   908  C CD  . GLN B 1 18 ? 4.521   -14.829 -18.218 1.00 41.78  ? 18  GLN B CD  1 
ATOM   909  O OE1 . GLN B 1 18 ? 3.869   -13.977 -17.606 1.00 43.34  ? 18  GLN B OE1 1 
ATOM   910  N NE2 . GLN B 1 18 ? 4.768   -14.748 -19.524 1.00 44.30  ? 18  GLN B NE2 1 
ATOM   911  N N   . LEU B 1 19 ? 7.680   -15.573 -14.109 1.00 26.13  ? 19  LEU B N   1 
ATOM   912  C CA  . LEU B 1 19 ? 8.347   -14.866 -13.007 1.00 23.38  ? 19  LEU B CA  1 
ATOM   913  C C   . LEU B 1 19 ? 8.170   -13.359 -13.227 1.00 22.57  ? 19  LEU B C   1 
ATOM   914  O O   . LEU B 1 19 ? 8.373   -12.836 -14.332 1.00 21.55  ? 19  LEU B O   1 
ATOM   915  C CB  . LEU B 1 19 ? 9.844   -15.202 -12.963 1.00 23.53  ? 19  LEU B CB  1 
ATOM   916  C CG  . LEU B 1 19 ? 10.295  -16.656 -12.818 1.00 22.50  ? 19  LEU B CG  1 
ATOM   917  C CD1 . LEU B 1 19 ? 11.742  -16.650 -12.424 1.00 21.59  ? 19  LEU B CD1 1 
ATOM   918  C CD2 . LEU B 1 19 ? 9.491   -17.367 -11.758 1.00 23.27  ? 19  LEU B CD2 1 
ATOM   919  N N   . LYS B 1 20 ? 7.787   -12.659 -12.168 1.00 21.43  ? 20  LYS B N   1 
ATOM   920  C CA  . LYS B 1 20 ? 7.570   -11.205 -12.237 1.00 19.85  ? 20  LYS B CA  1 
ATOM   921  C C   . LYS B 1 20 ? 8.043   -10.566 -10.942 1.00 17.51  ? 20  LYS B C   1 
ATOM   922  O O   . LYS B 1 20 ? 8.239   -11.257 -9.944  1.00 15.24  ? 20  LYS B O   1 
ATOM   923  C CB  . LYS B 1 20 ? 6.073   -10.909 -12.411 1.00 21.05  ? 20  LYS B CB  1 
ATOM   924  C CG  . LYS B 1 20 ? 5.451   -11.514 -13.664 1.00 23.47  ? 20  LYS B CG  1 
ATOM   925  C CD  . LYS B 1 20 ? 3.940   -11.401 -13.658 1.00 25.91  ? 20  LYS B CD  1 
ATOM   926  C CE  . LYS B 1 20 ? 3.445   -10.521 -14.799 1.00 29.17  ? 20  LYS B CE  1 
ATOM   927  N NZ  . LYS B 1 20 ? 3.982   -10.924 -16.131 1.00 29.27  ? 20  LYS B NZ  1 
ATOM   928  N N   . GLU B 1 21 ? 8.266   -9.256  -10.966 1.00 15.81  ? 21  GLU B N   1 
ATOM   929  C CA  . GLU B 1 21 ? 8.668   -8.559  -9.739  1.00 14.60  ? 21  GLU B CA  1 
ATOM   930  C C   . GLU B 1 21 ? 7.385   -7.908  -9.253  1.00 13.37  ? 21  GLU B C   1 
ATOM   931  O O   . GLU B 1 21 ? 6.634   -7.358  -10.049 1.00 12.58  ? 21  GLU B O   1 
ATOM   932  C CB  . GLU B 1 21 ? 9.735   -7.511  -10.016 1.00 14.07  ? 21  GLU B CB  1 
ATOM   933  N N   . ALA B 1 22 ? 7.115   -8.025  -7.959  1.00 12.61  ? 22  ALA B N   1 
ATOM   934  C CA  . ALA B 1 22 ? 5.896   -7.451  -7.392  1.00 11.11  ? 22  ALA B CA  1 
ATOM   935  C C   . ALA B 1 22 ? 6.192   -6.771  -6.081  1.00 11.30  ? 22  ALA B C   1 
ATOM   936  O O   . ALA B 1 22 ? 7.119   -7.143  -5.352  1.00 11.24  ? 22  ALA B O   1 
ATOM   937  C CB  . ALA B 1 22 ? 4.832   -8.543  -7.193  1.00 9.65   ? 22  ALA B CB  1 
ATOM   938  N N   . LEU B 1 23 ? 5.343   -5.807  -5.772  1.00 10.17  ? 23  LEU B N   1 
ATOM   939  C CA  . LEU B 1 23 ? 5.437   -4.991  -4.557  1.00 8.69   ? 23  LEU B CA  1 
ATOM   940  C C   . LEU B 1 23 ? 4.637   -5.633  -3.398  1.00 10.00  ? 23  LEU B C   1 
ATOM   941  O O   . LEU B 1 23 ? 3.477   -6.021  -3.585  1.00 9.06   ? 23  LEU B O   1 
ATOM   942  C CB  A LEU B 1 23 ? 4.878   -3.607  -4.880  0.50 9.62   ? 23  LEU B CB  1 
ATOM   943  C CB  B LEU B 1 23 ? 4.885   -3.604  -4.887  0.50 9.27   ? 23  LEU B CB  1 
ATOM   944  C CG  A LEU B 1 23 ? 5.077   -2.411  -3.966  0.50 10.07  ? 23  LEU B CG  1 
ATOM   945  C CG  B LEU B 1 23 ? 5.107   -2.405  -3.981  0.50 9.53   ? 23  LEU B CG  1 
ATOM   946  C CD1 A LEU B 1 23 ? 6.114   -1.483  -4.556  0.50 10.07  ? 23  LEU B CD1 1 
ATOM   947  C CD1 B LEU B 1 23 ? 6.564   -2.289  -3.646  0.50 10.21  ? 23  LEU B CD1 1 
ATOM   948  C CD2 A LEU B 1 23 ? 3.759   -1.689  -3.875  0.50 10.07  ? 23  LEU B CD2 1 
ATOM   949  C CD2 B LEU B 1 23 ? 4.631   -1.164  -4.708  0.50 7.95   ? 23  LEU B CD2 1 
ATOM   950  N N   . LEU B 1 24 ? 5.266   -5.821  -2.230  1.00 8.31   ? 24  LEU B N   1 
ATOM   951  C CA  . LEU B 1 24 ? 4.539   -6.369  -1.073  1.00 7.84   ? 24  LEU B CA  1 
ATOM   952  C C   . LEU B 1 24 ? 3.803   -5.151  -0.537  1.00 9.08   ? 24  LEU B C   1 
ATOM   953  O O   . LEU B 1 24 ? 4.422   -4.239  0.021   1.00 8.82   ? 24  LEU B O   1 
ATOM   954  C CB  . LEU B 1 24 ? 5.494   -6.942  -0.034  1.00 8.75   ? 24  LEU B CB  1 
ATOM   955  C CG  . LEU B 1 24 ? 6.238   -8.186  -0.522  1.00 10.99  ? 24  LEU B CG  1 
ATOM   956  C CD1 . LEU B 1 24 ? 7.128   -8.693  0.588   1.00 13.63  ? 24  LEU B CD1 1 
ATOM   957  C CD2 . LEU B 1 24 ? 5.271   -9.277  -0.955  1.00 11.79  ? 24  LEU B CD2 1 
ATOM   958  N N   . ASP B 1 25 ? 2.478   -5.143  -0.715  1.00 7.18   ? 25  ASP B N   1 
ATOM   959  C CA  . ASP B 1 25 ? 1.640   -3.989  -0.370  1.00 6.85   ? 25  ASP B CA  1 
ATOM   960  C C   . ASP B 1 25 ? 0.561   -4.213  0.697   1.00 8.88   ? 25  ASP B C   1 
ATOM   961  O O   . ASP B 1 25 ? -0.533  -4.682  0.386   1.00 7.06   ? 25  ASP B O   1 
ATOM   962  C CB  . ASP B 1 25 ? 0.980   -3.525  -1.679  1.00 8.17   ? 25  ASP B CB  1 
ATOM   963  C CG  . ASP B 1 25 ? 0.397   -2.126  -1.598  1.00 9.33   ? 25  ASP B CG  1 
ATOM   964  O OD1 . ASP B 1 25 ? 0.354   -1.530  -0.507  1.00 15.59  ? 25  ASP B OD1 1 
ATOM   965  O OD2 . ASP B 1 25 ? -0.022  -1.618  -2.647  1.00 11.42  ? 25  ASP B OD2 1 
ATOM   966  N N   . THR B 1 26 ? 0.834   -3.769  1.924   1.00 8.78   ? 26  THR B N   1 
ATOM   967  C CA  . THR B 1 26 ? -0.120  -3.902  3.048   1.00 7.51   ? 26  THR B CA  1 
ATOM   968  C C   . THR B 1 26 ? -1.341  -2.982  2.905   1.00 7.76   ? 26  THR B C   1 
ATOM   969  O O   . THR B 1 26 ? -2.343  -3.172  3.575   1.00 8.16   ? 26  THR B O   1 
ATOM   970  C CB  . THR B 1 26 ? 0.545   -3.584  4.381   1.00 6.72   ? 26  THR B CB  1 
ATOM   971  O OG1 . THR B 1 26 ? 1.018   -2.233  4.354   1.00 5.57   ? 26  THR B OG1 1 
ATOM   972  C CG2 . THR B 1 26 ? 1.706   -4.546  4.639   1.00 6.72   ? 26  THR B CG2 1 
ATOM   973  N N   . GLY B 1 27 ? -1.254  -2.005  2.007   1.00 7.66   ? 27  GLY B N   1 
ATOM   974  C CA  . GLY B 1 27 ? -2.360  -1.084  1.786   1.00 7.84   ? 27  GLY B CA  1 
ATOM   975  C C   . GLY B 1 27 ? -3.306  -1.531  0.680   1.00 9.15   ? 27  GLY B C   1 
ATOM   976  O O   . GLY B 1 27 ? -4.313  -0.881  0.420   1.00 10.20  ? 27  GLY B O   1 
ATOM   977  N N   . ALA B 1 28 ? -2.979  -2.643  0.030   1.00 8.29   ? 28  ALA B N   1 
ATOM   978  C CA  . ALA B 1 28 ? -3.805  -3.200  -1.059  1.00 9.55   ? 28  ALA B CA  1 
ATOM   979  C C   . ALA B 1 28 ? -4.636  -4.359  -0.505  1.00 10.28  ? 28  ALA B C   1 
ATOM   980  O O   . ALA B 1 28 ? -4.076  -5.331  0.018   1.00 9.23   ? 28  ALA B O   1 
ATOM   981  C CB  . ALA B 1 28 ? -2.909  -3.707  -2.177  1.00 6.17   ? 28  ALA B CB  1 
ATOM   982  N N   . ASP B 1 29 ? -5.959  -4.271  -0.610  1.00 10.89  ? 29  ASP B N   1 
ATOM   983  C CA  . ASP B 1 29 ? -6.817  -5.360  -0.107  1.00 13.13  ? 29  ASP B CA  1 
ATOM   984  C C   . ASP B 1 29 ? -6.630  -6.645  -0.906  1.00 13.27  ? 29  ASP B C   1 
ATOM   985  O O   . ASP B 1 29 ? -6.578  -7.742  -0.336  1.00 12.42  ? 29  ASP B O   1 
ATOM   986  C CB  . ASP B 1 29 ? -8.298  -4.980  -0.174  1.00 15.55  ? 29  ASP B CB  1 
ATOM   987  C CG  . ASP B 1 29 ? -8.695  -3.942  0.853   1.00 18.88  ? 29  ASP B CG  1 
ATOM   988  O OD1 . ASP B 1 29 ? -8.053  -3.812  1.916   1.00 21.09  ? 29  ASP B OD1 1 
ATOM   989  O OD2 . ASP B 1 29 ? -9.698  -3.260  0.596   1.00 22.67  ? 29  ASP B OD2 1 
ATOM   990  N N   . ASP B 1 30 ? -6.551  -6.493  -2.229  1.00 11.84  ? 30  ASP B N   1 
ATOM   991  C CA  . ASP B 1 30 ? -6.404  -7.624  -3.152  1.00 13.52  ? 30  ASP B CA  1 
ATOM   992  C C   . ASP B 1 30 ? -5.149  -7.472  -3.969  1.00 11.56  ? 30  ASP B C   1 
ATOM   993  O O   . ASP B 1 30 ? -4.555  -6.404  -4.005  1.00 12.80  ? 30  ASP B O   1 
ATOM   994  C CB  A ASP B 1 30 ? -7.599  -7.657  -4.109  0.50 16.08  ? 30  ASP B CB  1 
ATOM   995  C CB  B ASP B 1 30 ? -7.626  -7.762  -4.061  0.50 15.29  ? 30  ASP B CB  1 
ATOM   996  C CG  A ASP B 1 30 ? -8.907  -7.315  -3.419  0.50 20.03  ? 30  ASP B CG  1 
ATOM   997  C CG  B ASP B 1 30 ? -8.818  -8.361  -3.339  0.50 17.83  ? 30  ASP B CG  1 
ATOM   998  O OD1 A ASP B 1 30 ? -9.417  -8.181  -2.674  0.50 21.87  ? 30  ASP B OD1 1 
ATOM   999  O OD1 B ASP B 1 30 ? -8.701  -9.502  -2.844  0.50 17.66  ? 30  ASP B OD1 1 
ATOM   1000 O OD2 A ASP B 1 30 ? -9.404  -6.177  -3.606  0.50 19.50  ? 30  ASP B OD2 1 
ATOM   1001 O OD2 B ASP B 1 30 ? -9.863  -7.680  -3.244  0.50 20.08  ? 30  ASP B OD2 1 
ATOM   1002 N N   . THR B 1 31 ? -4.743  -8.568  -4.589  1.00 10.07  ? 31  THR B N   1 
ATOM   1003 C CA  . THR B 1 31 ? -3.541  -8.625  -5.427  1.00 8.78   ? 31  THR B CA  1 
ATOM   1004 C C   . THR B 1 31 ? -3.896  -8.138  -6.837  1.00 7.86   ? 31  THR B C   1 
ATOM   1005 O O   . THR B 1 31 ? -4.921  -8.540  -7.380  1.00 9.09   ? 31  THR B O   1 
ATOM   1006 C CB  . THR B 1 31 ? -3.022  -10.092 -5.443  1.00 8.10   ? 31  THR B CB  1 
ATOM   1007 O OG1 . THR B 1 31 ? -2.510  -10.421 -4.141  1.00 7.56   ? 31  THR B OG1 1 
ATOM   1008 C CG2 . THR B 1 31 ? -1.946  -10.302 -6.495  1.00 5.03   ? 31  THR B CG2 1 
ATOM   1009 N N   . VAL B 1 32 ? -3.089  -7.239  -7.398  1.00 7.25   ? 32  VAL B N   1 
ATOM   1010 C CA  . VAL B 1 32 ? -3.338  -6.721  -8.757  1.00 9.55   ? 32  VAL B CA  1 
ATOM   1011 C C   . VAL B 1 32 ? -2.108  -6.934  -9.628  1.00 11.04  ? 32  VAL B C   1 
ATOM   1012 O O   . VAL B 1 32 ? -1.014  -6.466  -9.321  1.00 14.39  ? 32  VAL B O   1 
ATOM   1013 C CB  A VAL B 1 32 ? -3.831  -5.235  -8.782  0.50 8.86   ? 32  VAL B CB  1 
ATOM   1014 C CB  B VAL B 1 32 ? -3.675  -5.209  -8.713  0.50 7.48   ? 32  VAL B CB  1 
ATOM   1015 C CG1 A VAL B 1 32 ? -2.812  -4.308  -8.220  0.50 9.45   ? 32  VAL B CG1 1 
ATOM   1016 C CG1 B VAL B 1 32 ? -4.175  -4.733  -10.072 0.50 8.96   ? 32  VAL B CG1 1 
ATOM   1017 C CG2 A VAL B 1 32 ? -4.192  -4.820  -10.203 0.50 10.24  ? 32  VAL B CG2 1 
ATOM   1018 C CG2 B VAL B 1 32 ? -4.710  -4.938  -7.624  0.50 5.64   ? 32  VAL B CG2 1 
ATOM   1019 N N   . ILE B 1 33 ? -2.295  -7.684  -10.704 1.00 11.11  ? 33  ILE B N   1 
ATOM   1020 C CA  . ILE B 1 33 ? -1.191  -8.019  -11.601 1.00 13.12  ? 33  ILE B CA  1 
ATOM   1021 C C   . ILE B 1 33 ? -1.350  -7.288  -12.916 1.00 13.43  ? 33  ILE B C   1 
ATOM   1022 O O   . ILE B 1 33 ? -2.465  -7.045  -13.363 1.00 13.74  ? 33  ILE B O   1 
ATOM   1023 C CB  . ILE B 1 33 ? -1.159  -9.552  -11.830 1.00 14.85  ? 33  ILE B CB  1 
ATOM   1024 C CG1 . ILE B 1 33 ? -0.948  -10.264 -10.488 1.00 13.50  ? 33  ILE B CG1 1 
ATOM   1025 C CG2 . ILE B 1 33 ? -0.111  -9.934  -12.848 1.00 15.18  ? 33  ILE B CG2 1 
ATOM   1026 C CD1 . ILE B 1 33 ? 0.316   -9.903  -9.781  1.00 11.62  ? 33  ILE B CD1 1 
ATOM   1027 N N   . GLU B 1 34 ? -0.228  -6.872  -13.500 1.00 14.60  ? 34  GLU B N   1 
ATOM   1028 C CA  . GLU B 1 34 ? -0.227  -6.165  -14.791 1.00 16.20  ? 34  GLU B CA  1 
ATOM   1029 C C   . GLU B 1 34 ? -0.836  -7.061  -15.857 1.00 16.97  ? 34  GLU B C   1 
ATOM   1030 O O   . GLU B 1 34 ? -0.838  -8.292  -15.742 1.00 14.81  ? 34  GLU B O   1 
ATOM   1031 C CB  . GLU B 1 34 ? 1.197   -5.780  -15.191 0.50 15.52  ? 34  GLU B CB  1 
ATOM   1032 C CG  . GLU B 1 34 ? 2.137   -6.978  -15.346 0.50 18.08  ? 34  GLU B CG  1 
ATOM   1033 C CD  . GLU B 1 34 ? 3.606   -6.592  -15.335 0.50 19.27  ? 34  GLU B CD  1 
ATOM   1034 O OE1 . GLU B 1 34 ? 3.918   -5.393  -15.175 0.50 20.99  ? 34  GLU B OE1 1 
ATOM   1035 O OE2 . GLU B 1 34 ? 4.456   -7.494  -15.480 0.50 19.91  ? 34  GLU B OE2 1 
ATOM   1036 N N   . GLU B 1 35 ? -1.313  -6.428  -16.914 1.00 19.61  ? 35  GLU B N   1 
ATOM   1037 C CA  . GLU B 1 35 ? -1.963  -7.129  -18.011 1.00 23.65  ? 35  GLU B CA  1 
ATOM   1038 C C   . GLU B 1 35 ? -1.250  -8.406  -18.488 1.00 24.61  ? 35  GLU B C   1 
ATOM   1039 O O   . GLU B 1 35 ? -0.073  -8.378  -18.841 1.00 25.93  ? 35  GLU B O   1 
ATOM   1040 C CB  A GLU B 1 35 ? -2.209  -6.165  -19.177 0.50 24.77  ? 35  GLU B CB  1 
ATOM   1041 C CB  B GLU B 1 35 ? -2.155  -6.152  -19.174 0.50 24.60  ? 35  GLU B CB  1 
ATOM   1042 C CG  A GLU B 1 35 ? -2.981  -6.769  -20.350 0.50 27.37  ? 35  GLU B CG  1 
ATOM   1043 C CG  B GLU B 1 35 ? -3.267  -6.533  -20.130 0.50 27.05  ? 35  GLU B CG  1 
ATOM   1044 C CD  A GLU B 1 35 ? -4.192  -7.600  -19.922 0.50 28.78  ? 35  GLU B CD  1 
ATOM   1045 C CD  B GLU B 1 35 ? -4.534  -6.977  -19.414 0.50 28.31  ? 35  GLU B CD  1 
ATOM   1046 O OE1 A GLU B 1 35 ? -4.964  -7.152  -19.042 0.50 29.33  ? 35  GLU B OE1 1 
ATOM   1047 O OE1 B GLU B 1 35 ? -5.005  -6.259  -18.505 0.50 28.27  ? 35  GLU B OE1 1 
ATOM   1048 O OE2 A GLU B 1 35 ? -4.368  -8.712  -20.475 0.50 29.56  ? 35  GLU B OE2 1 
ATOM   1049 O OE2 B GLU B 1 35 ? -5.051  -8.062  -19.758 0.50 29.97  ? 35  GLU B OE2 1 
ATOM   1050 N N   . MET B 1 36 ? -1.944  -9.536  -18.378 1.00 24.99  ? 36  MET B N   1 
ATOM   1051 C CA  . MET B 1 36 ? -1.405  -10.830 -18.838 1.00 27.89  ? 36  MET B CA  1 
ATOM   1052 C C   . MET B 1 36 ? -2.536  -11.781 -19.207 1.00 29.36  ? 36  MET B C   1 
ATOM   1053 O O   . MET B 1 36 ? -3.585  -11.789 -18.556 1.00 28.60  ? 36  MET B O   1 
ATOM   1054 C CB  . MET B 1 36 ? -0.450  -11.466 -17.820 1.00 29.36  ? 36  MET B CB  1 
ATOM   1055 C CG  . MET B 1 36 ? -1.058  -12.068 -16.581 1.00 29.03  ? 36  MET B CG  1 
ATOM   1056 S SD  . MET B 1 36 ? 0.292   -12.698 -15.545 1.00 33.23  ? 36  MET B SD  1 
ATOM   1057 C CE  . MET B 1 36 ? 0.741   -14.205 -16.389 1.00 31.69  ? 36  MET B CE  1 
ATOM   1058 N N   . ASN B 1 37 ? -2.314  -12.562 -20.269 1.00 31.55  ? 37  ASN B N   1 
ATOM   1059 C CA  . ASN B 1 37 ? -3.315  -13.516 -20.814 1.00 32.84  ? 37  ASN B CA  1 
ATOM   1060 C C   . ASN B 1 37 ? -3.530  -14.808 -20.028 1.00 32.95  ? 37  ASN B C   1 
ATOM   1061 O O   . ASN B 1 37 ? -3.323  -15.908 -20.545 1.00 34.79  ? 37  ASN B O   1 
ATOM   1062 C CB  . ASN B 1 37 ? -3.002  -13.836 -22.293 1.00 31.65  ? 37  ASN B CB  1 
ATOM   1063 N N   . LEU B 1 38 ? -3.989  -14.670 -18.791 1.00 32.52  ? 38  LEU B N   1 
ATOM   1064 C CA  . LEU B 1 38 ? -4.252  -15.831 -17.944 1.00 32.61  ? 38  LEU B CA  1 
ATOM   1065 C C   . LEU B 1 38 ? -5.488  -16.558 -18.445 1.00 33.15  ? 38  LEU B C   1 
ATOM   1066 O O   . LEU B 1 38 ? -6.482  -15.922 -18.799 1.00 33.61  ? 38  LEU B O   1 
ATOM   1067 C CB  . LEU B 1 38 ? -4.518  -15.402 -16.497 1.00 31.57  ? 38  LEU B CB  1 
ATOM   1068 C CG  . LEU B 1 38 ? -3.399  -15.042 -15.523 1.00 30.03  ? 38  LEU B CG  1 
ATOM   1069 C CD1 . LEU B 1 38 ? -4.037  -14.745 -14.157 1.00 29.35  ? 38  LEU B CD1 1 
ATOM   1070 C CD2 . LEU B 1 38 ? -2.400  -16.185 -15.405 1.00 27.00  ? 38  LEU B CD2 1 
ATOM   1071 N N   . PRO B 1 39 ? -5.420  -17.901 -18.541 1.00 32.70  ? 39  PRO B N   1 
ATOM   1072 C CA  . PRO B 1 39 ? -6.576  -18.673 -18.997 1.00 31.64  ? 39  PRO B CA  1 
ATOM   1073 C C   . PRO B 1 39 ? -7.561  -18.731 -17.827 1.00 30.48  ? 39  PRO B C   1 
ATOM   1074 O O   . PRO B 1 39 ? -7.187  -18.457 -16.689 1.00 29.90  ? 39  PRO B O   1 
ATOM   1075 C CB  . PRO B 1 39 ? -5.974  -20.054 -19.266 1.00 31.26  ? 39  PRO B CB  1 
ATOM   1076 C CG  . PRO B 1 39 ? -4.879  -20.148 -18.249 1.00 31.80  ? 39  PRO B CG  1 
ATOM   1077 C CD  . PRO B 1 39 ? -4.244  -18.774 -18.352 1.00 32.41  ? 39  PRO B CD  1 
ATOM   1078 N N   . GLY B 1 40 ? -8.811  -19.078 -18.103 1.00 29.66  ? 40  GLY B N   1 
ATOM   1079 C CA  . GLY B 1 40 ? -9.786  -19.171 -17.034 1.00 29.06  ? 40  GLY B CA  1 
ATOM   1080 C C   . GLY B 1 40 ? -10.940 -18.192 -17.151 1.00 29.17  ? 40  GLY B C   1 
ATOM   1081 O O   . GLY B 1 40 ? -10.944 -17.293 -17.999 1.00 28.37  ? 40  GLY B O   1 
ATOM   1082 N N   . LYS B 1 41 ? -11.954 -18.415 -16.325 1.00 27.78  ? 41  LYS B N   1 
ATOM   1083 C CA  . LYS B 1 41 ? -13.130 -17.546 -16.302 1.00 27.53  ? 41  LYS B CA  1 
ATOM   1084 C C   . LYS B 1 41 ? -12.802 -16.380 -15.375 1.00 26.60  ? 41  LYS B C   1 
ATOM   1085 O O   . LYS B 1 41 ? -12.026 -16.526 -14.424 1.00 26.09  ? 41  LYS B O   1 
ATOM   1086 C CB  . LYS B 1 41 ? -14.348 -18.320 -15.778 1.00 29.16  ? 41  LYS B CB  1 
ATOM   1087 N N   . TRP B 1 42 ? -13.380 -15.221 -15.659 1.00 23.93  ? 42  TRP B N   1 
ATOM   1088 C CA  . TRP B 1 42 ? -13.139 -14.038 -14.831 1.00 22.24  ? 42  TRP B CA  1 
ATOM   1089 C C   . TRP B 1 42 ? -14.410 -13.223 -14.731 1.00 21.99  ? 42  TRP B C   1 
ATOM   1090 O O   . TRP B 1 42 ? -15.348 -13.420 -15.510 1.00 20.41  ? 42  TRP B O   1 
ATOM   1091 C CB  . TRP B 1 42 ? -12.024 -13.187 -15.438 1.00 23.43  ? 42  TRP B CB  1 
ATOM   1092 C CG  . TRP B 1 42 ? -12.238 -12.858 -16.879 1.00 25.02  ? 42  TRP B CG  1 
ATOM   1093 C CD1 . TRP B 1 42 ? -11.802 -13.575 -17.959 1.00 26.56  ? 42  TRP B CD1 1 
ATOM   1094 C CD2 . TRP B 1 42 ? -12.930 -11.720 -17.408 1.00 26.98  ? 42  TRP B CD2 1 
ATOM   1095 N NE1 . TRP B 1 42 ? -12.175 -12.954 -19.124 1.00 27.10  ? 42  TRP B NE1 1 
ATOM   1096 C CE2 . TRP B 1 42 ? -12.870 -11.814 -18.818 1.00 25.98  ? 42  TRP B CE2 1 
ATOM   1097 C CE3 . TRP B 1 42 ? -13.592 -10.626 -16.828 1.00 26.64  ? 42  TRP B CE3 1 
ATOM   1098 C CZ2 . TRP B 1 42 ? -13.435 -10.855 -19.655 1.00 27.05  ? 42  TRP B CZ2 1 
ATOM   1099 C CZ3 . TRP B 1 42 ? -14.158 -9.668  -17.664 1.00 28.31  ? 42  TRP B CZ3 1 
ATOM   1100 C CH2 . TRP B 1 42 ? -14.077 -9.793  -19.065 1.00 28.57  ? 42  TRP B CH2 1 
ATOM   1101 N N   . LYS B 1 43 ? -14.446 -12.333 -13.745 1.00 20.43  ? 43  LYS B N   1 
ATOM   1102 C CA  . LYS B 1 43 ? -15.599 -11.442 -13.536 1.00 18.84  ? 43  LYS B CA  1 
ATOM   1103 C C   . LYS B 1 43 ? -15.065 -10.003 -13.546 1.00 19.05  ? 43  LYS B C   1 
ATOM   1104 O O   . LYS B 1 43 ? -13.986 -9.727  -13.011 1.00 18.43  ? 43  LYS B O   1 
ATOM   1105 C CB  . LYS B 1 43 ? -16.284 -11.766 -12.207 1.00 18.80  ? 43  LYS B CB  1 
ATOM   1106 N N   . PRO B 1 44 ? -15.768 -9.082  -14.224 1.00 18.98  ? 44  PRO B N   1 
ATOM   1107 C CA  . PRO B 1 44 ? -15.306 -7.688  -14.263 1.00 16.49  ? 44  PRO B CA  1 
ATOM   1108 C C   . PRO B 1 44 ? -15.434 -7.022  -12.906 1.00 13.67  ? 44  PRO B C   1 
ATOM   1109 O O   . PRO B 1 44 ? -16.350 -7.310  -12.131 1.00 12.72  ? 44  PRO B O   1 
ATOM   1110 C CB  . PRO B 1 44 ? -16.231 -7.047  -15.298 1.00 18.58  ? 44  PRO B CB  1 
ATOM   1111 C CG  . PRO B 1 44 ? -17.491 -7.830  -15.146 1.00 22.38  ? 44  PRO B CG  1 
ATOM   1112 C CD  . PRO B 1 44 ? -16.987 -9.254  -15.034 1.00 20.63  ? 44  PRO B CD  1 
ATOM   1113 N N   . LYS B 1 45 ? -14.539 -6.087  -12.644 1.00 11.66  ? 45  LYS B N   1 
ATOM   1114 C CA  . LYS B 1 45 ? -14.526 -5.395  -11.367 1.00 12.06  ? 45  LYS B CA  1 
ATOM   1115 C C   . LYS B 1 45 ? -13.836 -4.052  -11.526 1.00 11.07  ? 45  LYS B C   1 
ATOM   1116 O O   . LYS B 1 45 ? -13.058 -3.840  -12.460 1.00 11.19  ? 45  LYS B O   1 
ATOM   1117 C CB  . LYS B 1 45 ? -13.758 -6.256  -10.360 1.00 13.75  ? 45  LYS B CB  1 
ATOM   1118 C CG  . LYS B 1 45 ? -13.968 -5.869  -8.934  1.00 18.83  ? 45  LYS B CG  1 
ATOM   1119 C CD  . LYS B 1 45 ? -13.132 -6.735  -8.026  1.00 21.61  ? 45  LYS B CD  1 
ATOM   1120 C CE  . LYS B 1 45 ? -13.576 -6.544  -6.588  1.00 26.54  ? 45  LYS B CE  1 
ATOM   1121 N NZ  . LYS B 1 45 ? -12.682 -7.238  -5.618  1.00 30.53  ? 45  LYS B NZ  1 
ATOM   1122 N N   . MET B 1 46 ? -14.144 -3.146  -10.612 1.00 11.25  ? 46  MET B N   1 
ATOM   1123 C CA  . MET B 1 46 ? -13.530 -1.813  -10.590 1.00 12.30  ? 46  MET B CA  1 
ATOM   1124 C C   . MET B 1 46 ? -12.857 -1.616  -9.242  1.00 12.73  ? 46  MET B C   1 
ATOM   1125 O O   . MET B 1 46 ? -13.430 -1.958  -8.209  1.00 12.23  ? 46  MET B O   1 
ATOM   1126 C CB  A MET B 1 46 ? -14.622 -0.748  -10.690 0.50 13.00  ? 46  MET B CB  1 
ATOM   1127 C CB  B MET B 1 46 ? -14.557 -0.728  -10.903 0.50 13.38  ? 46  MET B CB  1 
ATOM   1128 C CG  A MET B 1 46 ? -15.367 -0.743  -11.986 0.50 14.30  ? 46  MET B CG  1 
ATOM   1129 C CG  B MET B 1 46 ? -14.988 -0.793  -12.364 0.50 13.30  ? 46  MET B CG  1 
ATOM   1130 S SD  A MET B 1 46 ? -14.343 -0.067  -13.258 0.50 15.91  ? 46  MET B SD  1 
ATOM   1131 S SD  B MET B 1 46 ? -15.865 0.636   -12.984 0.50 17.00  ? 46  MET B SD  1 
ATOM   1132 C CE  A MET B 1 46 ? -14.990 1.612   -13.381 0.50 17.86  ? 46  MET B CE  1 
ATOM   1133 C CE  B MET B 1 46 ? -14.521 1.865   -12.992 0.50 15.83  ? 46  MET B CE  1 
ATOM   1134 N N   . ILE B 1 47 ? -11.607 -1.170  -9.245  1.00 11.66  ? 47  ILE B N   1 
ATOM   1135 C CA  . ILE B 1 47 ? -10.914 -0.916  -7.971  1.00 12.22  ? 47  ILE B CA  1 
ATOM   1136 C C   . ILE B 1 47 ? -10.459 0.535   -8.003  1.00 10.58  ? 47  ILE B C   1 
ATOM   1137 O O   . ILE B 1 47 ? -10.070 1.043   -9.043  1.00 10.23  ? 47  ILE B O   1 
ATOM   1138 C CB  . ILE B 1 47 ? -9.684  -1.878  -7.714  1.00 14.20  ? 47  ILE B CB  1 
ATOM   1139 C CG1 . ILE B 1 47 ? -8.628  -1.749  -8.820  1.00 15.45  ? 47  ILE B CG1 1 
ATOM   1140 C CG2 . ILE B 1 47 ? -10.150 -3.319  -7.534  1.00 14.33  ? 47  ILE B CG2 1 
ATOM   1141 C CD1 . ILE B 1 47 ? -7.339  -2.497  -8.521  1.00 19.25  ? 47  ILE B CD1 1 
ATOM   1142 N N   . GLY B 1 48 ? -10.559 1.219   -6.875  1.00 11.52  ? 48  GLY B N   1 
ATOM   1143 C CA  . GLY B 1 48 ? -10.169 2.606   -6.859  1.00 13.98  ? 48  GLY B CA  1 
ATOM   1144 C C   . GLY B 1 48 ? -8.972  2.883   -5.991  1.00 16.31  ? 48  GLY B C   1 
ATOM   1145 O O   . GLY B 1 48 ? -8.767  2.268   -4.955  1.00 16.67  ? 48  GLY B O   1 
ATOM   1146 N N   . GLY B 1 49 ? -8.168  3.825   -6.428  1.00 18.19  ? 49  GLY B N   1 
ATOM   1147 C CA  . GLY B 1 49 ? -7.008  4.179   -5.650  1.00 19.78  ? 49  GLY B CA  1 
ATOM   1148 C C   . GLY B 1 49 ? -6.872  5.669   -5.718  1.00 19.99  ? 49  GLY B C   1 
ATOM   1149 O O   . GLY B 1 49 ? -7.832  6.382   -6.034  1.00 20.04  ? 49  GLY B O   1 
ATOM   1150 N N   A ILE B 1 50 ? -5.668  6.157   -5.459  0.50 19.37  ? 50  ILE B N   1 
ATOM   1151 N N   B ILE B 1 50 ? -5.667  6.149   -5.439  0.50 19.28  ? 50  ILE B N   1 
ATOM   1152 C CA  A ILE B 1 50 ? -5.439  7.600   -5.440  0.50 19.34  ? 50  ILE B CA  1 
ATOM   1153 C CA  B ILE B 1 50 ? -5.396  7.581   -5.534  0.50 19.06  ? 50  ILE B CA  1 
ATOM   1154 C C   A ILE B 1 50 ? -5.989  8.450   -6.582  0.50 18.13  ? 50  ILE B C   1 
ATOM   1155 C C   B ILE B 1 50 ? -5.491  7.837   -7.027  0.50 17.78  ? 50  ILE B C   1 
ATOM   1156 O O   A ILE B 1 50 ? -6.752  9.367   -6.322  0.50 18.72  ? 50  ILE B O   1 
ATOM   1157 O O   B ILE B 1 50 ? -4.944  7.085   -7.830  0.50 17.02  ? 50  ILE B O   1 
ATOM   1158 C CB  . ILE B 1 50 ? -3.975  7.940   -5.026  1.00 19.79  ? 50  ILE B CB  1 
ATOM   1159 C CG1 . ILE B 1 50 ? -3.932  7.940   -3.499  1.00 21.34  ? 50  ILE B CG1 1 
ATOM   1160 C CG2 . ILE B 1 50 ? -3.537  9.301   -5.546  1.00 19.31  ? 50  ILE B CG2 1 
ATOM   1161 C CD1 . ILE B 1 50 ? -2.716  8.584   -2.931  1.00 26.74  ? 50  ILE B CD1 1 
ATOM   1162 N N   A GLY B 1 51 ? -5.698  8.105   -7.830  0.50 17.15  ? 51  GLY B N   1 
ATOM   1163 N N   B GLY B 1 51 ? -6.249  8.860   -7.393  0.50 17.37  ? 51  GLY B N   1 
ATOM   1164 C CA  A GLY B 1 51 ? -6.194  8.916   -8.933  0.50 17.84  ? 51  GLY B CA  1 
ATOM   1165 C CA  B GLY B 1 51 ? -6.414  9.181   -8.791  0.50 17.97  ? 51  GLY B CA  1 
ATOM   1166 C C   A GLY B 1 51 ? -7.589  8.595   -9.451  0.50 18.50  ? 51  GLY B C   1 
ATOM   1167 C C   B GLY B 1 51 ? -7.794  8.768   -9.244  0.50 18.63  ? 51  GLY B C   1 
ATOM   1168 O O   A GLY B 1 51 ? -8.103  9.292   -10.323 0.50 18.31  ? 51  GLY B O   1 
ATOM   1169 O O   B GLY B 1 51 ? -8.500  9.556   -9.871  0.50 18.99  ? 51  GLY B O   1 
ATOM   1170 N N   . GLY B 1 52 ? -8.194  7.545   -8.907  1.00 18.36  ? 52  GLY B N   1 
ATOM   1171 C CA  . GLY B 1 52 ? -9.512  7.102   -9.319  1.00 17.60  ? 52  GLY B CA  1 
ATOM   1172 C C   . GLY B 1 52 ? -9.623  5.595   -9.430  1.00 16.44  ? 52  GLY B C   1 
ATOM   1173 O O   . GLY B 1 52 ? -8.886  4.860   -8.771  1.00 17.19  ? 52  GLY B O   1 
ATOM   1174 N N   . PHE B 1 53 ? -10.535 5.141   -10.287 1.00 14.92  ? 53  PHE B N   1 
ATOM   1175 C CA  . PHE B 1 53 ? -10.792 3.704   -10.491 1.00 13.26  ? 53  PHE B CA  1 
ATOM   1176 C C   . PHE B 1 53 ? -10.306 3.171   -11.827 1.00 12.44  ? 53  PHE B C   1 
ATOM   1177 O O   . PHE B 1 53 ? -10.238 3.908   -12.815 1.00 14.96  ? 53  PHE B O   1 
ATOM   1178 C CB  . PHE B 1 53 ? -12.303 3.412   -10.397 1.00 10.47  ? 53  PHE B CB  1 
ATOM   1179 C CG  . PHE B 1 53 ? -12.860 3.507   -9.014  1.00 11.73  ? 53  PHE B CG  1 
ATOM   1180 C CD1 . PHE B 1 53 ? -13.048 4.749   -8.403  1.00 10.62  ? 53  PHE B CD1 1 
ATOM   1181 C CD2 . PHE B 1 53 ? -13.188 2.363   -8.317  1.00 9.46   ? 53  PHE B CD2 1 
ATOM   1182 C CE1 . PHE B 1 53 ? -13.546 4.844   -7.126  1.00 9.18   ? 53  PHE B CE1 1 
ATOM   1183 C CE2 . PHE B 1 53 ? -13.690 2.451   -7.030  1.00 14.00  ? 53  PHE B CE2 1 
ATOM   1184 C CZ  . PHE B 1 53 ? -13.869 3.703   -6.432  1.00 11.93  ? 53  PHE B CZ  1 
ATOM   1185 N N   . ILE B 1 54 ? -9.954  1.888   -11.847 1.00 11.80  ? 54  ILE B N   1 
ATOM   1186 C CA  . ILE B 1 54 ? -9.556  1.206   -13.092 1.00 10.06  ? 54  ILE B CA  1 
ATOM   1187 C C   . ILE B 1 54 ? -10.358 -0.092  -13.150 1.00 11.80  ? 54  ILE B C   1 
ATOM   1188 O O   . ILE B 1 54 ? -10.745 -0.650  -12.098 1.00 10.27  ? 54  ILE B O   1 
ATOM   1189 C CB  . ILE B 1 54 ? -8.058  0.880   -13.187 1.00 11.17  ? 54  ILE B CB  1 
ATOM   1190 C CG1 . ILE B 1 54 ? -7.617  0.000   -12.026 1.00 11.04  ? 54  ILE B CG1 1 
ATOM   1191 C CG2 . ILE B 1 54 ? -7.244  2.164   -13.276 1.00 13.11  ? 54  ILE B CG2 1 
ATOM   1192 C CD1 . ILE B 1 54 ? -6.322  -0.755  -12.303 1.00 14.24  ? 54  ILE B CD1 1 
ATOM   1193 N N   . LYS B 1 55 ? -10.641 -0.545  -14.371 1.00 10.53  ? 55  LYS B N   1 
ATOM   1194 C CA  . LYS B 1 55 ? -11.404 -1.789  -14.588 1.00 11.80  ? 55  LYS B CA  1 
ATOM   1195 C C   . LYS B 1 55 ? -10.399 -2.946  -14.634 1.00 11.87  ? 55  LYS B C   1 
ATOM   1196 O O   . LYS B 1 55 ? -9.355  -2.841  -15.297 1.00 11.90  ? 55  LYS B O   1 
ATOM   1197 C CB  A LYS B 1 55 ? -12.167 -1.705  -15.913 0.50 12.66  ? 55  LYS B CB  1 
ATOM   1198 C CB  B LYS B 1 55 ? -12.157 -1.741  -15.922 0.50 12.80  ? 55  LYS B CB  1 
ATOM   1199 C CG  A LYS B 1 55 ? -13.382 -2.619  -16.021 0.50 14.64  ? 55  LYS B CG  1 
ATOM   1200 C CG  B LYS B 1 55 ? -12.976 -0.486  -16.172 0.50 14.27  ? 55  LYS B CG  1 
ATOM   1201 C CD  A LYS B 1 55 ? -13.986 -2.540  -17.411 0.50 15.00  ? 55  LYS B CD  1 
ATOM   1202 C CD  B LYS B 1 55 ? -13.580 -0.529  -17.561 0.50 16.38  ? 55  LYS B CD  1 
ATOM   1203 C CE  A LYS B 1 55 ? -15.419 -3.021  -17.421 0.50 17.09  ? 55  LYS B CE  1 
ATOM   1204 C CE  B LYS B 1 55 ? -13.907 0.860   -18.074 0.50 16.61  ? 55  LYS B CE  1 
ATOM   1205 N NZ  A LYS B 1 55 ? -16.340 -1.996  -16.838 0.50 18.75  ? 55  LYS B NZ  1 
ATOM   1206 N NZ  B LYS B 1 55 ? -14.891 1.554   -17.209 0.50 19.17  ? 55  LYS B NZ  1 
ATOM   1207 N N   . VAL B 1 56 ? -10.708 -4.021  -13.914 1.00 11.77  ? 56  VAL B N   1 
ATOM   1208 C CA  . VAL B 1 56 ? -9.848  -5.213  -13.877 1.00 12.14  ? 56  VAL B CA  1 
ATOM   1209 C C   . VAL B 1 56 ? -10.665 -6.485  -14.082 1.00 11.81  ? 56  VAL B C   1 
ATOM   1210 O O   . VAL B 1 56 ? -11.887 -6.461  -14.074 1.00 12.90  ? 56  VAL B O   1 
ATOM   1211 C CB  . VAL B 1 56 ? -9.096  -5.333  -12.521 1.00 14.49  ? 56  VAL B CB  1 
ATOM   1212 C CG1 . VAL B 1 56 ? -8.158  -4.116  -12.307 1.00 14.44  ? 56  VAL B CG1 1 
ATOM   1213 C CG2 . VAL B 1 56 ? -10.095 -5.466  -11.366 1.00 13.12  ? 56  VAL B CG2 1 
ATOM   1214 N N   . ARG B 1 57 ? -9.979  -7.593  -14.326 1.00 12.03  ? 57  ARG B N   1 
ATOM   1215 C CA  . ARG B 1 57 ? -10.647 -8.882  -14.499 1.00 12.12  ? 57  ARG B CA  1 
ATOM   1216 C C   . ARG B 1 57 ? -10.292 -9.684  -13.266 1.00 13.05  ? 57  ARG B C   1 
ATOM   1217 O O   . ARG B 1 57 ? -9.130  -9.810  -12.902 1.00 15.64  ? 57  ARG B O   1 
ATOM   1218 C CB  . ARG B 1 57 ? -10.151 -9.589  -15.755 1.00 12.75  ? 57  ARG B CB  1 
ATOM   1219 C CG  . ARG B 1 57 ? -10.325 -8.771  -17.001 1.00 17.49  ? 57  ARG B CG  1 
ATOM   1220 C CD  . ARG B 1 57 ? -10.123 -9.592  -18.269 1.00 23.45  ? 57  ARG B CD  1 
ATOM   1221 N NE  . ARG B 1 57 ? -8.812  -10.270 -18.345 1.00 27.73  ? 57  ARG B NE  1 
ATOM   1222 C CZ  . ARG B 1 57 ? -7.655  -9.674  -18.645 1.00 29.61  ? 57  ARG B CZ  1 
ATOM   1223 N NH1 . ARG B 1 57 ? -7.618  -8.368  -18.890 1.00 29.11  ? 57  ARG B NH1 1 
ATOM   1224 N NH2 . ARG B 1 57 ? -6.540  -10.399 -18.752 1.00 29.91  ? 57  ARG B NH2 1 
ATOM   1225 N N   . GLN B 1 58 ? -11.299 -10.167 -12.581 1.00 12.92  ? 58  GLN B N   1 
ATOM   1226 C CA  . GLN B 1 58 ? -11.055 -10.923 -11.374 1.00 13.41  ? 58  GLN B CA  1 
ATOM   1227 C C   . GLN B 1 58 ? -10.995 -12.415 -11.638 1.00 15.34  ? 58  GLN B C   1 
ATOM   1228 O O   . GLN B 1 58 ? -11.911 -12.994 -12.228 1.00 15.29  ? 58  GLN B O   1 
ATOM   1229 C CB  . GLN B 1 58 ? -12.132 -10.606 -10.356 1.00 14.46  ? 58  GLN B CB  1 
ATOM   1230 C CG  . GLN B 1 58 ? -12.073 -11.457 -9.126  1.00 19.28  ? 58  GLN B CG  1 
ATOM   1231 C CD  . GLN B 1 58 ? -13.257 -11.234 -8.243  1.00 24.35  ? 58  GLN B CD  1 
ATOM   1232 O OE1 . GLN B 1 58 ? -13.642 -10.094 -7.980  1.00 28.28  ? 58  GLN B OE1 1 
ATOM   1233 N NE2 . GLN B 1 58 ? -13.859 -12.320 -7.778  1.00 27.15  ? 58  GLN B NE2 1 
ATOM   1234 N N   . TYR B 1 59 ? -9.868  -13.014 -11.263 1.00 14.77  ? 59  TYR B N   1 
ATOM   1235 C CA  . TYR B 1 59 ? -9.658  -14.463 -11.415 1.00 16.65  ? 59  TYR B CA  1 
ATOM   1236 C C   . TYR B 1 59 ? -9.566  -15.068 -10.017 1.00 18.72  ? 59  TYR B C   1 
ATOM   1237 O O   . TYR B 1 59 ? -8.951  -14.490 -9.114  1.00 20.29  ? 59  TYR B O   1 
ATOM   1238 C CB  . TYR B 1 59 ? -8.366  -14.743 -12.169 1.00 15.64  ? 59  TYR B CB  1 
ATOM   1239 C CG  . TYR B 1 59 ? -8.400  -14.356 -13.618 1.00 15.79  ? 59  TYR B CG  1 
ATOM   1240 C CD1 . TYR B 1 59 ? -8.802  -15.266 -14.589 1.00 16.43  ? 59  TYR B CD1 1 
ATOM   1241 C CD2 . TYR B 1 59 ? -8.002  -13.096 -14.023 1.00 16.06  ? 59  TYR B CD2 1 
ATOM   1242 C CE1 . TYR B 1 59 ? -8.805  -14.928 -15.929 1.00 18.58  ? 59  TYR B CE1 1 
ATOM   1243 C CE2 . TYR B 1 59 ? -7.997  -12.740 -15.356 1.00 18.74  ? 59  TYR B CE2 1 
ATOM   1244 C CZ  . TYR B 1 59 ? -8.402  -13.657 -16.311 1.00 19.65  ? 59  TYR B CZ  1 
ATOM   1245 O OH  . TYR B 1 59 ? -8.422  -13.291 -17.642 1.00 21.43  ? 59  TYR B OH  1 
ATOM   1246 N N   . ASP B 1 60 ? -10.177 -16.225 -9.825  1.00 20.61  ? 60  ASP B N   1 
ATOM   1247 C CA  . ASP B 1 60 ? -10.141 -16.862 -8.512  1.00 22.21  ? 60  ASP B CA  1 
ATOM   1248 C C   . ASP B 1 60 ? -9.259  -18.089 -8.478  1.00 21.56  ? 60  ASP B C   1 
ATOM   1249 O O   . ASP B 1 60 ? -8.961  -18.683 -9.512  1.00 19.82  ? 60  ASP B O   1 
ATOM   1250 C CB  . ASP B 1 60 ? -11.562 -17.191 -8.050  1.00 29.08  ? 60  ASP B CB  1 
ATOM   1251 C CG  . ASP B 1 60 ? -12.422 -15.941 -7.897  1.00 35.41  ? 60  ASP B CG  1 
ATOM   1252 O OD1 . ASP B 1 60 ? -11.862 -14.875 -7.527  1.00 36.64  ? 60  ASP B OD1 1 
ATOM   1253 O OD2 . ASP B 1 60 ? -13.650 -16.021 -8.161  1.00 39.45  ? 60  ASP B OD2 1 
ATOM   1254 N N   . GLN B 1 61 ? -8.800  -18.429 -7.276  1.00 21.07  ? 61  GLN B N   1 
ATOM   1255 C CA  . GLN B 1 61 ? -7.936  -19.596 -7.065  1.00 23.40  ? 61  GLN B CA  1 
ATOM   1256 C C   . GLN B 1 61 ? -6.779  -19.726 -8.047  1.00 21.55  ? 61  GLN B C   1 
ATOM   1257 O O   . GLN B 1 61 ? -6.634  -20.739 -8.714  1.00 22.47  ? 61  GLN B O   1 
ATOM   1258 C CB  . GLN B 1 61 ? -8.763  -20.886 -7.030  1.00 27.20  ? 61  GLN B CB  1 
ATOM   1259 C CG  . GLN B 1 61 ? -9.545  -21.076 -5.737  1.00 34.51  ? 61  GLN B CG  1 
ATOM   1260 C CD  . GLN B 1 61 ? -10.592 -22.177 -5.838  1.00 40.05  ? 61  GLN B CD  1 
ATOM   1261 O OE1 . GLN B 1 61 ? -11.724 -22.017 -5.365  1.00 43.53  ? 61  GLN B OE1 1 
ATOM   1262 N NE2 . GLN B 1 61 ? -10.223 -23.300 -6.464  1.00 42.70  ? 61  GLN B NE2 1 
ATOM   1263 N N   . ILE B 1 62 ? -5.976  -18.673 -8.151  1.00 18.97  ? 62  ILE B N   1 
ATOM   1264 C CA  . ILE B 1 62 ? -4.798  -18.672 -9.020  1.00 17.42  ? 62  ILE B CA  1 
ATOM   1265 C C   . ILE B 1 62 ? -3.604  -18.916 -8.094  1.00 17.86  ? 62  ILE B C   1 
ATOM   1266 O O   . ILE B 1 62 ? -3.477  -18.265 -7.060  1.00 15.93  ? 62  ILE B O   1 
ATOM   1267 C CB  . ILE B 1 62 ? -4.614  -17.306 -9.710  1.00 17.40  ? 62  ILE B CB  1 
ATOM   1268 C CG1 . ILE B 1 62 ? -5.863  -16.954 -10.522 1.00 16.58  ? 62  ILE B CG1 1 
ATOM   1269 C CG2 . ILE B 1 62 ? -3.352  -17.301 -10.582 1.00 17.83  ? 62  ILE B CG2 1 
ATOM   1270 C CD1 . ILE B 1 62 ? -6.074  -17.805 -11.739 1.00 17.15  ? 62  ILE B CD1 1 
ATOM   1271 N N   . PRO B 1 63 ? -2.794  -19.943 -8.390  1.00 18.83  ? 63  PRO B N   1 
ATOM   1272 C CA  . PRO B 1 63 ? -1.621  -20.252 -7.568  1.00 19.99  ? 63  PRO B CA  1 
ATOM   1273 C C   . PRO B 1 63 ? -0.523  -19.217 -7.816  1.00 19.64  ? 63  PRO B C   1 
ATOM   1274 O O   . PRO B 1 63 ? -0.183  -18.903 -8.960  1.00 17.88  ? 63  PRO B O   1 
ATOM   1275 C CB  . PRO B 1 63 ? -1.196  -21.627 -8.084  1.00 18.55  ? 63  PRO B CB  1 
ATOM   1276 C CG  . PRO B 1 63 ? -2.456  -22.203 -8.624  1.00 21.33  ? 63  PRO B CG  1 
ATOM   1277 C CD  . PRO B 1 63 ? -3.025  -21.023 -9.361  1.00 19.55  ? 63  PRO B CD  1 
ATOM   1278 N N   . VAL B 1 64 ? 0.025   -18.687 -6.733  1.00 19.99  ? 64  VAL B N   1 
ATOM   1279 C CA  . VAL B 1 64 ? 1.076   -17.670 -6.840  1.00 19.99  ? 64  VAL B CA  1 
ATOM   1280 C C   . VAL B 1 64 ? 2.162   -18.006 -5.834  1.00 21.07  ? 64  VAL B C   1 
ATOM   1281 O O   . VAL B 1 64 ? 1.889   -18.176 -4.643  1.00 20.70  ? 64  VAL B O   1 
ATOM   1282 C CB  . VAL B 1 64 ? 0.530   -16.247 -6.522  1.00 19.63  ? 64  VAL B CB  1 
ATOM   1283 C CG1 . VAL B 1 64 ? 1.652   -15.214 -6.626  1.00 20.22  ? 64  VAL B CG1 1 
ATOM   1284 C CG2 . VAL B 1 64 ? -0.605  -15.872 -7.479  1.00 19.35  ? 64  VAL B CG2 1 
ATOM   1285 N N   . GLU B 1 65 ? 3.386   -18.148 -6.319  1.00 20.53  ? 65  GLU B N   1 
ATOM   1286 C CA  . GLU B 1 65 ? 4.501   -18.435 -5.419  1.00 22.09  ? 65  GLU B CA  1 
ATOM   1287 C C   . GLU B 1 65 ? 5.180   -17.100 -5.083  1.00 20.32  ? 65  GLU B C   1 
ATOM   1288 O O   . GLU B 1 65 ? 5.547   -16.345 -5.977  1.00 19.70  ? 65  GLU B O   1 
ATOM   1289 C CB  . GLU B 1 65 ? 5.461   -19.392 -6.099  1.00 25.13  ? 65  GLU B CB  1 
ATOM   1290 C CG  . GLU B 1 65 ? 6.598   -19.825 -5.237  1.00 32.96  ? 65  GLU B CG  1 
ATOM   1291 C CD  . GLU B 1 65 ? 7.470   -20.805 -5.964  1.00 37.18  ? 65  GLU B CD  1 
ATOM   1292 O OE1 . GLU B 1 65 ? 8.445   -20.369 -6.622  1.00 40.86  ? 65  GLU B OE1 1 
ATOM   1293 O OE2 . GLU B 1 65 ? 7.154   -22.008 -5.904  1.00 39.64  ? 65  GLU B OE2 1 
ATOM   1294 N N   . ILE B 1 66 ? 5.316   -16.805 -3.797  1.00 18.67  ? 66  ILE B N   1 
ATOM   1295 C CA  . ILE B 1 66 ? 5.917   -15.539 -3.357  1.00 19.13  ? 66  ILE B CA  1 
ATOM   1296 C C   . ILE B 1 66 ? 7.182   -15.833 -2.590  1.00 19.61  ? 66  ILE B C   1 
ATOM   1297 O O   . ILE B 1 66 ? 7.126   -16.332 -1.467  1.00 18.18  ? 66  ILE B O   1 
ATOM   1298 C CB  . ILE B 1 66 ? 4.949   -14.747 -2.434  1.00 19.56  ? 66  ILE B CB  1 
ATOM   1299 C CG1 . ILE B 1 66 ? 3.590   -14.551 -3.121  1.00 20.24  ? 66  ILE B CG1 1 
ATOM   1300 C CG2 . ILE B 1 66 ? 5.529   -13.367 -2.107  1.00 21.36  ? 66  ILE B CG2 1 
ATOM   1301 C CD1 . ILE B 1 66 ? 2.469   -14.227 -2.165  1.00 18.66  ? 66  ILE B CD1 1 
HETATM 1302 N N   . ABA B 1 67 ? 8.323   -15.509 -3.198  1.00 22.00  ? 67  ABA B N   1 
HETATM 1303 C CA  . ABA B 1 67 ? 9.635   -15.743 -2.559  1.00 24.27  ? 67  ABA B CA  1 
HETATM 1304 C C   . ABA B 1 67 ? 9.708   -17.199 -2.071  1.00 26.87  ? 67  ABA B C   1 
HETATM 1305 O O   . ABA B 1 67 ? 10.067  -17.462 -0.911  1.00 28.30  ? 67  ABA B O   1 
HETATM 1306 C CB  . ABA B 1 67 ? 9.843   -14.790 -1.366  1.00 21.82  ? 67  ABA B CB  1 
HETATM 1307 C CG  . ABA B 1 67 ? 10.221  -13.391 -1.733  1.00 21.60  ? 67  ABA B CG  1 
ATOM   1308 N N   . GLY B 1 68 ? 9.300   -18.135 -2.930  1.00 26.91  ? 68  GLY B N   1 
ATOM   1309 C CA  . GLY B 1 68 ? 9.342   -19.540 -2.558  1.00 27.75  ? 68  GLY B CA  1 
ATOM   1310 C C   . GLY B 1 68 ? 8.219   -20.021 -1.658  1.00 29.09  ? 68  GLY B C   1 
ATOM   1311 O O   . GLY B 1 68 ? 8.242   -21.171 -1.202  1.00 29.97  ? 68  GLY B O   1 
ATOM   1312 N N   . HIS B 1 69 ? 7.266   -19.137 -1.367  1.00 27.49  ? 69  HIS B N   1 
ATOM   1313 C CA  . HIS B 1 69 ? 6.114   -19.483 -0.524  1.00 26.50  ? 69  HIS B CA  1 
ATOM   1314 C C   . HIS B 1 69 ? 4.899   -19.605 -1.417  1.00 25.25  ? 69  HIS B C   1 
ATOM   1315 O O   . HIS B 1 69 ? 4.566   -18.678 -2.142  1.00 25.14  ? 69  HIS B O   1 
ATOM   1316 C CB  . HIS B 1 69 ? 5.868   -18.407 0.520   1.00 27.26  ? 69  HIS B CB  1 
ATOM   1317 C CG  . HIS B 1 69 ? 6.961   -18.290 1.531   1.00 29.88  ? 69  HIS B CG  1 
ATOM   1318 N ND1 . HIS B 1 69 ? 6.810   -18.693 2.836   1.00 30.53  ? 69  HIS B ND1 1 
ATOM   1319 C CD2 . HIS B 1 69 ? 8.220   -17.803 1.426   1.00 30.75  ? 69  HIS B CD2 1 
ATOM   1320 C CE1 . HIS B 1 69 ? 7.930   -18.455 3.498   1.00 31.69  ? 69  HIS B CE1 1 
ATOM   1321 N NE2 . HIS B 1 69 ? 8.801   -17.916 2.666   1.00 30.62  ? 69  HIS B NE2 1 
ATOM   1322 N N   . LYS B 1 70 ? 4.231   -20.751 -1.349  1.00 24.15  ? 70  LYS B N   1 
ATOM   1323 C CA  . LYS B 1 70 ? 3.042   -21.008 -2.169  1.00 21.40  ? 70  LYS B CA  1 
ATOM   1324 C C   . LYS B 1 70 ? 1.792   -20.424 -1.539  1.00 21.24  ? 70  LYS B C   1 
ATOM   1325 O O   . LYS B 1 70 ? 1.573   -20.500 -0.330  1.00 20.54  ? 70  LYS B O   1 
ATOM   1326 C CB  . LYS B 1 70 ? 2.868   -22.508 -2.405  0.50 20.56  ? 70  LYS B CB  1 
ATOM   1327 C CG  . LYS B 1 70 ? 4.067   -23.148 -3.075  0.50 21.23  ? 70  LYS B CG  1 
ATOM   1328 C CD  . LYS B 1 70 ? 3.950   -24.659 -3.096  0.50 23.98  ? 70  LYS B CD  1 
ATOM   1329 C CE  . LYS B 1 70 ? 5.274   -25.298 -3.508  0.50 25.63  ? 70  LYS B CE  1 
ATOM   1330 N NZ  . LYS B 1 70 ? 6.392   -24.917 -2.591  0.50 26.77  ? 70  LYS B NZ  1 
ATOM   1331 N N   . ALA B 1 71 ? 0.977   -19.821 -2.393  1.00 20.93  ? 71  ALA B N   1 
ATOM   1332 C CA  . ALA B 1 71 ? -0.279  -19.198 -1.985  1.00 20.92  ? 71  ALA B CA  1 
ATOM   1333 C C   . ALA B 1 71 ? -1.249  -19.396 -3.158  1.00 19.89  ? 71  ALA B C   1 
ATOM   1334 O O   . ALA B 1 71 ? -0.844  -19.771 -4.263  1.00 18.55  ? 71  ALA B O   1 
ATOM   1335 C CB  . ALA B 1 71 ? -0.057  -17.702 -1.701  1.00 17.98  ? 71  ALA B CB  1 
ATOM   1336 N N   . ILE B 1 72 ? -2.535  -19.221 -2.897  1.00 20.31  ? 72  ILE B N   1 
ATOM   1337 C CA  . ILE B 1 72 ? -3.529  -19.380 -3.957  1.00 19.45  ? 72  ILE B CA  1 
ATOM   1338 C C   . ILE B 1 72 ? -4.757  -18.573 -3.570  1.00 19.01  ? 72  ILE B C   1 
ATOM   1339 O O   . ILE B 1 72 ? -5.253  -18.657 -2.441  1.00 16.47  ? 72  ILE B O   1 
ATOM   1340 C CB  . ILE B 1 72 ? -3.845  -20.888 -4.253  1.00 20.37  ? 72  ILE B CB  1 
ATOM   1341 C CG1 . ILE B 1 72 ? -4.982  -21.013 -5.271  1.00 21.97  ? 72  ILE B CG1 1 
ATOM   1342 C CG2 . ILE B 1 72 ? -4.173  -21.636 -2.981  1.00 20.14  ? 72  ILE B CG2 1 
ATOM   1343 C CD1 . ILE B 1 72 ? -5.336  -22.435 -5.608  1.00 23.30  ? 72  ILE B CD1 1 
ATOM   1344 N N   . GLY B 1 73 ? -5.180  -17.718 -4.493  1.00 17.16  ? 73  GLY B N   1 
ATOM   1345 C CA  . GLY B 1 73 ? -6.325  -16.884 -4.231  1.00 16.74  ? 73  GLY B CA  1 
ATOM   1346 C C   . GLY B 1 73 ? -6.690  -16.009 -5.403  1.00 14.72  ? 73  GLY B C   1 
ATOM   1347 O O   . GLY B 1 73 ? -6.226  -16.212 -6.517  1.00 12.36  ? 73  GLY B O   1 
ATOM   1348 N N   . THR B 1 74 ? -7.511  -15.008 -5.118  1.00 15.36  ? 74  THR B N   1 
ATOM   1349 C CA  . THR B 1 74 ? -8.000  -14.069 -6.127  1.00 15.83  ? 74  THR B CA  1 
ATOM   1350 C C   . THR B 1 74 ? -6.881  -13.182 -6.641  1.00 16.05  ? 74  THR B C   1 
ATOM   1351 O O   . THR B 1 74 ? -6.052  -12.698 -5.869  1.00 16.22  ? 74  THR B O   1 
ATOM   1352 C CB  . THR B 1 74 ? -9.091  -13.178 -5.521  1.00 18.25  ? 74  THR B CB  1 
ATOM   1353 O OG1 . THR B 1 74 ? -10.137 -14.013 -5.008  1.00 21.37  ? 74  THR B OG1 1 
ATOM   1354 C CG2 . THR B 1 74 ? -9.660  -12.225 -6.559  1.00 17.38  ? 74  THR B CG2 1 
ATOM   1355 N N   . VAL B 1 75 ? -6.853  -12.993 -7.953  1.00 14.47  ? 75  VAL B N   1 
ATOM   1356 C CA  . VAL B 1 75 ? -5.851  -12.142 -8.594  1.00 12.85  ? 75  VAL B CA  1 
ATOM   1357 C C   . VAL B 1 75 ? -6.605  -11.242 -9.563  1.00 12.69  ? 75  VAL B C   1 
ATOM   1358 O O   . VAL B 1 75 ? -7.374  -11.730 -10.383 1.00 13.98  ? 75  VAL B O   1 
ATOM   1359 C CB  . VAL B 1 75 ? -4.806  -13.000 -9.369  1.00 14.98  ? 75  VAL B CB  1 
ATOM   1360 C CG1 . VAL B 1 75 ? -3.985  -12.136 -10.293 1.00 14.92  ? 75  VAL B CG1 1 
ATOM   1361 C CG2 . VAL B 1 75 ? -3.872  -13.726 -8.388  1.00 12.60  ? 75  VAL B CG2 1 
ATOM   1362 N N   . LEU B 1 76 ? -6.406  -9.935  -9.448  1.00 10.42  ? 76  LEU B N   1 
ATOM   1363 C CA  . LEU B 1 76 ? -7.058  -8.978  -10.349 1.00 10.42  ? 76  LEU B CA  1 
ATOM   1364 C C   . LEU B 1 76 ? -6.037  -8.609  -11.423 1.00 11.87  ? 76  LEU B C   1 
ATOM   1365 O O   . LEU B 1 76 ? -4.868  -8.360  -11.116 1.00 14.34  ? 76  LEU B O   1 
ATOM   1366 C CB  . LEU B 1 76 ? -7.503  -7.727  -9.591  1.00 8.70   ? 76  LEU B CB  1 
ATOM   1367 C CG  . LEU B 1 76 ? -8.270  -7.931  -8.280  1.00 8.02   ? 76  LEU B CG  1 
ATOM   1368 C CD1 . LEU B 1 76 ? -8.601  -6.598  -7.671  1.00 8.87   ? 76  LEU B CD1 1 
ATOM   1369 C CD2 . LEU B 1 76 ? -9.526  -8.750  -8.517  1.00 10.15  ? 76  LEU B CD2 1 
ATOM   1370 N N   . VAL B 1 77 ? -6.465  -8.626  -12.681 1.00 10.94  ? 77  VAL B N   1 
ATOM   1371 C CA  . VAL B 1 77 ? -5.590  -8.301  -13.823 1.00 11.45  ? 77  VAL B CA  1 
ATOM   1372 C C   . VAL B 1 77 ? -6.109  -7.049  -14.513 1.00 13.63  ? 77  VAL B C   1 
ATOM   1373 O O   . VAL B 1 77 ? -7.274  -6.982  -14.906 1.00 14.54  ? 77  VAL B O   1 
ATOM   1374 C CB  . VAL B 1 77 ? -5.528  -9.467  -14.852 1.00 11.79  ? 77  VAL B CB  1 
ATOM   1375 C CG1 . VAL B 1 77 ? -4.632  -9.103  -16.028 1.00 10.86  ? 77  VAL B CG1 1 
ATOM   1376 C CG2 . VAL B 1 77 ? -4.982  -10.700 -14.184 1.00 11.80  ? 77  VAL B CG2 1 
ATOM   1377 N N   . GLY B 1 78 ? -5.243  -6.054  -14.656 1.00 12.62  ? 78  GLY B N   1 
ATOM   1378 C CA  . GLY B 1 78 ? -5.658  -4.821  -15.289 1.00 13.27  ? 78  GLY B CA  1 
ATOM   1379 C C   . GLY B 1 78 ? -4.473  -3.932  -15.553 1.00 14.34  ? 78  GLY B C   1 
ATOM   1380 O O   . GLY B 1 78 ? -3.343  -4.321  -15.271 1.00 15.09  ? 78  GLY B O   1 
ATOM   1381 N N   . PRO B 1 79 ? -4.703  -2.714  -16.064 1.00 16.06  ? 79  PRO B N   1 
ATOM   1382 C CA  . PRO B 1 79 ? -3.646  -1.747  -16.380 1.00 17.05  ? 79  PRO B CA  1 
ATOM   1383 C C   . PRO B 1 79 ? -2.978  -1.063  -15.188 1.00 18.54  ? 79  PRO B C   1 
ATOM   1384 O O   . PRO B 1 79 ? -3.040  0.160   -15.058 1.00 20.50  ? 79  PRO B O   1 
ATOM   1385 C CB  . PRO B 1 79 ? -4.365  -0.741  -17.293 1.00 16.64  ? 79  PRO B CB  1 
ATOM   1386 C CG  . PRO B 1 79 ? -5.768  -0.744  -16.759 1.00 15.49  ? 79  PRO B CG  1 
ATOM   1387 C CD  . PRO B 1 79 ? -6.027  -2.218  -16.494 1.00 16.32  ? 79  PRO B CD  1 
ATOM   1388 N N   . THR B 1 80 ? -2.346  -1.858  -14.319 1.00 19.88  ? 80  THR B N   1 
ATOM   1389 C CA  . THR B 1 80 ? -1.620  -1.322  -13.150 1.00 18.96  ? 80  THR B CA  1 
ATOM   1390 C C   . THR B 1 80 ? -0.168  -1.026  -13.549 1.00 18.86  ? 80  THR B C   1 
ATOM   1391 O O   . THR B 1 80 ? 0.419   -1.734  -14.368 1.00 19.17  ? 80  THR B O   1 
ATOM   1392 C CB  . THR B 1 80 ? -1.625  -2.309  -11.946 1.00 18.94  ? 80  THR B CB  1 
ATOM   1393 O OG1 . THR B 1 80 ? -0.845  -1.760  -10.870 1.00 19.91  ? 80  THR B OG1 1 
ATOM   1394 C CG2 . THR B 1 80 ? -1.050  -3.666  -12.344 1.00 17.95  ? 80  THR B CG2 1 
ATOM   1395 N N   . PRO B 1 81 ? 0.417   0.047   -12.993 1.00 19.60  ? 81  PRO B N   1 
ATOM   1396 C CA  . PRO B 1 81 ? 1.798   0.445   -13.284 1.00 19.20  ? 81  PRO B CA  1 
ATOM   1397 C C   . PRO B 1 81 ? 2.825   -0.524  -12.697 1.00 19.44  ? 81  PRO B C   1 
ATOM   1398 O O   . PRO B 1 81 ? 3.979   -0.559  -13.129 1.00 19.25  ? 81  PRO B O   1 
ATOM   1399 C CB  . PRO B 1 81 ? 1.924   1.799   -12.572 1.00 20.04  ? 81  PRO B CB  1 
ATOM   1400 C CG  . PRO B 1 81 ? 0.536   2.280   -12.432 1.00 20.98  ? 81  PRO B CG  1 
ATOM   1401 C CD  . PRO B 1 81 ? -0.235  1.037   -12.116 1.00 20.51  ? 81  PRO B CD  1 
ATOM   1402 N N   . VAL B 1 82 ? 2.393   -1.303  -11.708 1.00 17.06  ? 82  VAL B N   1 
ATOM   1403 C CA  . VAL B 1 82 ? 3.278   -2.233  -11.008 1.00 14.04  ? 82  VAL B CA  1 
ATOM   1404 C C   . VAL B 1 82 ? 2.485   -3.426  -10.481 1.00 12.42  ? 82  VAL B C   1 
ATOM   1405 O O   . VAL B 1 82 ? 1.273   -3.326  -10.268 1.00 13.17  ? 82  VAL B O   1 
ATOM   1406 C CB  . VAL B 1 82 ? 3.950   -1.461  -9.826  1.00 17.62  ? 82  VAL B CB  1 
ATOM   1407 C CG1 . VAL B 1 82 ? 2.901   -0.957  -8.863  1.00 17.06  ? 82  VAL B CG1 1 
ATOM   1408 C CG2 . VAL B 1 82 ? 4.979   -2.319  -9.103  1.00 21.23  ? 82  VAL B CG2 1 
ATOM   1409 N N   . ASN B 1 83 ? 3.144   -4.570  -10.330 1.00 11.96  ? 83  ASN B N   1 
ATOM   1410 C CA  . ASN B 1 83 ? 2.478   -5.771  -9.784  1.00 11.74  ? 83  ASN B CA  1 
ATOM   1411 C C   . ASN B 1 83 ? 2.384   -5.577  -8.279  1.00 10.53  ? 83  ASN B C   1 
ATOM   1412 O O   . ASN B 1 83 ? 3.379   -5.264  -7.618  1.00 9.58   ? 83  ASN B O   1 
ATOM   1413 C CB  . ASN B 1 83 ? 3.251   -7.053  -10.103 1.00 11.91  ? 83  ASN B CB  1 
ATOM   1414 C CG  . ASN B 1 83 ? 3.266   -7.361  -11.566 1.00 15.67  ? 83  ASN B CG  1 
ATOM   1415 O OD1 . ASN B 1 83 ? 2.222   -7.335  -12.227 1.00 16.60  ? 83  ASN B OD1 1 
ATOM   1416 N ND2 . ASN B 1 83 ? 4.455   -7.627  -12.105 1.00 16.33  ? 83  ASN B ND2 1 
ATOM   1417 N N   . ILE B 1 84 ? 1.187   -5.807  -7.750  1.00 8.97   ? 84  ILE B N   1 
ATOM   1418 C CA  . ILE B 1 84 ? 0.898   -5.615  -6.330  1.00 8.66   ? 84  ILE B CA  1 
ATOM   1419 C C   . ILE B 1 84 ? 0.421   -6.875  -5.631  1.00 10.46  ? 84  ILE B C   1 
ATOM   1420 O O   . ILE B 1 84 ? -0.590  -7.460  -6.025  1.00 10.88  ? 84  ILE B O   1 
ATOM   1421 C CB  . ILE B 1 84 ? -0.209  -4.537  -6.161  1.00 9.82   ? 84  ILE B CB  1 
ATOM   1422 C CG1 . ILE B 1 84 ? 0.305   -3.174  -6.614  1.00 11.78  ? 84  ILE B CG1 1 
ATOM   1423 C CG2 . ILE B 1 84 ? -0.696  -4.465  -4.708  1.00 7.32   ? 84  ILE B CG2 1 
ATOM   1424 C CD1 . ILE B 1 84 ? -0.758  -2.078  -6.628  1.00 15.03  ? 84  ILE B CD1 1 
ATOM   1425 N N   . ILE B 1 85 ? 1.147   -7.302  -4.597  1.00 8.88   ? 85  ILE B N   1 
ATOM   1426 C CA  . ILE B 1 85 ? 0.715   -8.467  -3.812  1.00 8.49   ? 85  ILE B CA  1 
ATOM   1427 C C   . ILE B 1 85 ? -0.010  -7.862  -2.629  1.00 7.85   ? 85  ILE B C   1 
ATOM   1428 O O   . ILE B 1 85 ? 0.580   -7.095  -1.859  1.00 8.08   ? 85  ILE B O   1 
ATOM   1429 C CB  . ILE B 1 85 ? 1.885   -9.332  -3.304  1.00 8.71   ? 85  ILE B CB  1 
ATOM   1430 C CG1 . ILE B 1 85 ? 2.719   -9.834  -4.483  1.00 12.53  ? 85  ILE B CG1 1 
ATOM   1431 C CG2 . ILE B 1 85 ? 1.350   -10.489 -2.467  1.00 8.45   ? 85  ILE B CG2 1 
ATOM   1432 C CD1 . ILE B 1 85 ? 1.909   -10.577 -5.555  1.00 12.64  ? 85  ILE B CD1 1 
ATOM   1433 N N   . GLY B 1 86 ? -1.297  -8.183  -2.515  1.00 7.25   ? 86  GLY B N   1 
ATOM   1434 C CA  . GLY B 1 86 ? -2.112  -7.630  -1.454  1.00 6.98   ? 86  GLY B CA  1 
ATOM   1435 C C   . GLY B 1 86 ? -2.310  -8.513  -0.249  1.00 5.94   ? 86  GLY B C   1 
ATOM   1436 O O   . GLY B 1 86 ? -1.806  -9.637  -0.200  1.00 9.19   ? 86  GLY B O   1 
ATOM   1437 N N   . ARG B 1 87 ? -3.050  -7.998  0.727   1.00 6.03   ? 87  ARG B N   1 
ATOM   1438 C CA  . ARG B 1 87 ? -3.318  -8.716  1.983   1.00 6.93   ? 87  ARG B CA  1 
ATOM   1439 C C   . ARG B 1 87 ? -3.928  -10.093 1.799   1.00 9.71   ? 87  ARG B C   1 
ATOM   1440 O O   . ARG B 1 87 ? -3.710  -10.974 2.630   1.00 12.56  ? 87  ARG B O   1 
ATOM   1441 C CB  . ARG B 1 87 ? -4.208  -7.893  2.932   1.00 7.46   ? 87  ARG B CB  1 
ATOM   1442 C CG  . ARG B 1 87 ? -3.584  -6.585  3.450   1.00 7.34   ? 87  ARG B CG  1 
ATOM   1443 C CD  . ARG B 1 87 ? -4.412  -5.932  4.542   1.00 9.13   ? 87  ARG B CD  1 
ATOM   1444 N NE  . ARG B 1 87 ? -5.739  -5.512  4.063   1.00 12.52  ? 87  ARG B NE  1 
ATOM   1445 C CZ  . ARG B 1 87 ? -6.853  -6.219  4.227   1.00 15.46  ? 87  ARG B CZ  1 
ATOM   1446 N NH1 . ARG B 1 87 ? -6.819  -7.380  4.866   1.00 16.11  ? 87  ARG B NH1 1 
ATOM   1447 N NH2 . ARG B 1 87 ? -8.001  -5.781  3.731   1.00 16.00  ? 87  ARG B NH2 1 
ATOM   1448 N N   . ASN B 1 88 ? -4.692  -10.288 0.727   1.00 8.94   ? 88  ASN B N   1 
ATOM   1449 C CA  . ASN B 1 88 ? -5.329  -11.588 0.492   1.00 10.23  ? 88  ASN B CA  1 
ATOM   1450 C C   . ASN B 1 88 ? -4.304  -12.717 0.332   1.00 11.96  ? 88  ASN B C   1 
ATOM   1451 O O   . ASN B 1 88 ? -4.545  -13.834 0.769   1.00 12.44  ? 88  ASN B O   1 
ATOM   1452 C CB  . ASN B 1 88 ? -6.322  -11.516 -0.682  1.00 11.44  ? 88  ASN B CB  1 
ATOM   1453 C CG  . ASN B 1 88 ? -5.649  -11.520 -2.032  1.00 11.27  ? 88  ASN B CG  1 
ATOM   1454 O OD1 . ASN B 1 88 ? -4.841  -10.651 -2.352  1.00 9.98   ? 88  ASN B OD1 1 
ATOM   1455 N ND2 . ASN B 1 88 ? -5.996  -12.504 -2.846  1.00 11.81  ? 88  ASN B ND2 1 
ATOM   1456 N N   . LEU B 1 89 ? -3.142  -12.419 -0.240  1.00 10.48  ? 89  LEU B N   1 
ATOM   1457 C CA  . LEU B 1 89 ? -2.091  -13.443 -0.376  1.00 10.99  ? 89  LEU B CA  1 
ATOM   1458 C C   . LEU B 1 89 ? -1.026  -13.327 0.724   1.00 11.78  ? 89  LEU B C   1 
ATOM   1459 O O   . LEU B 1 89 ? -0.448  -14.331 1.123   1.00 11.19  ? 89  LEU B O   1 
ATOM   1460 C CB  . LEU B 1 89 ? -1.439  -13.383 -1.752  1.00 8.90   ? 89  LEU B CB  1 
ATOM   1461 C CG  . LEU B 1 89 ? -2.339  -13.741 -2.940  1.00 11.85  ? 89  LEU B CG  1 
ATOM   1462 C CD1 . LEU B 1 89 ? -1.487  -13.835 -4.195  1.00 11.67  ? 89  LEU B CD1 1 
ATOM   1463 C CD2 . LEU B 1 89 ? -3.052  -15.055 -2.682  1.00 9.00   ? 89  LEU B CD2 1 
ATOM   1464 N N   . LEU B 1 90 ? -0.799  -12.122 1.252   1.00 11.56  ? 90  LEU B N   1 
ATOM   1465 C CA  . LEU B 1 90 ? 0.218   -11.930 2.314   1.00 11.51  ? 90  LEU B CA  1 
ATOM   1466 C C   . LEU B 1 90 ? -0.158  -12.682 3.575   1.00 12.42  ? 90  LEU B C   1 
ATOM   1467 O O   . LEU B 1 90 ? 0.717   -13.189 4.274   1.00 13.88  ? 90  LEU B O   1 
ATOM   1468 C CB  . LEU B 1 90 ? 0.425   -10.440 2.640   1.00 8.73   ? 90  LEU B CB  1 
ATOM   1469 C CG  . LEU B 1 90 ? 1.016   -9.572  1.527   1.00 9.99   ? 90  LEU B CG  1 
ATOM   1470 C CD1 . LEU B 1 90 ? 0.913   -8.078  1.879   1.00 9.83   ? 90  LEU B CD1 1 
ATOM   1471 C CD2 . LEU B 1 90 ? 2.458   -9.987  1.278   1.00 9.41   ? 90  LEU B CD2 1 
ATOM   1472 N N   . THR B 1 91 ? -1.457  -12.750 3.870   1.00 13.88  ? 91  THR B N   1 
ATOM   1473 C CA  . THR B 1 91 ? -1.940  -13.471 5.063   1.00 13.93  ? 91  THR B CA  1 
ATOM   1474 C C   . THR B 1 91 ? -1.640  -14.963 4.925   1.00 17.15  ? 91  THR B C   1 
ATOM   1475 O O   . THR B 1 91 ? -1.458  -15.660 5.923   1.00 18.16  ? 91  THR B O   1 
ATOM   1476 C CB  . THR B 1 91 ? -3.454  -13.294 5.271   1.00 14.08  ? 91  THR B CB  1 
ATOM   1477 O OG1 . THR B 1 91 ? -4.144  -13.550 4.042   1.00 14.35  ? 91  THR B OG1 1 
ATOM   1478 C CG2 . THR B 1 91 ? -3.763  -11.912 5.752   1.00 13.15  ? 91  THR B CG2 1 
ATOM   1479 N N   . GLN B 1 92 ? -1.544  -15.440 3.688   1.00 17.86  ? 92  GLN B N   1 
ATOM   1480 C CA  . GLN B 1 92 ? -1.261  -16.863 3.439   1.00 21.24  ? 92  GLN B CA  1 
ATOM   1481 C C   . GLN B 1 92 ? 0.195   -17.245 3.707   1.00 22.84  ? 92  GLN B C   1 
ATOM   1482 O O   . GLN B 1 92 ? 0.472   -18.377 4.116   1.00 25.45  ? 92  GLN B O   1 
ATOM   1483 C CB  . GLN B 1 92 ? -1.691  -17.261 2.022   1.00 19.09  ? 92  GLN B CB  1 
ATOM   1484 C CG  . GLN B 1 92 ? -3.208  -17.274 1.863   1.00 20.46  ? 92  GLN B CG  1 
ATOM   1485 C CD  . GLN B 1 92 ? -3.656  -17.602 0.453   1.00 22.48  ? 92  GLN B CD  1 
ATOM   1486 O OE1 . GLN B 1 92 ? -3.014  -18.378 -0.249  1.00 23.06  ? 92  GLN B OE1 1 
ATOM   1487 N NE2 . GLN B 1 92 ? -4.766  -17.001 0.028   1.00 25.07  ? 92  GLN B NE2 1 
ATOM   1488 N N   . ILE B 1 93 ? 1.121   -16.311 3.497   1.00 22.46  ? 93  ILE B N   1 
ATOM   1489 C CA  . ILE B 1 93 ? 2.537   -16.603 3.749   1.00 21.48  ? 93  ILE B CA  1 
ATOM   1490 C C   . ILE B 1 93 ? 2.990   -16.150 5.133   1.00 21.23  ? 93  ILE B C   1 
ATOM   1491 O O   . ILE B 1 93 ? 4.188   -16.075 5.407   1.00 23.12  ? 93  ILE B O   1 
ATOM   1492 C CB  . ILE B 1 93 ? 3.459   -16.054 2.642   1.00 21.65  ? 93  ILE B CB  1 
ATOM   1493 C CG1 . ILE B 1 93 ? 3.479   -14.526 2.647   1.00 21.95  ? 93  ILE B CG1 1 
ATOM   1494 C CG2 . ILE B 1 93 ? 2.986   -16.551 1.285   1.00 22.57  ? 93  ILE B CG2 1 
ATOM   1495 C CD1 . ILE B 1 93 ? 4.294   -13.940 1.531   1.00 20.55  ? 93  ILE B CD1 1 
ATOM   1496 N N   . GLY B 1 94 ? 2.027   -15.851 6.003   1.00 19.90  ? 94  GLY B N   1 
ATOM   1497 C CA  . GLY B 1 94 ? 2.337   -15.443 7.369   1.00 18.92  ? 94  GLY B CA  1 
ATOM   1498 C C   . GLY B 1 94 ? 3.078   -14.124 7.562   1.00 18.84  ? 94  GLY B C   1 
ATOM   1499 O O   . GLY B 1 94 ? 3.749   -13.930 8.583   1.00 16.94  ? 94  GLY B O   1 
HETATM 1500 N N   . ABA B 1 95 ? 2.907   -13.197 6.618   1.00 15.39  ? 95  ABA B N   1 
HETATM 1501 C CA  . ABA B 1 95 ? 3.576   -11.888 6.677   1.00 12.88  ? 95  ABA B CA  1 
HETATM 1502 C C   . ABA B 1 95 ? 2.933   -10.969 7.715   1.00 13.08  ? 95  ABA B C   1 
HETATM 1503 O O   . ABA B 1 95 ? 1.707   -10.956 7.871   1.00 13.29  ? 95  ABA B O   1 
HETATM 1504 C CB  . ABA B 1 95 ? 3.600   -11.247 5.279   1.00 12.96  ? 95  ABA B CB  1 
HETATM 1505 C CG  . ABA B 1 95 ? 4.244   -9.884  5.211   1.00 11.01  ? 95  ABA B CG  1 
ATOM   1506 N N   . THR B 1 96 ? 3.772   -10.257 8.473   1.00 10.68  ? 96  THR B N   1 
ATOM   1507 C CA  . THR B 1 96 ? 3.309   -9.306  9.497   1.00 10.88  ? 96  THR B CA  1 
ATOM   1508 C C   . THR B 1 96 ? 4.112   -8.007  9.372   1.00 11.15  ? 96  THR B C   1 
ATOM   1509 O O   . THR B 1 96 ? 5.150   -7.967  8.702   1.00 9.76   ? 96  THR B O   1 
ATOM   1510 C CB  . THR B 1 96 ? 3.538   -9.824  10.972  1.00 12.97  ? 96  THR B CB  1 
ATOM   1511 O OG1 . THR B 1 96 ? 4.921   -10.136 11.168  1.00 13.48  ? 96  THR B OG1 1 
ATOM   1512 C CG2 . THR B 1 96 ? 2.706   -11.047 11.296  1.00 13.42  ? 96  THR B CG2 1 
ATOM   1513 N N   . LEU B 1 97 ? 3.594   -6.943  9.977   1.00 11.73  ? 97  LEU B N   1 
ATOM   1514 C CA  . LEU B 1 97 ? 4.294   -5.653  10.026  1.00 12.85  ? 97  LEU B CA  1 
ATOM   1515 C C   . LEU B 1 97 ? 4.793   -5.634  11.453  1.00 13.05  ? 97  LEU B C   1 
ATOM   1516 O O   . LEU B 1 97 ? 4.042   -5.969  12.366  1.00 14.97  ? 97  LEU B O   1 
ATOM   1517 C CB  . LEU B 1 97 ? 3.346   -4.473  9.825   1.00 13.23  ? 97  LEU B CB  1 
ATOM   1518 C CG  . LEU B 1 97 ? 3.070   -4.011  8.403   1.00 15.67  ? 97  LEU B CG  1 
ATOM   1519 C CD1 . LEU B 1 97 ? 1.965   -2.946  8.417   1.00 13.41  ? 97  LEU B CD1 1 
ATOM   1520 C CD2 . LEU B 1 97 ? 4.354   -3.475  7.768   1.00 15.56  ? 97  LEU B CD2 1 
ATOM   1521 N N   . ASN B 1 98 ? 6.041   -5.238  11.656  1.00 11.76  ? 98  ASN B N   1 
ATOM   1522 C CA  . ASN B 1 98 ? 6.622   -5.211  13.002  1.00 13.13  ? 98  ASN B CA  1 
ATOM   1523 C C   . ASN B 1 98 ? 7.375   -3.934  13.295  1.00 13.60  ? 98  ASN B C   1 
ATOM   1524 O O   . ASN B 1 98 ? 8.219   -3.516  12.503  1.00 14.06  ? 98  ASN B O   1 
ATOM   1525 C CB  . ASN B 1 98 ? 7.615   -6.365  13.181  1.00 16.30  ? 98  ASN B CB  1 
ATOM   1526 C CG  . ASN B 1 98 ? 6.981   -7.722  12.996  1.00 18.00  ? 98  ASN B CG  1 
ATOM   1527 O OD1 . ASN B 1 98 ? 6.763   -8.177  11.878  1.00 20.85  ? 98  ASN B OD1 1 
ATOM   1528 N ND2 . ASN B 1 98 ? 6.694   -8.378  14.095  1.00 21.58  ? 98  ASN B ND2 1 
ATOM   1529 N N   . PHE B 1 99 ? 7.066   -3.317  14.431  1.00 16.12  ? 99  PHE B N   1 
ATOM   1530 C CA  . PHE B 1 99 ? 7.784   -2.111  14.895  1.00 18.09  ? 99  PHE B CA  1 
ATOM   1531 C C   . PHE B 1 99 ? 7.700   -1.961  16.420  1.00 20.35  ? 99  PHE B C   1 
ATOM   1532 O O   . PHE B 1 99 ? 8.293   -1.019  16.979  1.00 20.28  ? 99  PHE B O   1 
ATOM   1533 C CB  . PHE B 1 99 ? 7.327   -0.838  14.174  1.00 17.71  ? 99  PHE B CB  1 
ATOM   1534 C CG  . PHE B 1 99 ? 5.901   -0.488  14.385  1.00 17.35  ? 99  PHE B CG  1 
ATOM   1535 C CD1 . PHE B 1 99 ? 4.915   -1.045  13.582  1.00 18.41  ? 99  PHE B CD1 1 
ATOM   1536 C CD2 . PHE B 1 99 ? 5.545   0.458   15.338  1.00 18.33  ? 99  PHE B CD2 1 
ATOM   1537 C CE1 . PHE B 1 99 ? 3.601   -0.659  13.715  1.00 16.56  ? 99  PHE B CE1 1 
ATOM   1538 C CE2 . PHE B 1 99 ? 4.228   0.856   15.479  1.00 19.23  ? 99  PHE B CE2 1 
ATOM   1539 C CZ  . PHE B 1 99 ? 3.251   0.296   14.664  1.00 19.54  ? 99  PHE B CZ  1 
ATOM   1540 O OXT . PHE B 1 99 ? 7.097   -2.848  17.049  1.00 21.46  ? 99  PHE B OXT 1 
HETATM 1541 S S   . SO4 C 2 .  ? 4.633   -0.506  21.235  1.00 81.92  ? 502 SO4 A S   1 
HETATM 1542 O O1  . SO4 C 2 .  ? 4.001   -1.710  21.744  1.00 82.49  ? 502 SO4 A O1  1 
HETATM 1543 O O2  . SO4 C 2 .  ? 5.739   -0.875  20.377  1.00 82.13  ? 502 SO4 A O2  1 
HETATM 1544 O O3  . SO4 C 2 .  ? 5.139   0.290   22.339  1.00 82.00  ? 502 SO4 A O3  1 
HETATM 1545 O O4  . SO4 C 2 .  ? 3.655   0.261   20.481  1.00 82.45  ? 502 SO4 A O4  1 
HETATM 1546 S S   . SO4 D 2 .  ? 1.819   18.133  19.663  1.00 100.00 ? 503 SO4 A S   1 
HETATM 1547 O O1  . SO4 D 2 .  ? 2.801   17.317  20.360  1.00 100.00 ? 503 SO4 A O1  1 
HETATM 1548 O O2  . SO4 D 2 .  ? 1.822   17.795  18.246  1.00 100.00 ? 503 SO4 A O2  1 
HETATM 1549 O O3  . SO4 D 2 .  ? 2.142   19.536  19.841  1.00 99.77  ? 503 SO4 A O3  1 
HETATM 1550 O O4  . SO4 D 2 .  ? 0.500   17.877  20.215  1.00 100.00 ? 503 SO4 A O4  1 
HETATM 1551 C C4  . PI9 E 3 .  ? 4.062   5.504   -6.953  1.00 18.34  ? 201 PI9 A C4  1 
HETATM 1552 C C5  . PI9 E 3 .  ? 3.963   6.467   -5.798  1.00 15.85  ? 201 PI9 A C5  1 
HETATM 1553 C C6  . PI9 E 3 .  ? 3.168   5.899   -4.636  1.00 12.79  ? 201 PI9 A C6  1 
HETATM 1554 O O1  . PI9 E 3 .  ? 3.748   5.289   -3.748  1.00 12.54  ? 201 PI9 A O1  1 
HETATM 1555 C C3  . PI9 E 3 .  ? 3.097   5.924   -8.024  1.00 22.78  ? 201 PI9 A C3  1 
HETATM 1556 C C2  . PI9 E 3 .  ? 3.447   5.349   -9.375  1.00 24.03  ? 201 PI9 A C2  1 
HETATM 1557 N N1  . PI9 E 3 .  ? 1.844   6.044   -4.662  1.00 12.66  ? 201 PI9 A N1  1 
HETATM 1558 C C7  . PI9 E 3 .  ? 0.998   5.546   -3.564  1.00 12.31  ? 201 PI9 A C7  1 
HETATM 1559 C C8  . PI9 E 3 .  ? 0.259   6.715   -2.868  1.00 13.68  ? 201 PI9 A C8  1 
HETATM 1560 C C10 . PI9 E 3 .  ? -0.729  6.181   -1.847  1.00 14.07  ? 201 PI9 A C10 1 
HETATM 1561 C C9  . PI9 E 3 .  ? 1.261   7.650   -2.192  1.00 13.63  ? 201 PI9 A C9  1 
HETATM 1562 C C11 . PI9 E 3 .  ? -0.017  4.456   -3.957  1.00 13.11  ? 201 PI9 A C11 1 
HETATM 1563 O O2  . PI9 E 3 .  ? -1.008  4.731   -4.652  1.00 12.65  ? 201 PI9 A O2  1 
HETATM 1564 N N2  . PI9 E 3 .  ? 0.233   3.231   -3.501  1.00 9.87   ? 201 PI9 A N2  1 
HETATM 1565 C C12 . PI9 E 3 .  ? -0.661  2.086   -3.786  1.00 10.07  ? 201 PI9 A C12 1 
HETATM 1566 C C13 . PI9 E 3 .  ? 0.096   1.012   -4.580  1.00 9.64   ? 201 PI9 A C13 1 
HETATM 1567 C C14 . PI9 E 3 .  ? 0.807   1.562   -5.804  1.00 11.42  ? 201 PI9 A C14 1 
HETATM 1568 C C15 . PI9 E 3 .  ? 2.187   1.675   -5.822  1.00 10.51  ? 201 PI9 A C15 1 
HETATM 1569 C C16 . PI9 E 3 .  ? 2.843   2.168   -6.907  1.00 13.66  ? 201 PI9 A C16 1 
HETATM 1570 C C19 . PI9 E 3 .  ? 0.095   1.975   -6.935  1.00 11.31  ? 201 PI9 A C19 1 
HETATM 1571 C C18 . PI9 E 3 .  ? 0.746   2.479   -8.036  1.00 10.83  ? 201 PI9 A C18 1 
HETATM 1572 C C17 . PI9 E 3 .  ? 2.125   2.565   -8.008  1.00 16.52  ? 201 PI9 A C17 1 
HETATM 1573 O O3  . PI9 E 3 .  ? 2.841   3.031   -9.069  1.00 21.94  ? 201 PI9 A O3  1 
HETATM 1574 C C1  . PI9 E 3 .  ? 2.494   4.227   -9.739  1.00 25.47  ? 201 PI9 A C1  1 
HETATM 1575 C C20 . PI9 E 3 .  ? -1.236  1.501   -2.490  1.00 8.27   ? 201 PI9 A C20 1 
HETATM 1576 O O4  . PI9 E 3 .  ? -0.193  0.871   -1.745  1.00 9.87   ? 201 PI9 A O4  1 
HETATM 1577 C C21 . PI9 E 3 .  ? -2.323  0.464   -2.785  1.00 11.67  ? 201 PI9 A C21 1 
HETATM 1578 N N3  . PI9 E 3 .  ? -3.575  1.069   -3.273  1.00 15.19  ? 201 PI9 A N3  1 
HETATM 1579 C C22 . PI9 E 3 .  ? -4.573  1.314   -2.221  1.00 17.13  ? 201 PI9 A C22 1 
HETATM 1580 C C23 . PI9 E 3 .  ? -4.588  2.826   -2.088  1.00 19.44  ? 201 PI9 A C23 1 
HETATM 1581 C C24 . PI9 E 3 .  ? -5.721  3.362   -1.209  1.00 20.84  ? 201 PI9 A C24 1 
HETATM 1582 C C26 A PI9 E 3 .  ? -5.599  2.750   0.178   0.50 20.28  ? 201 PI9 A C26 1 
HETATM 1583 C C26 B PI9 E 3 .  ? -6.554  4.291   -2.055  0.50 19.44  ? 201 PI9 A C26 1 
HETATM 1584 C C25 A PI9 E 3 .  ? -5.695  4.885   -1.169  0.50 20.14  ? 201 PI9 A C25 1 
HETATM 1585 C C25 B PI9 E 3 .  ? -6.594  2.269   -0.603  0.50 17.69  ? 201 PI9 A C25 1 
HETATM 1586 S S   . PI9 E 3 .  ? -4.076  0.734   -4.806  1.00 15.37  ? 201 PI9 A S   1 
HETATM 1587 O O6  . PI9 E 3 .  ? -2.910  0.499   -5.653  1.00 14.29  ? 201 PI9 A O6  1 
HETATM 1588 O O5  . PI9 E 3 .  ? -4.833  1.873   -5.308  1.00 16.61  ? 201 PI9 A O5  1 
HETATM 1589 C C27 . PI9 E 3 .  ? -5.018  -0.614  -4.789  1.00 14.31  ? 201 PI9 A C27 1 
HETATM 1590 C C32 . PI9 E 3 .  ? -4.424  -1.860  -4.878  1.00 16.19  ? 201 PI9 A C32 1 
HETATM 1591 C C28 . PI9 E 3 .  ? -6.387  -0.535  -4.581  1.00 13.59  ? 201 PI9 A C28 1 
HETATM 1592 C C31 . PI9 E 3 .  ? -5.167  -3.021  -4.749  1.00 15.50  ? 201 PI9 A C31 1 
HETATM 1593 C C29 . PI9 E 3 .  ? -7.146  -1.698  -4.446  1.00 17.16  ? 201 PI9 A C29 1 
HETATM 1594 C C30 . PI9 E 3 .  ? -6.524  -2.937  -4.533  1.00 16.35  ? 201 PI9 A C30 1 
HETATM 1595 N N4  . PI9 E 3 .  ? -7.231  -4.108  -4.356  1.00 21.16  ? 201 PI9 A N4  1 
HETATM 1596 S S   . SO4 F 2 .  ? -16.521 4.951   -19.004 1.00 99.47  ? 501 SO4 B S   1 
HETATM 1597 O O1  . SO4 F 2 .  ? -16.271 4.489   -17.651 1.00 100.00 ? 501 SO4 B O1  1 
HETATM 1598 O O2  . SO4 F 2 .  ? -15.609 4.287   -19.917 1.00 99.46  ? 501 SO4 B O2  1 
HETATM 1599 O O3  . SO4 F 2 .  ? -16.331 6.387   -19.061 1.00 99.60  ? 501 SO4 B O3  1 
HETATM 1600 O O4  . SO4 F 2 .  ? -17.884 4.634   -19.384 1.00 100.00 ? 501 SO4 B O4  1 
HETATM 1601 O O   . HOH G 4 .  ? -3.515  4.163   -5.668  1.00 8.78   ? 301 HOH A O   1 
HETATM 1602 O O   . HOH G 4 .  ? -6.759  16.547  -7.511  1.00 24.16  ? 302 HOH A O   1 
HETATM 1603 O O   . HOH G 4 .  ? 1.173   27.418  -0.966  1.00 38.99  ? 303 HOH A O   1 
HETATM 1604 O O   . HOH G 4 .  ? -0.145  28.479  10.085  1.00 45.75  ? 304 HOH A O   1 
HETATM 1605 O O   . HOH G 4 .  ? 9.891   16.847  5.654   1.00 19.72  ? 305 HOH A O   1 
HETATM 1606 O O   . HOH G 4 .  ? 9.752   12.505  5.164   1.00 13.71  ? 306 HOH A O   1 
HETATM 1607 O O   . HOH G 4 .  ? 11.776  9.994   6.304   1.00 24.05  ? 307 HOH A O   1 
HETATM 1608 O O   . HOH G 4 .  ? 13.116  7.519   4.907   1.00 35.50  ? 308 HOH A O   1 
HETATM 1609 O O   . HOH G 4 .  ? 9.665   6.946   0.533   1.00 24.02  ? 309 HOH A O   1 
HETATM 1610 O O   . HOH G 4 .  ? 4.895   12.155  2.290   1.00 13.47  ? 310 HOH A O   1 
HETATM 1611 O O   . HOH G 4 .  ? 3.802   9.946   -7.617  1.00 17.39  ? 311 HOH A O   1 
HETATM 1612 O O   . HOH G 4 .  ? -10.322 15.222  1.925   1.00 22.66  ? 312 HOH A O   1 
HETATM 1613 O O   . HOH G 4 .  ? -6.802  -1.261  1.776   1.00 23.88  ? 322 HOH A O   1 
HETATM 1614 O O   . HOH G 4 .  ? -8.150  6.589   7.341   1.00 39.16  ? 323 HOH A O   1 
HETATM 1615 O O   . HOH G 4 .  ? -9.929  9.410   10.981  1.00 34.43  ? 324 HOH A O   1 
HETATM 1616 O O   . HOH G 4 .  ? 1.825   17.596  14.233  1.00 19.10  ? 325 HOH A O   1 
HETATM 1617 O O   . HOH G 4 .  ? -0.482  7.322   18.774  1.00 36.45  ? 326 HOH A O   1 
HETATM 1618 O O   . HOH G 4 .  ? -4.340  -5.559  10.659  1.00 25.29  ? 327 HOH A O   1 
HETATM 1619 O O   . HOH G 4 .  ? -2.594  -7.990  14.539  1.00 26.22  ? 328 HOH A O   1 
HETATM 1620 O O   . HOH G 4 .  ? 5.501   22.907  6.568   1.00 49.98  ? 333 HOH A O   1 
HETATM 1621 O O   . HOH G 4 .  ? 5.991   19.566  -4.745  1.00 58.76  ? 334 HOH A O   1 
HETATM 1622 O O   . HOH G 4 .  ? 6.661   1.357   -1.599  1.00 10.57  ? 337 HOH A O   1 
HETATM 1623 O O   . HOH G 4 .  ? 5.277   2.588   -3.732  1.00 10.41  ? 338 HOH A O   1 
HETATM 1624 O O   . HOH G 4 .  ? 12.222  -0.099  7.551   1.00 14.96  ? 339 HOH A O   1 
HETATM 1625 O O   . HOH G 4 .  ? 11.097  -4.197  12.901  1.00 21.50  ? 340 HOH A O   1 
HETATM 1626 O O   . HOH G 4 .  ? -6.638  12.158  -12.504 1.00 24.24  ? 341 HOH A O   1 
HETATM 1627 O O   . HOH G 4 .  ? -5.151  -6.907  13.332  1.00 39.53  ? 345 HOH A O   1 
HETATM 1628 O O   . HOH G 4 .  ? -7.076  9.714   -14.095 1.00 55.23  ? 346 HOH A O   1 
HETATM 1629 O O   . HOH G 4 .  ? -4.019  1.993   17.138  1.00 29.49  ? 348 HOH A O   1 
HETATM 1630 O O   . HOH G 4 .  ? 13.466  1.806   9.020   1.00 49.61  ? 350 HOH A O   1 
HETATM 1631 O O   . HOH G 4 .  ? 11.784  -12.024 10.266  1.00 84.45  ? 351 HOH A O   1 
HETATM 1632 O O   . HOH G 4 .  ? -8.612  -2.867  11.043  1.00 87.44  ? 352 HOH A O   1 
HETATM 1633 O O   . HOH G 4 .  ? 10.963  6.956   16.226  1.00 41.22  ? 353 HOH A O   1 
HETATM 1634 O O   . HOH G 4 .  ? 6.678   -5.836  20.483  1.00 50.48  ? 358 HOH A O   1 
HETATM 1635 O O   . HOH G 4 .  ? 5.153   -4.393  22.183  1.00 35.69  ? 363 HOH A O   1 
HETATM 1636 O O   . HOH G 4 .  ? 7.087   13.864  -1.242  1.00 49.73  ? 366 HOH A O   1 
HETATM 1637 O O   . HOH G 4 .  ? -10.363 7.669   8.398   1.00 49.95  ? 367 HOH A O   1 
HETATM 1638 O O   . HOH G 4 .  ? 11.840  5.727   2.557   1.00 41.06  ? 368 HOH A O   1 
HETATM 1639 O O   . HOH G 4 .  ? -9.079  14.690  -6.900  1.00 33.59  ? 369 HOH A O   1 
HETATM 1640 O O   . HOH G 4 .  ? -1.107  26.179  6.269   1.00 31.75  ? 370 HOH A O   1 
HETATM 1641 O O   . HOH G 4 .  ? 4.895   21.772  12.483  1.00 42.25  ? 376 HOH A O   1 
HETATM 1642 O O   . HOH G 4 .  ? -3.896  -2.106  13.377  1.00 55.33  ? 377 HOH A O   1 
HETATM 1643 O O   . HOH G 4 .  ? -1.507  -6.694  16.748  1.00 27.14  ? 378 HOH A O   1 
HETATM 1644 O O   . HOH G 4 .  ? 5.988   22.650  9.277   1.00 50.52  ? 379 HOH A O   1 
HETATM 1645 O O   . HOH G 4 .  ? 14.649  4.396   13.112  1.00 31.93  ? 381 HOH A O   1 
HETATM 1646 O O   . HOH G 4 .  ? -4.402  -12.469 13.748  1.00 43.79  ? 383 HOH A O   1 
HETATM 1647 O O   . HOH G 4 .  ? 6.180   -14.254 14.519  1.00 46.67  ? 385 HOH A O   1 
HETATM 1648 O O   . HOH G 4 .  ? -6.006  -4.015  12.367  1.00 53.59  ? 386 HOH A O   1 
HETATM 1649 O O   . HOH G 4 .  ? -10.647 -4.260  7.218   1.00 39.78  ? 387 HOH A O   1 
HETATM 1650 O O   . HOH G 4 .  ? -10.629 -0.829  1.322   1.00 39.84  ? 389 HOH A O   1 
HETATM 1651 O O   . HOH G 4 .  ? -11.556 0.177   6.565   1.00 66.29  ? 390 HOH A O   1 
HETATM 1652 O O   . HOH G 4 .  ? 2.326   14.688  16.641  1.00 44.47  ? 391 HOH A O   1 
HETATM 1653 O O   . HOH G 4 .  ? -5.401  21.307  16.589  1.00 44.05  ? 392 HOH A O   1 
HETATM 1654 O O   . HOH G 4 .  ? 7.397   8.806   -5.224  1.00 48.11  ? 393 HOH A O   1 
HETATM 1655 O O   . HOH G 4 .  ? 7.437   12.144  1.122   1.00 44.38  ? 394 HOH A O   1 
HETATM 1656 O O   . HOH G 4 .  ? 10.126  13.218  2.694   1.00 53.77  ? 395 HOH A O   1 
HETATM 1657 O O   . HOH G 4 .  ? 6.459   22.774  4.123   1.00 40.57  ? 396 HOH A O   1 
HETATM 1658 O O   . HOH G 4 .  ? 4.809   17.597  -8.620  1.00 44.87  ? 397 HOH A O   1 
HETATM 1659 O O   . HOH G 4 .  ? 12.505  18.228  5.743   1.00 56.89  ? 399 HOH A O   1 
HETATM 1660 O O   . HOH G 4 .  ? 14.251  -2.172  12.033  1.00 44.40  ? 400 HOH A O   1 
HETATM 1661 O O   . HOH G 4 .  ? 14.419  -0.675  9.539   1.00 38.68  ? 409 HOH A O   1 
HETATM 1662 O O   . HOH G 4 .  ? 4.894   20.990  -7.493  1.00 35.24  ? 411 HOH A O   1 
HETATM 1663 O O   . HOH G 4 .  ? 2.856   19.983  -10.017 1.00 52.61  ? 412 HOH A O   1 
HETATM 1664 O O   . HOH G 4 .  ? 8.385   -1.288  19.796  1.00 44.57  ? 417 HOH A O   1 
HETATM 1665 O O   . HOH G 4 .  ? 11.453  9.258   2.086   1.00 55.09  ? 418 HOH A O   1 
HETATM 1666 O O   . HOH G 4 .  ? -8.660  -10.026 4.429   1.00 75.87  ? 419 HOH A O   1 
HETATM 1667 O O   . HOH H 4 .  ? 15.107  -1.597  2.014   1.00 13.77  ? 313 HOH B O   1 
HETATM 1668 O O   . HOH H 4 .  ? 4.949   -16.123 9.297   1.00 34.41  ? 314 HOH B O   1 
HETATM 1669 O O   . HOH H 4 .  ? 5.582   -12.994 10.374  1.00 23.21  ? 315 HOH B O   1 
HETATM 1670 O O   . HOH H 4 .  ? 7.819   -7.869  -13.504 1.00 29.19  ? 316 HOH B O   1 
HETATM 1671 O O   . HOH H 4 .  ? 6.092   -4.607  -10.721 1.00 29.33  ? 317 HOH B O   1 
HETATM 1672 O O   . HOH H 4 .  ? -9.884  1.364   -16.547 1.00 46.43  ? 318 HOH B O   1 
HETATM 1673 O O   . HOH H 4 .  ? -16.396 -3.550  -8.625  1.00 18.73  ? 319 HOH B O   1 
HETATM 1674 O O   . HOH H 4 .  ? -8.255  -14.631 -2.003  1.00 20.56  ? 320 HOH B O   1 
HETATM 1675 O O   . HOH H 4 .  ? -5.175  -3.091  3.194   1.00 9.67   ? 321 HOH B O   1 
HETATM 1676 O O   . HOH H 4 .  ? -0.892  -11.646 8.268   1.00 16.43  ? 329 HOH B O   1 
HETATM 1677 O O   . HOH H 4 .  ? -0.403  -19.745 -11.695 1.00 21.49  ? 330 HOH B O   1 
HETATM 1678 O O   . HOH H 4 .  ? 12.747  -12.099 -4.597  1.00 35.98  ? 331 HOH B O   1 
HETATM 1679 O O   . HOH H 4 .  ? -15.372 -14.932 -18.277 1.00 37.56  ? 332 HOH B O   1 
HETATM 1680 O O   . HOH H 4 .  ? 12.572  -2.659  0.571   1.00 31.72  ? 335 HOH B O   1 
HETATM 1681 O O   . HOH H 4 .  ? 12.528  2.492   -4.352  1.00 36.86  ? 336 HOH B O   1 
HETATM 1682 O O   . HOH H 4 .  ? -10.380 0.453   -19.302 1.00 25.88  ? 342 HOH B O   1 
HETATM 1683 O O   . HOH H 4 .  ? -19.318 -7.638  -12.304 1.00 19.19  ? 343 HOH B O   1 
HETATM 1684 O O   . HOH H 4 .  ? -10.126 -16.874 -5.041  1.00 24.71  ? 344 HOH B O   1 
HETATM 1685 O O   . HOH H 4 .  ? -9.120  -16.115 -19.500 1.00 31.99  ? 347 HOH B O   1 
HETATM 1686 O O   . HOH H 4 .  ? -7.959  -9.001  1.790   1.00 27.10  ? 349 HOH B O   1 
HETATM 1687 O O   . HOH H 4 .  ? -17.805 -17.155 -17.702 1.00 48.26  ? 354 HOH B O   1 
HETATM 1688 O O   . HOH H 4 .  ? 8.441   -0.154  -8.838  1.00 39.76  ? 355 HOH B O   1 
HETATM 1689 O O   . HOH H 4 .  ? 2.631   -20.249 -8.687  1.00 27.81  ? 356 HOH B O   1 
HETATM 1690 O O   . HOH H 4 .  ? 15.575  -5.217  3.833   1.00 39.01  ? 357 HOH B O   1 
HETATM 1691 O O   . HOH H 4 .  ? -11.981 -17.424 -11.658 1.00 33.59  ? 359 HOH B O   1 
HETATM 1692 O O   . HOH H 4 .  ? 16.972  -5.917  8.502   1.00 40.53  ? 360 HOH B O   1 
HETATM 1693 O O   . HOH H 4 .  ? 2.979   -20.004 -18.916 1.00 33.53  ? 361 HOH B O   1 
HETATM 1694 O O   . HOH H 4 .  ? -2.661  -19.507 -13.059 1.00 35.12  ? 362 HOH B O   1 
HETATM 1695 O O   . HOH H 4 .  ? -11.705 -0.386  -4.634  1.00 24.20  ? 364 HOH B O   1 
HETATM 1696 O O   . HOH H 4 .  ? 16.399  -11.477 6.755   1.00 47.83  ? 365 HOH B O   1 
HETATM 1697 O O   . HOH H 4 .  ? 12.551  5.402   -1.031  1.00 56.24  ? 371 HOH B O   1 
HETATM 1698 O O   . HOH H 4 .  ? 5.825   -17.452 7.116   1.00 27.19  ? 372 HOH B O   1 
HETATM 1699 O O   . HOH H 4 .  ? -8.878  6.192   -14.008 1.00 41.34  ? 373 HOH B O   1 
HETATM 1700 O O   . HOH H 4 .  ? -14.972 -0.922  -6.123  1.00 71.36  ? 374 HOH B O   1 
HETATM 1701 O O   . HOH H 4 .  ? -10.228 -11.828 -2.574  1.00 54.03  ? 375 HOH B O   1 
HETATM 1702 O O   . HOH H 4 .  ? -7.265  -13.411 -20.660 1.00 69.06  ? 380 HOH B O   1 
HETATM 1703 O O   . HOH H 4 .  ? -19.866 -11.976 -14.222 1.00 39.50  ? 382 HOH B O   1 
HETATM 1704 O O   . HOH H 4 .  ? 8.133   -7.233  16.667  1.00 46.93  ? 384 HOH B O   1 
HETATM 1705 O O   . HOH H 4 .  ? -6.668  -15.407 3.667   1.00 54.85  ? 388 HOH B O   1 
HETATM 1706 O O   . HOH H 4 .  ? 2.457   -22.202 -6.839  1.00 44.76  ? 398 HOH B O   1 
HETATM 1707 O O   . HOH H 4 .  ? 11.972  -16.654 1.289   1.00 74.86  ? 401 HOH B O   1 
HETATM 1708 O O   . HOH H 4 .  ? 13.204  -1.914  -4.653  1.00 33.22  ? 402 HOH B O   1 
HETATM 1709 O O   . HOH H 4 .  ? -14.076 -15.009 -10.759 1.00 37.28  ? 403 HOH B O   1 
HETATM 1710 O O   . HOH H 4 .  ? -6.881  -1.732  -1.234  1.00 25.95  ? 404 HOH B O   1 
HETATM 1711 O O   . HOH H 4 .  ? -11.040 -7.728  -0.726  1.00 54.69  ? 405 HOH B O   1 
HETATM 1712 O O   . HOH H 4 .  ? -11.583 -9.675  -5.122  1.00 58.93  ? 406 HOH B O   1 
HETATM 1713 O O   . HOH H 4 .  ? 5.247   -3.951  -13.310 1.00 61.19  ? 407 HOH B O   1 
HETATM 1714 O O   . HOH H 4 .  ? -1.303  1.631   -17.719 1.00 33.97  ? 408 HOH B O   1 
HETATM 1715 O O   . HOH H 4 .  ? -20.621 -9.090  -14.304 1.00 44.37  ? 410 HOH B O   1 
HETATM 1716 O O   . HOH H 4 .  ? -8.268  10.451  -4.886  1.00 35.47  ? 413 HOH B O   1 
HETATM 1717 O O   . HOH H 4 .  ? 11.596  -8.197  13.657  1.00 56.64  ? 414 HOH B O   1 
HETATM 1718 O O   . HOH H 4 .  ? -9.212  -7.300  -21.037 1.00 51.73  ? 415 HOH B O   1 
HETATM 1719 O O   . HOH H 4 .  ? 1.643   -6.176  -19.623 1.00 55.90  ? 416 HOH B O   1 
HETATM 1720 O O   . HOH H 4 .  ? 16.755  -7.088  6.213   1.00 40.58  ? 420 HOH B O   1 
HETATM 1721 O O   . HOH H 4 .  ? 13.376  -5.057  -1.939  1.00 52.02  ? 421 HOH B O   1 
# 
loop_
_pdbx_poly_seq_scheme.asym_id 
_pdbx_poly_seq_scheme.entity_id 
_pdbx_poly_seq_scheme.seq_id 
_pdbx_poly_seq_scheme.mon_id 
_pdbx_poly_seq_scheme.ndb_seq_num 
_pdbx_poly_seq_scheme.pdb_seq_num 
_pdbx_poly_seq_scheme.auth_seq_num 
_pdbx_poly_seq_scheme.pdb_mon_id 
_pdbx_poly_seq_scheme.auth_mon_id 
_pdbx_poly_seq_scheme.pdb_strand_id 
_pdbx_poly_seq_scheme.pdb_ins_code 
_pdbx_poly_seq_scheme.hetero 
A 1 1  PRO 1  1  1  PRO PRO A . n 
A 1 2  GLN 2  2  2  GLN GLN A . n 
A 1 3  ILE 3  3  3  ILE ILE A . n 
A 1 4  THR 4  4  4  THR THR A . n 
A 1 5  LEU 5  5  5  LEU LEU A . n 
A 1 6  TRP 6  6  6  TRP TRP A . n 
A 1 7  LYS 7  7  7  LYS LYS A . n 
A 1 8  ARG 8  8  8  ARG ARG A . n 
A 1 9  PRO 9  9  9  PRO PRO A . n 
A 1 10 LEU 10 10 10 LEU LEU A . n 
A 1 11 VAL 11 11 11 VAL VAL A . n 
A 1 12 THR 12 12 12 THR THR A . n 
A 1 13 ILE 13 13 13 ILE ILE A . n 
A 1 14 ARG 14 14 14 ARG ARG A . n 
A 1 15 ILE 15 15 15 ILE ILE A . n 
A 1 16 GLY 16 16 16 GLY GLY A . n 
A 1 17 GLY 17 17 17 GLY GLY A . n 
A 1 18 GLN 18 18 18 GLN GLN A . n 
A 1 19 LEU 19 19 19 LEU LEU A . n 
A 1 20 LYS 20 20 20 LYS LYS A . n 
A 1 21 GLU 21 21 21 GLU GLU A . n 
A 1 22 ALA 22 22 22 ALA ALA A . n 
A 1 23 LEU 23 23 23 LEU LEU A . n 
A 1 24 LEU 24 24 24 LEU LEU A . n 
A 1 25 ASP 25 25 25 ASP ASP A . n 
A 1 26 THR 26 26 26 THR THR A . n 
A 1 27 GLY 27 27 27 GLY GLY A . n 
A 1 28 ALA 28 28 28 ALA ALA A . n 
A 1 29 ASP 29 29 29 ASP ASP A . n 
A 1 30 ASP 30 30 30 ASP ASP A . n 
A 1 31 THR 31 31 31 THR THR A . n 
A 1 32 VAL 32 32 32 VAL VAL A . n 
A 1 33 ILE 33 33 33 ILE ILE A . n 
A 1 34 GLU 34 34 34 GLU GLU A . n 
A 1 35 GLU 35 35 35 GLU GLU A . n 
A 1 36 MET 36 36 36 MET MET A . n 
A 1 37 ASN 37 37 37 ASN ASN A . n 
A 1 38 LEU 38 38 38 LEU LEU A . n 
A 1 39 PRO 39 39 39 PRO PRO A . n 
A 1 40 GLY 40 40 40 GLY GLY A . n 
A 1 41 LYS 41 41 41 LYS ALA A . n 
A 1 42 TRP 42 42 42 TRP TRP A . n 
A 1 43 LYS 43 43 43 LYS ALA A . n 
A 1 44 PRO 44 44 44 PRO PRO A . n 
A 1 45 LYS 45 45 45 LYS ALA A . n 
A 1 46 MET 46 46 46 MET MET A . n 
A 1 47 ILE 47 47 47 ILE ILE A . n 
A 1 48 GLY 48 48 48 GLY GLY A . n 
A 1 49 GLY 49 49 49 GLY GLY A . n 
A 1 50 ILE 50 50 50 ILE ILE A . n 
A 1 51 GLY 51 51 51 GLY GLY A . n 
A 1 52 GLY 52 52 52 GLY GLY A . n 
A 1 53 PHE 53 53 53 PHE PHE A . n 
A 1 54 ILE 54 54 54 ILE ILE A . n 
A 1 55 LYS 55 55 55 LYS LYS A . n 
A 1 56 VAL 56 56 56 VAL VAL A . n 
A 1 57 ARG 57 57 57 ARG ARG A . n 
A 1 58 GLN 58 58 58 GLN GLN A . n 
A 1 59 TYR 59 59 59 TYR TYR A . n 
A 1 60 ASP 60 60 60 ASP ASP A . n 
A 1 61 GLN 61 61 61 GLN GLN A . n 
A 1 62 ILE 62 62 62 ILE ILE A . n 
A 1 63 PRO 63 63 63 PRO PRO A . n 
A 1 64 VAL 64 64 64 VAL VAL A . n 
A 1 65 GLU 65 65 65 GLU GLU A . n 
A 1 66 ILE 66 66 66 ILE ILE A . n 
A 1 67 ABA 67 67 67 ABA ABA A . n 
A 1 68 GLY 68 68 68 GLY GLY A . n 
A 1 69 HIS 69 69 69 HIS HIS A . n 
A 1 70 LYS 70 70 70 LYS LYS A . n 
A 1 71 ALA 71 71 71 ALA ALA A . n 
A 1 72 ILE 72 72 72 ILE ILE A . n 
A 1 73 GLY 73 73 73 GLY GLY A . n 
A 1 74 THR 74 74 74 THR THR A . n 
A 1 75 VAL 75 75 75 VAL VAL A . n 
A 1 76 LEU 76 76 76 LEU LEU A . n 
A 1 77 VAL 77 77 77 VAL VAL A . n 
A 1 78 GLY 78 78 78 GLY GLY A . n 
A 1 79 PRO 79 79 79 PRO PRO A . n 
A 1 80 THR 80 80 80 THR THR A . n 
A 1 81 PRO 81 81 81 PRO PRO A . n 
A 1 82 VAL 82 82 82 VAL VAL A . n 
A 1 83 ASN 83 83 83 ASN ASN A . n 
A 1 84 ILE 84 84 84 ILE ILE A . n 
A 1 85 ILE 85 85 85 ILE ILE A . n 
A 1 86 GLY 86 86 86 GLY GLY A . n 
A 1 87 ARG 87 87 87 ARG ARG A . n 
A 1 88 ASN 88 88 88 ASN ASN A . n 
A 1 89 LEU 89 89 89 LEU LEU A . n 
A 1 90 LEU 90 90 90 LEU LEU A . n 
A 1 91 THR 91 91 91 THR THR A . n 
A 1 92 GLN 92 92 92 GLN GLN A . n 
A 1 93 ILE 93 93 93 ILE ILE A . n 
A 1 94 GLY 94 94 94 GLY GLY A . n 
A 1 95 ABA 95 95 95 ABA ABA A . n 
A 1 96 THR 96 96 96 THR THR A . n 
A 1 97 LEU 97 97 97 LEU LEU A . n 
A 1 98 ASN 98 98 98 ASN ASN A . n 
A 1 99 PHE 99 99 99 PHE PHE A . n 
B 1 1  PRO 1  1  1  PRO PRO B . n 
B 1 2  GLN 2  2  2  GLN GLN B . n 
B 1 3  ILE 3  3  3  ILE ILE B . n 
B 1 4  THR 4  4  4  THR THR B . n 
B 1 5  LEU 5  5  5  LEU LEU B . n 
B 1 6  TRP 6  6  6  TRP TRP B . n 
B 1 7  LYS 7  7  7  LYS LYS B . n 
B 1 8  ARG 8  8  8  ARG ARG B . n 
B 1 9  PRO 9  9  9  PRO PRO B . n 
B 1 10 LEU 10 10 10 LEU LEU B . n 
B 1 11 VAL 11 11 11 VAL VAL B . n 
B 1 12 THR 12 12 12 THR THR B . n 
B 1 13 ILE 13 13 13 ILE ILE B . n 
B 1 14 ARG 14 14 14 ARG ARG B . n 
B 1 15 ILE 15 15 15 ILE ILE B . n 
B 1 16 GLY 16 16 16 GLY GLY B . n 
B 1 17 GLY 17 17 17 GLY GLY B . n 
B 1 18 GLN 18 18 18 GLN GLN B . n 
B 1 19 LEU 19 19 19 LEU LEU B . n 
B 1 20 LYS 20 20 20 LYS LYS B . n 
B 1 21 GLU 21 21 21 GLU ALA B . n 
B 1 22 ALA 22 22 22 ALA ALA B . n 
B 1 23 LEU 23 23 23 LEU LEU B . n 
B 1 24 LEU 24 24 24 LEU LEU B . n 
B 1 25 ASP 25 25 25 ASP ASP B . n 
B 1 26 THR 26 26 26 THR THR B . n 
B 1 27 GLY 27 27 27 GLY GLY B . n 
B 1 28 ALA 28 28 28 ALA ALA B . n 
B 1 29 ASP 29 29 29 ASP ASP B . n 
B 1 30 ASP 30 30 30 ASP ASP B . n 
B 1 31 THR 31 31 31 THR THR B . n 
B 1 32 VAL 32 32 32 VAL VAL B . n 
B 1 33 ILE 33 33 33 ILE ILE B . n 
B 1 34 GLU 34 34 34 GLU GLU B . n 
B 1 35 GLU 35 35 35 GLU GLU B . n 
B 1 36 MET 36 36 36 MET MET B . n 
B 1 37 ASN 37 37 37 ASN ALA B . n 
B 1 38 LEU 38 38 38 LEU LEU B . n 
B 1 39 PRO 39 39 39 PRO PRO B . n 
B 1 40 GLY 40 40 40 GLY GLY B . n 
B 1 41 LYS 41 41 41 LYS ALA B . n 
B 1 42 TRP 42 42 42 TRP TRP B . n 
B 1 43 LYS 43 43 43 LYS ALA B . n 
B 1 44 PRO 44 44 44 PRO PRO B . n 
B 1 45 LYS 45 45 45 LYS LYS B . n 
B 1 46 MET 46 46 46 MET MET B . n 
B 1 47 ILE 47 47 47 ILE ILE B . n 
B 1 48 GLY 48 48 48 GLY GLY B . n 
B 1 49 GLY 49 49 49 GLY GLY B . n 
B 1 50 ILE 50 50 50 ILE ILE B . n 
B 1 51 GLY 51 51 51 GLY GLY B . n 
B 1 52 GLY 52 52 52 GLY GLY B . n 
B 1 53 PHE 53 53 53 PHE PHE B . n 
B 1 54 ILE 54 54 54 ILE ILE B . n 
B 1 55 LYS 55 55 55 LYS LYS B . n 
B 1 56 VAL 56 56 56 VAL VAL B . n 
B 1 57 ARG 57 57 57 ARG ARG B . n 
B 1 58 GLN 58 58 58 GLN GLN B . n 
B 1 59 TYR 59 59 59 TYR TYR B . n 
B 1 60 ASP 60 60 60 ASP ASP B . n 
B 1 61 GLN 61 61 61 GLN GLN B . n 
B 1 62 ILE 62 62 62 ILE ILE B . n 
B 1 63 PRO 63 63 63 PRO PRO B . n 
B 1 64 VAL 64 64 64 VAL VAL B . n 
B 1 65 GLU 65 65 65 GLU GLU B . n 
B 1 66 ILE 66 66 66 ILE ILE B . n 
B 1 67 ABA 67 67 67 ABA ABA B . n 
B 1 68 GLY 68 68 68 GLY GLY B . n 
B 1 69 HIS 69 69 69 HIS HIS B . n 
B 1 70 LYS 70 70 70 LYS LYS B . n 
B 1 71 ALA 71 71 71 ALA ALA B . n 
B 1 72 ILE 72 72 72 ILE ILE B . n 
B 1 73 GLY 73 73 73 GLY GLY B . n 
B 1 74 THR 74 74 74 THR THR B . n 
B 1 75 VAL 75 75 75 VAL VAL B . n 
B 1 76 LEU 76 76 76 LEU LEU B . n 
B 1 77 VAL 77 77 77 VAL VAL B . n 
B 1 78 GLY 78 78 78 GLY GLY B . n 
B 1 79 PRO 79 79 79 PRO PRO B . n 
B 1 80 THR 80 80 80 THR THR B . n 
B 1 81 PRO 81 81 81 PRO PRO B . n 
B 1 82 VAL 82 82 82 VAL VAL B . n 
B 1 83 ASN 83 83 83 ASN ASN B . n 
B 1 84 ILE 84 84 84 ILE ILE B . n 
B 1 85 ILE 85 85 85 ILE ILE B . n 
B 1 86 GLY 86 86 86 GLY GLY B . n 
B 1 87 ARG 87 87 87 ARG ARG B . n 
B 1 88 ASN 88 88 88 ASN ASN B . n 
B 1 89 LEU 89 89 89 LEU LEU B . n 
B 1 90 LEU 90 90 90 LEU LEU B . n 
B 1 91 THR 91 91 91 THR THR B . n 
B 1 92 GLN 92 92 92 GLN GLN B . n 
B 1 93 ILE 93 93 93 ILE ILE B . n 
B 1 94 GLY 94 94 94 GLY GLY B . n 
B 1 95 ABA 95 95 95 ABA ABA B . n 
B 1 96 THR 96 96 96 THR THR B . n 
B 1 97 LEU 97 97 97 LEU LEU B . n 
B 1 98 ASN 98 98 98 ASN ASN B . n 
B 1 99 PHE 99 99 99 PHE PHE B . n 
# 
loop_
_pdbx_nonpoly_scheme.asym_id 
_pdbx_nonpoly_scheme.entity_id 
_pdbx_nonpoly_scheme.mon_id 
_pdbx_nonpoly_scheme.ndb_seq_num 
_pdbx_nonpoly_scheme.pdb_seq_num 
_pdbx_nonpoly_scheme.auth_seq_num 
_pdbx_nonpoly_scheme.pdb_mon_id 
_pdbx_nonpoly_scheme.auth_mon_id 
_pdbx_nonpoly_scheme.pdb_strand_id 
_pdbx_nonpoly_scheme.pdb_ins_code 
C 2 SO4 1  502 502 SO4 SO4 A . 
D 2 SO4 1  503 503 SO4 SO4 A . 
E 3 PI9 1  201 201 PI9 GLC A . 
F 2 SO4 1  501 501 SO4 SO4 B . 
G 4 HOH 1  301 301 HOH HOH A . 
G 4 HOH 2  302 302 HOH HOH A . 
G 4 HOH 3  303 303 HOH HOH A . 
G 4 HOH 4  304 304 HOH HOH A . 
G 4 HOH 5  305 305 HOH HOH A . 
G 4 HOH 6  306 306 HOH HOH A . 
G 4 HOH 7  307 307 HOH HOH A . 
G 4 HOH 8  308 308 HOH HOH A . 
G 4 HOH 9  309 309 HOH HOH A . 
G 4 HOH 10 310 310 HOH HOH A . 
G 4 HOH 11 311 311 HOH HOH A . 
G 4 HOH 12 312 312 HOH HOH A . 
G 4 HOH 13 322 322 HOH HOH A . 
G 4 HOH 14 323 323 HOH HOH A . 
G 4 HOH 15 324 324 HOH HOH A . 
G 4 HOH 16 325 325 HOH HOH A . 
G 4 HOH 17 326 326 HOH HOH A . 
G 4 HOH 18 327 327 HOH HOH A . 
G 4 HOH 19 328 328 HOH HOH A . 
G 4 HOH 20 333 333 HOH HOH A . 
G 4 HOH 21 334 334 HOH HOH A . 
G 4 HOH 22 337 337 HOH HOH A . 
G 4 HOH 23 338 338 HOH HOH A . 
G 4 HOH 24 339 339 HOH HOH A . 
G 4 HOH 25 340 340 HOH HOH A . 
G 4 HOH 26 341 341 HOH HOH A . 
G 4 HOH 27 345 345 HOH HOH A . 
G 4 HOH 28 346 346 HOH HOH A . 
G 4 HOH 29 348 348 HOH HOH A . 
G 4 HOH 30 350 350 HOH HOH A . 
G 4 HOH 31 351 351 HOH HOH A . 
G 4 HOH 32 352 352 HOH HOH A . 
G 4 HOH 33 353 353 HOH HOH A . 
G 4 HOH 34 358 358 HOH HOH A . 
G 4 HOH 35 363 363 HOH HOH A . 
G 4 HOH 36 366 366 HOH HOH A . 
G 4 HOH 37 367 367 HOH HOH A . 
G 4 HOH 38 368 368 HOH HOH A . 
G 4 HOH 39 369 369 HOH HOH A . 
G 4 HOH 40 370 370 HOH HOH A . 
G 4 HOH 41 376 376 HOH HOH A . 
G 4 HOH 42 377 377 HOH HOH A . 
G 4 HOH 43 378 378 HOH HOH A . 
G 4 HOH 44 379 379 HOH HOH A . 
G 4 HOH 45 381 381 HOH HOH A . 
G 4 HOH 46 383 383 HOH HOH A . 
G 4 HOH 47 385 385 HOH HOH A . 
G 4 HOH 48 386 386 HOH HOH A . 
G 4 HOH 49 387 387 HOH HOH A . 
G 4 HOH 50 389 389 HOH HOH A . 
G 4 HOH 51 390 390 HOH HOH A . 
G 4 HOH 52 391 391 HOH HOH A . 
G 4 HOH 53 392 392 HOH HOH A . 
G 4 HOH 54 393 393 HOH HOH A . 
G 4 HOH 55 394 394 HOH HOH A . 
G 4 HOH 56 395 395 HOH HOH A . 
G 4 HOH 57 396 396 HOH HOH A . 
G 4 HOH 58 397 397 HOH HOH A . 
G 4 HOH 59 399 399 HOH HOH A . 
G 4 HOH 60 400 400 HOH HOH A . 
G 4 HOH 61 409 409 HOH HOH A . 
G 4 HOH 62 411 411 HOH HOH A . 
G 4 HOH 63 412 412 HOH HOH A . 
G 4 HOH 64 417 417 HOH HOH A . 
G 4 HOH 65 418 418 HOH HOH A . 
G 4 HOH 66 419 419 HOH HOH A . 
H 4 HOH 1  313 313 HOH HOH B . 
H 4 HOH 2  314 314 HOH HOH B . 
H 4 HOH 3  315 315 HOH HOH B . 
H 4 HOH 4  316 316 HOH HOH B . 
H 4 HOH 5  317 317 HOH HOH B . 
H 4 HOH 6  318 318 HOH HOH B . 
H 4 HOH 7  319 319 HOH HOH B . 
H 4 HOH 8  320 320 HOH HOH B . 
H 4 HOH 9  321 321 HOH HOH B . 
H 4 HOH 10 329 329 HOH HOH B . 
H 4 HOH 11 330 330 HOH HOH B . 
H 4 HOH 12 331 331 HOH HOH B . 
H 4 HOH 13 332 332 HOH HOH B . 
H 4 HOH 14 335 335 HOH HOH B . 
H 4 HOH 15 336 336 HOH HOH B . 
H 4 HOH 16 342 342 HOH HOH B . 
H 4 HOH 17 343 343 HOH HOH B . 
H 4 HOH 18 344 344 HOH HOH B . 
H 4 HOH 19 347 347 HOH HOH B . 
H 4 HOH 20 349 349 HOH HOH B . 
H 4 HOH 21 354 354 HOH HOH B . 
H 4 HOH 22 355 355 HOH HOH B . 
H 4 HOH 23 356 356 HOH HOH B . 
H 4 HOH 24 357 357 HOH HOH B . 
H 4 HOH 25 359 359 HOH HOH B . 
H 4 HOH 26 360 360 HOH HOH B . 
H 4 HOH 27 361 361 HOH HOH B . 
H 4 HOH 28 362 362 HOH HOH B . 
H 4 HOH 29 364 364 HOH HOH B . 
H 4 HOH 30 365 365 HOH HOH B . 
H 4 HOH 31 371 371 HOH HOH B . 
H 4 HOH 32 372 372 HOH HOH B . 
H 4 HOH 33 373 373 HOH HOH B . 
H 4 HOH 34 374 374 HOH HOH B . 
H 4 HOH 35 375 375 HOH HOH B . 
H 4 HOH 36 380 380 HOH HOH B . 
H 4 HOH 37 382 382 HOH HOH B . 
H 4 HOH 38 384 384 HOH HOH B . 
H 4 HOH 39 388 388 HOH HOH B . 
H 4 HOH 40 398 398 HOH HOH B . 
H 4 HOH 41 401 401 HOH HOH B . 
H 4 HOH 42 402 402 HOH HOH B . 
H 4 HOH 43 403 403 HOH HOH B . 
H 4 HOH 44 404 404 HOH HOH B . 
H 4 HOH 45 405 405 HOH HOH B . 
H 4 HOH 46 406 406 HOH HOH B . 
H 4 HOH 47 407 407 HOH HOH B . 
H 4 HOH 48 408 408 HOH HOH B . 
H 4 HOH 49 410 410 HOH HOH B . 
H 4 HOH 50 413 413 HOH HOH B . 
H 4 HOH 51 414 414 HOH HOH B . 
H 4 HOH 52 415 415 HOH HOH B . 
H 4 HOH 53 416 416 HOH HOH B . 
H 4 HOH 54 420 420 HOH HOH B . 
H 4 HOH 55 421 421 HOH HOH B . 
# 
loop_
_pdbx_struct_mod_residue.id 
_pdbx_struct_mod_residue.label_asym_id 
_pdbx_struct_mod_residue.label_comp_id 
_pdbx_struct_mod_residue.label_seq_id 
_pdbx_struct_mod_residue.auth_asym_id 
_pdbx_struct_mod_residue.auth_comp_id 
_pdbx_struct_mod_residue.auth_seq_id 
_pdbx_struct_mod_residue.PDB_ins_code 
_pdbx_struct_mod_residue.parent_comp_id 
_pdbx_struct_mod_residue.details 
1 A ABA 67 A ABA 67 ? ALA 'ALPHA-AMINOBUTYRIC ACID' 
2 A ABA 95 A ABA 95 ? ALA 'ALPHA-AMINOBUTYRIC ACID' 
3 B ABA 67 B ABA 67 ? ALA 'ALPHA-AMINOBUTYRIC ACID' 
4 B ABA 95 B ABA 95 ? ALA 'ALPHA-AMINOBUTYRIC ACID' 
# 
_pdbx_struct_assembly.id                   1 
_pdbx_struct_assembly.details              author_and_software_defined_assembly 
_pdbx_struct_assembly.method_details       PISA 
_pdbx_struct_assembly.oligomeric_details   dimeric 
_pdbx_struct_assembly.oligomeric_count     2 
# 
_pdbx_struct_assembly_gen.assembly_id       1 
_pdbx_struct_assembly_gen.oper_expression   1 
_pdbx_struct_assembly_gen.asym_id_list      A,B,C,D,E,F,G,H 
# 
loop_
_pdbx_struct_assembly_prop.biol_id 
_pdbx_struct_assembly_prop.type 
_pdbx_struct_assembly_prop.value 
_pdbx_struct_assembly_prop.details 
1 'ABSA (A^2)' 5450 ? 
1 MORE         -58  ? 
1 'SSA (A^2)'  9000 ? 
# 
_pdbx_struct_oper_list.id                   1 
_pdbx_struct_oper_list.type                 'identity operation' 
_pdbx_struct_oper_list.name                 1_555 
_pdbx_struct_oper_list.symmetry_operation   x,y,z 
_pdbx_struct_oper_list.matrix[1][1]         1.0000000000 
_pdbx_struct_oper_list.matrix[1][2]         0.0000000000 
_pdbx_struct_oper_list.matrix[1][3]         0.0000000000 
_pdbx_struct_oper_list.vector[1]            0.0000000000 
_pdbx_struct_oper_list.matrix[2][1]         0.0000000000 
_pdbx_struct_oper_list.matrix[2][2]         1.0000000000 
_pdbx_struct_oper_list.matrix[2][3]         0.0000000000 
_pdbx_struct_oper_list.vector[2]            0.0000000000 
_pdbx_struct_oper_list.matrix[3][1]         0.0000000000 
_pdbx_struct_oper_list.matrix[3][2]         0.0000000000 
_pdbx_struct_oper_list.matrix[3][3]         1.0000000000 
_pdbx_struct_oper_list.vector[3]            0.0000000000 
# 
loop_
_pdbx_audit_revision_history.ordinal 
_pdbx_audit_revision_history.data_content_type 
_pdbx_audit_revision_history.major_revision 
_pdbx_audit_revision_history.minor_revision 
_pdbx_audit_revision_history.revision_date 
1 'Structure model' 1 0 2000-10-11 
2 'Structure model' 1 1 2008-04-27 
3 'Structure model' 1 2 2011-07-13 
4 'Structure model' 1 3 2017-10-04 
5 'Structure model' 1 4 2021-11-03 
# 
_pdbx_audit_revision_details.ordinal             1 
_pdbx_audit_revision_details.revision_ordinal    1 
_pdbx_audit_revision_details.data_content_type   'Structure model' 
_pdbx_audit_revision_details.provider            repository 
_pdbx_audit_revision_details.type                'Initial release' 
_pdbx_audit_revision_details.description         ? 
_pdbx_audit_revision_details.details             ? 
# 
loop_
_pdbx_audit_revision_group.ordinal 
_pdbx_audit_revision_group.revision_ordinal 
_pdbx_audit_revision_group.data_content_type 
_pdbx_audit_revision_group.group 
1 2 'Structure model' 'Version format compliance' 
2 3 'Structure model' 'Version format compliance' 
3 4 'Structure model' 'Refinement description'    
4 5 'Structure model' 'Database references'       
5 5 'Structure model' 'Derived calculations'      
# 
loop_
_pdbx_audit_revision_category.ordinal 
_pdbx_audit_revision_category.revision_ordinal 
_pdbx_audit_revision_category.data_content_type 
_pdbx_audit_revision_category.category 
1 4 'Structure model' software           
2 5 'Structure model' database_2         
3 5 'Structure model' struct_conn        
4 5 'Structure model' struct_ref_seq_dif 
5 5 'Structure model' struct_site        
# 
loop_
_pdbx_audit_revision_item.ordinal 
_pdbx_audit_revision_item.revision_ordinal 
_pdbx_audit_revision_item.data_content_type 
_pdbx_audit_revision_item.item 
1 5 'Structure model' '_database_2.pdbx_DOI'                
2 5 'Structure model' '_database_2.pdbx_database_accession' 
3 5 'Structure model' '_struct_conn.pdbx_leaving_atom_flag' 
4 5 'Structure model' '_struct_ref_seq_dif.details'         
5 5 'Structure model' '_struct_site.pdbx_auth_asym_id'      
6 5 'Structure model' '_struct_site.pdbx_auth_comp_id'      
7 5 'Structure model' '_struct_site.pdbx_auth_seq_id'       
# 
loop_
_software.name 
_software.classification 
_software.version 
_software.citation_id 
_software.pdbx_ordinal 
X-PLOR    'model building' .     ? 1 
X-PLOR    refinement       3.851 ? 2 
DENZO     'data reduction' .     ? 3 
SCALEPACK 'data scaling'   .     ? 4 
X-PLOR    phasing          .     ? 5 
# 
_pdbx_validate_torsion.id              1 
_pdbx_validate_torsion.PDB_model_num   1 
_pdbx_validate_torsion.auth_comp_id    PRO 
_pdbx_validate_torsion.auth_asym_id    A 
_pdbx_validate_torsion.auth_seq_id     79 
_pdbx_validate_torsion.PDB_ins_code    ? 
_pdbx_validate_torsion.label_alt_id    ? 
_pdbx_validate_torsion.phi             -68.86 
_pdbx_validate_torsion.psi             69.07 
# 
loop_
_pdbx_unobs_or_zero_occ_atoms.id 
_pdbx_unobs_or_zero_occ_atoms.PDB_model_num 
_pdbx_unobs_or_zero_occ_atoms.polymer_flag 
_pdbx_unobs_or_zero_occ_atoms.occupancy_flag 
_pdbx_unobs_or_zero_occ_atoms.auth_asym_id 
_pdbx_unobs_or_zero_occ_atoms.auth_comp_id 
_pdbx_unobs_or_zero_occ_atoms.auth_seq_id 
_pdbx_unobs_or_zero_occ_atoms.PDB_ins_code 
_pdbx_unobs_or_zero_occ_atoms.auth_atom_id 
_pdbx_unobs_or_zero_occ_atoms.label_alt_id 
_pdbx_unobs_or_zero_occ_atoms.label_asym_id 
_pdbx_unobs_or_zero_occ_atoms.label_comp_id 
_pdbx_unobs_or_zero_occ_atoms.label_seq_id 
_pdbx_unobs_or_zero_occ_atoms.label_atom_id 
1  1 Y 1 A LYS 41 ? CG  ? A LYS 41 CG  
2  1 Y 1 A LYS 41 ? CD  ? A LYS 41 CD  
3  1 Y 1 A LYS 41 ? CE  ? A LYS 41 CE  
4  1 Y 1 A LYS 41 ? NZ  ? A LYS 41 NZ  
5  1 Y 1 A LYS 43 ? CG  ? A LYS 43 CG  
6  1 Y 1 A LYS 43 ? CD  ? A LYS 43 CD  
7  1 Y 1 A LYS 43 ? CE  ? A LYS 43 CE  
8  1 Y 1 A LYS 43 ? NZ  ? A LYS 43 NZ  
9  1 Y 1 A LYS 45 ? CG  ? A LYS 45 CG  
10 1 Y 1 A LYS 45 ? CD  ? A LYS 45 CD  
11 1 Y 1 A LYS 45 ? CE  ? A LYS 45 CE  
12 1 Y 1 A LYS 45 ? NZ  ? A LYS 45 NZ  
13 1 Y 1 B GLU 21 ? CG  ? B GLU 21 CG  
14 1 Y 1 B GLU 21 ? CD  ? B GLU 21 CD  
15 1 Y 1 B GLU 21 ? OE1 ? B GLU 21 OE1 
16 1 Y 1 B GLU 21 ? OE2 ? B GLU 21 OE2 
17 1 Y 1 B ASN 37 ? CG  ? B ASN 37 CG  
18 1 Y 1 B ASN 37 ? OD1 ? B ASN 37 OD1 
19 1 Y 1 B ASN 37 ? ND2 ? B ASN 37 ND2 
20 1 Y 1 B LYS 41 ? CG  ? B LYS 41 CG  
21 1 Y 1 B LYS 41 ? CD  ? B LYS 41 CD  
22 1 Y 1 B LYS 41 ? CE  ? B LYS 41 CE  
23 1 Y 1 B LYS 41 ? NZ  ? B LYS 41 NZ  
24 1 Y 1 B LYS 43 ? CG  ? B LYS 43 CG  
25 1 Y 1 B LYS 43 ? CD  ? B LYS 43 CD  
26 1 Y 1 B LYS 43 ? CE  ? B LYS 43 CE  
27 1 Y 1 B LYS 43 ? NZ  ? B LYS 43 NZ  
# 
loop_
_pdbx_entity_nonpoly.entity_id 
_pdbx_entity_nonpoly.name 
_pdbx_entity_nonpoly.comp_id 
2 'SULFATE ION' SO4 
3 
;(10S,13S,1'R)-13-[1'-HYDROXY-2'-(N-P-AMINOBENZENESULFONYL-1''-AMINO-3''-METHYLBUTYL)ETHYL]-8,11-DIOXO-10-ISOPROPYL-2-OXA-9,12-DIAZABICYCLO [13.2.2]NONADECA-15,17,18-TRIENE
;
PI9 
4 water HOH 
# 
